data_5B2S
#
_entry.id   5B2S
#
_cell.length_a   178.016
_cell.length_b   67.822
_cell.length_c   187.567
_cell.angle_alpha   90.000
_cell.angle_beta   111.120
_cell.angle_gamma   90.000
#
_symmetry.space_group_name_H-M   'C 1 2 1'
#
loop_
_entity.id
_entity.type
_entity.pdbx_description
1 polymer 'Guide RNA'
2 polymer 'CRISPR-associated endonuclease Cas9'
3 polymer 'Target DNA'
4 polymer "Non-target DNA, DNA (5'-D(*TP*GP*AP*GP*AP*TP*TP*G)-3')"
5 non-polymer 'POTASSIUM ION'
6 non-polymer 'MAGNESIUM ION'
7 non-polymer 1,2-ETHANEDIOL
8 non-polymer 'ACETATE ION'
9 water water
#
loop_
_entity_poly.entity_id
_entity_poly.type
_entity_poly.pdbx_seq_one_letter_code
_entity_poly.pdbx_strand_id
1 'polyribonucleotide'
;GGAAAUUAGGUGCGCUUGGCGUUUUAGAGCUAGAAAUAGCAAGUUAAAAUAAGGCUAGUCCGUUAUCAACUUGAAAAAGU
G
;
A
2 'polypeptide(L)'
;GSGHMDKKYSIGLAIGTNSVGWAVITDEYKVPSKKFKVLGNTDRHSIKKNLIGALLFDSGETAEATRLKRTARRRYTRRK
NRILYLQEIFSNEMAKVDDSFFHRLEESFLVEEDKKHERHPIFGNIVDEVAYHEKYPTIYHLRKKLVDSTDKADLRLIYL
ALAHMIKFRGHFLIEGDLNPDNSDVDKLFIQLVQTYNQLFEENPINASGVDAKAILSARLSKSRRLENLIAQLPGEKKNG
LFGNLIALSLGLTPNFKSNFDLAEDAKLQLSKDTYDDDLDNLLAQIGDQYADLFLAAKNLSDAILLSDILRVNTEITKAP
LSASMIKRYDEHHQDLTLLKALVRQQLPEKYKEIFFDQSKNGYAGYIDGGASQEEFYKFIKPILEKMDGTEELLVKLNRE
DLLRKQRTFDNGSIPHQIHLGELHAILRRQEDFYPFLKDNREKIEKILTFRIPYYVGPLARGNSRFAWMTRKSEETITPW
NFEEVVDKGASAQSFIERMTNFDKNLPNEKVLPKHSLLYEYFTVYNELTKVKYVTEGMRKPAFLSGEQKKAIVDLLFKTN
RKVTVKQLKEDYFKKIEEFDSVEISGVEDRFNASLGTYHDLLKIIKDKDFLDNEENEDILEDIVLTLTLFEDREMIEERL
KTYAHLFDDKVMKQLKRRRYTGWGRLSRKLINGIRDKQSGKTILDFLKSDGFANRNFMQLIHDDSLTFKEDIQKAQVSGQ
GDSLHEHIANLAGSPAIKKGILQTVKVVDELVKVMGRHKPENIVIEMARENQTTQKGQKNSRERMKRIEEGIKELGSQIL
KEHPVENTQLQNEKLYLYYLQNGRDMYVDQELDINRLSDYDVDAIVPQSFLKDDSIDNKVLTRSDKNRGKSDNVPSEEVV
KKMKNYWRQLLNAKLITQRKFDNLTKAERGGLSELDKAGFIKRQLVETRQITKHVAQILDSRMNTKYDENDKLIREVKVI
TLKSKLVSDFRKDFQFYKVREINNYHHAHDAYLNAVVGTALIKKYPKLESEFVYGDYKVYDVRKMIAKSEQEIGKATAKY
FFYSNIMNFFKTEITLANGEIRKRPLIETNGETGEIVWDKGRDFATVRKVLSMPQVNIVKKTEVQTGGFSKESILPKRNS
DKLIARKKDWDPKKYGGFESPTVAYSVLVVAKVEKGKSKKLKSVKELLGITIMERSSFEKNPIDFLEAKGYKEVKKDLII
KLPKYSLFELENGRKRMLASAGELQKGNELALPSKYVNFLYLASHYEKLKGSPEDNEQKQLFVEQHKHYLDEIIEQISEF
SKRVILADANLDKVLSAYNKHRDKPIREQAENIIHLFTLTNLGAPAAFKYFDTTIDRKQYRSTKEVLDATLIHQSITGLY
ETRIDLSQLGGD
;
B
3 'polydeoxyribonucleotide'
;(DC)(DA)(DA)(DT)(DC)(DT)(DC)(DA)(DG)(DC)(DC)(DA)(DA)(DG)(DC)(DG)(DC)(DA)(DC)(DC)
(DT)(DA)(DA)(DT)(DT)(DT)(DC)(DC)
;
C
4 'polydeoxyribonucleotide' (DT)(DG)(DA)(DG)(DA)(DT)(DT)(DG) D
#
loop_
_chem_comp.id
_chem_comp.type
_chem_comp.name
_chem_comp.formula
A RNA linking ADENOSINE-5'-MONOPHOSPHATE 'C10 H14 N5 O7 P'
ACT non-polymer 'ACETATE ION' 'C2 H3 O2 -1'
C RNA linking CYTIDINE-5'-MONOPHOSPHATE 'C9 H14 N3 O8 P'
DA DNA linking 2'-DEOXYADENOSINE-5'-MONOPHOSPHATE 'C10 H14 N5 O6 P'
DC DNA linking 2'-DEOXYCYTIDINE-5'-MONOPHOSPHATE 'C9 H14 N3 O7 P'
DG DNA linking 2'-DEOXYGUANOSINE-5'-MONOPHOSPHATE 'C10 H14 N5 O7 P'
DT DNA linking THYMIDINE-5'-MONOPHOSPHATE 'C10 H15 N2 O8 P'
EDO non-polymer 1,2-ETHANEDIOL 'C2 H6 O2'
G RNA linking GUANOSINE-5'-MONOPHOSPHATE 'C10 H14 N5 O8 P'
K non-polymer 'POTASSIUM ION' 'K 1'
MG non-polymer 'MAGNESIUM ION' 'Mg 2'
U RNA linking URIDINE-5'-MONOPHOSPHATE 'C9 H13 N2 O9 P'
#
# COMPACT_ATOMS: atom_id res chain seq x y z
N LYS B 8 3.16 30.04 35.09
CA LYS B 8 4.23 29.58 34.20
C LYS B 8 4.26 28.06 34.12
N TYR B 9 4.20 27.53 32.90
CA TYR B 9 4.16 26.08 32.72
C TYR B 9 4.47 25.76 31.27
N SER B 10 4.89 24.51 31.04
CA SER B 10 5.13 23.99 29.70
C SER B 10 4.37 22.68 29.53
N ILE B 11 4.16 22.29 28.27
CA ILE B 11 3.40 21.10 27.92
C ILE B 11 4.30 20.18 27.11
N GLY B 12 4.35 18.91 27.52
CA GLY B 12 5.03 17.88 26.76
C GLY B 12 4.02 16.98 26.07
N LEU B 13 4.34 16.59 24.83
CA LEU B 13 3.42 15.83 24.00
C LEU B 13 4.16 14.69 23.31
N ALA B 14 3.56 13.50 23.33
CA ALA B 14 4.07 12.35 22.61
C ALA B 14 2.96 11.86 21.67
N ILE B 15 3.17 12.02 20.37
CA ILE B 15 2.16 11.75 19.36
C ILE B 15 2.46 10.39 18.73
N GLY B 16 1.51 9.46 18.82
CA GLY B 16 1.67 8.13 18.28
C GLY B 16 0.50 7.75 17.39
N THR B 17 0.60 6.52 16.87
CA THR B 17 -0.45 5.99 15.99
C THR B 17 -1.72 5.64 16.75
N ASN B 18 -1.61 5.36 18.06
CA ASN B 18 -2.78 4.99 18.85
C ASN B 18 -2.81 5.69 20.21
N SER B 19 -2.05 6.77 20.38
CA SER B 19 -1.96 7.42 21.68
C SER B 19 -1.44 8.84 21.51
N VAL B 20 -1.86 9.71 22.42
CA VAL B 20 -1.27 11.03 22.62
C VAL B 20 -0.96 11.16 24.10
N GLY B 21 0.32 11.10 24.45
CA GLY B 21 0.73 11.41 25.81
C GLY B 21 0.84 12.90 26.03
N TRP B 22 0.59 13.32 27.27
CA TRP B 22 0.60 14.73 27.60
C TRP B 22 0.98 14.92 29.06
N ALA B 23 1.55 16.08 29.36
CA ALA B 23 1.93 16.42 30.73
C ALA B 23 2.15 17.92 30.82
N VAL B 24 1.83 18.47 31.99
CA VAL B 24 2.10 19.86 32.33
C VAL B 24 3.24 19.88 33.33
N ILE B 25 4.20 20.79 33.12
CA ILE B 25 5.32 20.93 34.03
C ILE B 25 5.49 22.41 34.39
N THR B 26 6.06 22.65 35.57
CA THR B 26 6.43 23.99 35.99
C THR B 26 7.90 24.24 35.66
N ASP B 27 8.41 25.39 36.08
CA ASP B 27 9.82 25.70 35.84
C ASP B 27 10.76 24.85 36.70
N GLU B 28 10.23 24.17 37.72
CA GLU B 28 11.01 23.23 38.52
C GLU B 28 10.84 21.79 38.05
N TYR B 29 10.29 21.60 36.84
CA TYR B 29 10.09 20.28 36.23
C TYR B 29 9.12 19.42 37.04
N LYS B 30 8.28 20.03 37.86
CA LYS B 30 7.25 19.31 38.60
C LYS B 30 5.96 19.24 37.80
N VAL B 31 5.19 18.19 38.02
CA VAL B 31 3.86 18.05 37.45
C VAL B 31 2.85 18.54 38.50
N PRO B 32 2.03 19.53 38.21
CA PRO B 32 1.09 20.04 39.21
C PRO B 32 -0.09 19.09 39.39
N SER B 33 -0.86 19.36 40.45
CA SER B 33 -2.09 18.65 40.70
C SER B 33 -3.15 19.66 41.12
N LYS B 34 -4.39 19.38 40.76
CA LYS B 34 -5.50 20.29 41.01
C LYS B 34 -6.70 19.50 41.50
N LYS B 35 -7.60 20.19 42.18
CA LYS B 35 -8.93 19.67 42.48
C LYS B 35 -9.85 20.05 41.33
N PHE B 36 -10.47 19.05 40.71
CA PHE B 36 -11.41 19.27 39.63
C PHE B 36 -12.81 18.95 40.10
N LYS B 37 -13.78 19.75 39.65
CA LYS B 37 -15.17 19.49 40.00
C LYS B 37 -15.63 18.18 39.37
N VAL B 38 -16.48 17.45 40.09
CA VAL B 38 -17.06 16.20 39.61
C VAL B 38 -18.57 16.40 39.50
N LEU B 39 -19.09 16.29 38.28
CA LEU B 39 -20.51 16.43 38.04
C LEU B 39 -21.21 15.08 38.16
N GLY B 40 -22.54 15.13 38.20
CA GLY B 40 -23.35 13.93 38.24
C GLY B 40 -24.28 13.90 39.45
N ASN B 41 -24.58 12.70 39.92
CA ASN B 41 -25.52 12.49 41.02
C ASN B 41 -24.94 11.63 42.13
N THR B 42 -23.61 11.62 42.29
CA THR B 42 -22.96 10.75 43.25
C THR B 42 -22.56 11.53 44.51
N ASP B 43 -21.94 10.81 45.44
CA ASP B 43 -21.43 11.42 46.67
C ASP B 43 -20.33 12.43 46.38
N ARG B 44 -19.57 12.21 45.32
CA ARG B 44 -18.30 12.90 45.12
C ARG B 44 -18.53 14.21 44.39
N HIS B 45 -18.08 15.31 44.99
CA HIS B 45 -18.19 16.63 44.40
C HIS B 45 -16.93 17.08 43.67
N SER B 46 -15.77 16.53 44.04
CA SER B 46 -14.50 16.94 43.44
C SER B 46 -13.51 15.79 43.56
N ILE B 47 -12.37 15.92 42.88
CA ILE B 47 -11.36 14.87 42.88
C ILE B 47 -10.01 15.51 42.54
N LYS B 48 -8.95 14.96 43.10
CA LYS B 48 -7.59 15.42 42.86
C LYS B 48 -6.96 14.62 41.73
N LYS B 49 -6.38 15.33 40.76
CA LYS B 49 -5.78 14.69 39.60
C LYS B 49 -4.43 15.32 39.30
N ASN B 50 -3.46 14.49 38.92
CA ASN B 50 -2.19 14.99 38.41
C ASN B 50 -2.35 15.42 36.95
N LEU B 51 -1.59 16.44 36.57
CA LEU B 51 -1.67 16.98 35.21
C LEU B 51 -0.72 16.22 34.27
N ILE B 52 -0.99 14.92 34.15
CA ILE B 52 -0.24 14.03 33.28
C ILE B 52 -1.14 12.86 32.91
N GLY B 53 -1.06 12.45 31.64
CA GLY B 53 -1.90 11.35 31.19
C GLY B 53 -1.64 11.00 29.75
N ALA B 54 -2.51 10.17 29.20
CA ALA B 54 -2.42 9.77 27.79
C ALA B 54 -3.78 9.39 27.26
N LEU B 55 -4.13 9.94 26.10
CA LEU B 55 -5.32 9.55 25.37
C LEU B 55 -5.00 8.38 24.47
N LEU B 56 -5.80 7.32 24.54
CA LEU B 56 -5.63 6.14 23.72
C LEU B 56 -6.81 6.02 22.76
N PHE B 57 -6.56 5.54 21.54
CA PHE B 57 -7.63 5.44 20.56
C PHE B 57 -7.32 4.33 19.55
N ASP B 58 -8.37 3.74 19.01
CA ASP B 58 -8.21 2.77 17.94
C ASP B 58 -7.65 3.46 16.71
N SER B 59 -6.94 2.68 15.88
CA SER B 59 -6.25 3.25 14.73
C SER B 59 -7.22 3.88 13.75
N GLY B 60 -6.85 5.06 13.25
CA GLY B 60 -7.55 5.61 12.11
C GLY B 60 -7.26 4.80 10.87
N GLU B 61 -8.27 4.72 10.00
CA GLU B 61 -8.21 3.87 8.82
C GLU B 61 -8.15 4.74 7.55
N THR B 62 -7.42 4.24 6.55
CA THR B 62 -7.45 4.88 5.25
C THR B 62 -8.80 4.64 4.58
N ALA B 63 -9.01 5.30 3.45
CA ALA B 63 -10.25 5.16 2.70
C ALA B 63 -10.19 4.04 1.66
N GLU B 64 -9.12 3.24 1.66
CA GLU B 64 -8.90 2.30 0.57
C GLU B 64 -9.94 1.18 0.58
N ALA B 65 -10.18 0.57 1.75
CA ALA B 65 -11.17 -0.50 1.83
C ALA B 65 -12.55 0.01 1.41
N THR B 66 -12.92 1.21 1.87
CA THR B 66 -14.18 1.80 1.45
C THR B 66 -14.23 1.98 -0.06
N ARG B 67 -13.10 2.35 -0.66
CA ARG B 67 -13.05 2.56 -2.11
C ARG B 67 -13.22 1.24 -2.87
N LEU B 68 -12.54 0.18 -2.42
CA LEU B 68 -12.64 -1.10 -3.09
C LEU B 68 -14.05 -1.67 -3.01
N LYS B 69 -14.78 -1.40 -1.91
CA LYS B 69 -16.16 -1.85 -1.81
C LYS B 69 -17.09 -1.02 -2.68
N ARG B 70 -16.81 0.28 -2.81
CA ARG B 70 -17.60 1.14 -3.68
C ARG B 70 -17.48 0.70 -5.13
N THR B 71 -16.27 0.35 -5.56
CA THR B 71 -16.07 -0.18 -6.91
C THR B 71 -16.84 -1.48 -7.11
N ALA B 72 -16.79 -2.39 -6.13
CA ALA B 72 -17.49 -3.66 -6.27
C ALA B 72 -18.99 -3.47 -6.40
N ARG B 73 -19.56 -2.51 -5.66
CA ARG B 73 -20.98 -2.24 -5.77
C ARG B 73 -21.35 -1.79 -7.18
N ARG B 74 -20.58 -0.86 -7.74
CA ARG B 74 -20.88 -0.37 -9.08
C ARG B 74 -20.83 -1.50 -10.11
N ARG B 75 -19.90 -2.44 -9.94
CA ARG B 75 -19.74 -3.50 -10.92
C ARG B 75 -20.85 -4.54 -10.82
N TYR B 76 -21.36 -4.82 -9.62
CA TYR B 76 -22.52 -5.69 -9.50
C TYR B 76 -23.77 -5.02 -10.08
N THR B 77 -23.92 -3.72 -9.83
CA THR B 77 -25.03 -2.97 -10.44
C THR B 77 -24.95 -3.03 -11.96
N ARG B 78 -23.76 -2.79 -12.52
CA ARG B 78 -23.62 -2.72 -13.97
C ARG B 78 -23.67 -4.11 -14.61
N ARG B 79 -23.20 -5.15 -13.91
CA ARG B 79 -23.35 -6.50 -14.42
C ARG B 79 -24.84 -6.87 -14.50
N LYS B 80 -25.61 -6.48 -13.49
CA LYS B 80 -27.06 -6.71 -13.54
C LYS B 80 -27.68 -6.00 -14.73
N ASN B 81 -27.24 -4.77 -15.01
CA ASN B 81 -27.82 -4.02 -16.12
C ASN B 81 -27.47 -4.63 -17.46
N ARG B 82 -26.29 -5.25 -17.59
CA ARG B 82 -25.96 -5.97 -18.82
C ARG B 82 -27.01 -7.04 -19.12
N ILE B 83 -27.38 -7.82 -18.09
CA ILE B 83 -28.41 -8.84 -18.27
C ILE B 83 -29.76 -8.20 -18.56
N LEU B 84 -30.08 -7.11 -17.86
CA LEU B 84 -31.35 -6.42 -18.09
C LEU B 84 -31.42 -5.86 -19.51
N TYR B 85 -30.28 -5.36 -20.02
CA TYR B 85 -30.23 -4.94 -21.42
C TYR B 85 -30.56 -6.11 -22.36
N LEU B 86 -29.97 -7.27 -22.10
CA LEU B 86 -30.18 -8.42 -22.97
C LEU B 86 -31.61 -8.93 -22.89
N GLN B 87 -32.19 -8.95 -21.68
CA GLN B 87 -33.56 -9.43 -21.51
C GLN B 87 -34.56 -8.51 -22.18
N GLU B 88 -34.35 -7.20 -22.09
CA GLU B 88 -35.24 -6.26 -22.76
C GLU B 88 -35.25 -6.49 -24.26
N ILE B 89 -34.09 -6.82 -24.84
CA ILE B 89 -34.03 -7.11 -26.27
C ILE B 89 -34.81 -8.37 -26.60
N PHE B 90 -34.70 -9.39 -25.75
CA PHE B 90 -35.43 -10.65 -25.95
C PHE B 90 -36.89 -10.57 -25.54
N SER B 91 -37.33 -9.45 -24.96
CA SER B 91 -38.58 -9.42 -24.20
C SER B 91 -39.78 -9.80 -25.07
N ASN B 92 -39.99 -9.09 -26.17
CA ASN B 92 -41.21 -9.30 -26.96
C ASN B 92 -41.25 -10.68 -27.60
N GLU B 93 -40.11 -11.15 -28.11
CA GLU B 93 -40.08 -12.45 -28.78
C GLU B 93 -40.08 -13.61 -27.79
N MET B 94 -39.50 -13.43 -26.60
CA MET B 94 -39.57 -14.48 -25.59
C MET B 94 -40.98 -14.65 -25.06
N ALA B 95 -41.77 -13.58 -25.03
CA ALA B 95 -43.14 -13.68 -24.57
C ALA B 95 -43.99 -14.59 -25.45
N LYS B 96 -43.55 -14.85 -26.68
CA LYS B 96 -44.26 -15.76 -27.58
C LYS B 96 -43.86 -17.21 -27.37
N VAL B 97 -42.65 -17.46 -26.87
CA VAL B 97 -42.18 -18.82 -26.63
C VAL B 97 -42.51 -19.27 -25.21
N ASP B 98 -42.36 -18.38 -24.23
CA ASP B 98 -42.52 -18.74 -22.82
C ASP B 98 -42.68 -17.43 -22.05
N ASP B 99 -43.91 -17.10 -21.67
CA ASP B 99 -44.20 -15.81 -21.06
C ASP B 99 -43.77 -15.70 -19.61
N SER B 100 -43.23 -16.77 -19.01
CA SER B 100 -42.74 -16.72 -17.64
C SER B 100 -41.29 -17.18 -17.52
N PHE B 101 -40.57 -17.32 -18.64
CA PHE B 101 -39.19 -17.80 -18.59
C PHE B 101 -38.30 -16.88 -17.78
N PHE B 102 -38.36 -15.57 -18.05
CA PHE B 102 -37.55 -14.62 -17.30
C PHE B 102 -38.00 -14.54 -15.85
N HIS B 103 -39.28 -14.81 -15.57
CA HIS B 103 -39.74 -14.82 -14.19
C HIS B 103 -39.14 -15.99 -13.41
N ARG B 104 -39.08 -17.17 -14.02
CA ARG B 104 -38.50 -18.32 -13.34
C ARG B 104 -37.01 -18.11 -13.07
N LEU B 105 -36.32 -17.37 -13.94
CA LEU B 105 -34.91 -17.08 -13.69
C LEU B 105 -34.74 -16.15 -12.50
N GLU B 106 -35.61 -15.14 -12.37
CA GLU B 106 -35.47 -14.18 -11.28
C GLU B 106 -35.76 -14.81 -9.92
N GLU B 107 -36.68 -15.78 -9.86
CA GLU B 107 -37.05 -16.41 -8.60
C GLU B 107 -36.39 -17.78 -8.42
N SER B 108 -35.30 -18.05 -9.12
CA SER B 108 -34.64 -19.34 -9.00
C SER B 108 -34.15 -19.59 -7.57
N PHE B 109 -33.87 -18.51 -6.83
CA PHE B 109 -33.31 -18.65 -5.49
C PHE B 109 -34.36 -19.09 -4.48
N LEU B 110 -35.63 -18.81 -4.73
CA LEU B 110 -36.68 -19.06 -3.74
C LEU B 110 -36.95 -20.56 -3.60
N VAL B 111 -37.31 -20.97 -2.39
CA VAL B 111 -37.76 -22.34 -2.19
C VAL B 111 -39.08 -22.53 -2.96
N GLU B 112 -39.41 -23.80 -3.22
CA GLU B 112 -40.58 -24.10 -4.04
C GLU B 112 -41.85 -23.48 -3.45
N GLU B 113 -41.97 -23.47 -2.12
CA GLU B 113 -43.16 -22.90 -1.50
C GLU B 113 -43.29 -21.41 -1.79
N ASP B 114 -42.17 -20.70 -1.83
CA ASP B 114 -42.19 -19.27 -2.12
C ASP B 114 -42.27 -18.95 -3.60
N LYS B 115 -41.92 -19.91 -4.48
CA LYS B 115 -41.94 -19.65 -5.90
C LYS B 115 -43.36 -19.37 -6.38
N LYS B 116 -43.47 -18.47 -7.35
CA LYS B 116 -44.75 -18.19 -8.00
C LYS B 116 -44.96 -19.01 -9.27
N HIS B 117 -43.91 -19.65 -9.79
CA HIS B 117 -43.99 -20.43 -11.02
C HIS B 117 -43.38 -21.79 -10.78
N GLU B 118 -43.42 -22.63 -11.82
CA GLU B 118 -42.90 -23.99 -11.72
C GLU B 118 -41.40 -23.95 -11.39
N ARG B 119 -40.95 -24.94 -10.62
CA ARG B 119 -39.63 -24.90 -10.02
C ARG B 119 -38.50 -25.21 -10.99
N HIS B 120 -38.80 -25.72 -12.19
CA HIS B 120 -37.76 -26.03 -13.16
C HIS B 120 -37.54 -24.81 -14.06
N PRO B 121 -36.41 -24.11 -13.96
CA PRO B 121 -36.34 -22.76 -14.55
C PRO B 121 -36.41 -22.73 -16.06
N ILE B 122 -35.69 -23.63 -16.74
CA ILE B 122 -35.49 -23.48 -18.18
C ILE B 122 -36.78 -23.77 -18.95
N PHE B 123 -37.41 -24.92 -18.69
CA PHE B 123 -38.57 -25.34 -19.46
C PHE B 123 -39.85 -25.49 -18.64
N GLY B 124 -39.80 -25.35 -17.32
CA GLY B 124 -41.02 -25.39 -16.54
C GLY B 124 -41.67 -26.74 -16.38
N ASN B 125 -40.98 -27.82 -16.74
CA ASN B 125 -41.46 -29.17 -16.45
C ASN B 125 -40.27 -30.10 -16.35
N ILE B 126 -40.43 -31.19 -15.61
CA ILE B 126 -39.28 -31.98 -15.20
C ILE B 126 -38.71 -32.81 -16.35
N VAL B 127 -39.56 -33.31 -17.25
CA VAL B 127 -39.05 -34.16 -18.32
C VAL B 127 -38.13 -33.37 -19.25
N ASP B 128 -38.54 -32.15 -19.62
CA ASP B 128 -37.69 -31.33 -20.48
C ASP B 128 -36.44 -30.85 -19.73
N GLU B 129 -36.59 -30.54 -18.44
CA GLU B 129 -35.44 -30.07 -17.67
C GLU B 129 -34.40 -31.17 -17.51
N VAL B 130 -34.83 -32.39 -17.18
CA VAL B 130 -33.89 -33.51 -17.05
C VAL B 130 -33.21 -33.79 -18.38
N ALA B 131 -33.96 -33.69 -19.49
CA ALA B 131 -33.38 -33.97 -20.80
C ALA B 131 -32.34 -32.92 -21.19
N TYR B 132 -32.50 -31.67 -20.76
CA TYR B 132 -31.53 -30.64 -21.12
C TYR B 132 -30.17 -30.93 -20.50
N HIS B 133 -30.14 -31.20 -19.19
CA HIS B 133 -28.86 -31.50 -18.53
C HIS B 133 -28.26 -32.80 -19.04
N GLU B 134 -29.08 -33.75 -19.46
CA GLU B 134 -28.55 -34.97 -20.04
C GLU B 134 -27.81 -34.69 -21.34
N LYS B 135 -28.34 -33.79 -22.17
CA LYS B 135 -27.68 -33.46 -23.43
C LYS B 135 -26.59 -32.42 -23.25
N TYR B 136 -26.70 -31.56 -22.24
CA TYR B 136 -25.73 -30.48 -22.00
C TYR B 136 -25.35 -30.49 -20.52
N PRO B 137 -24.41 -31.35 -20.12
CA PRO B 137 -24.02 -31.38 -18.70
C PRO B 137 -23.41 -30.08 -18.21
N THR B 138 -22.76 -29.31 -19.09
CA THR B 138 -22.28 -27.99 -18.73
C THR B 138 -22.79 -26.98 -19.75
N ILE B 139 -22.80 -25.71 -19.36
CA ILE B 139 -23.20 -24.63 -20.25
C ILE B 139 -22.29 -24.58 -21.48
N TYR B 140 -21.04 -25.00 -21.33
CA TYR B 140 -20.11 -24.97 -22.46
C TYR B 140 -20.45 -26.02 -23.51
N HIS B 141 -21.17 -27.08 -23.15
CA HIS B 141 -21.75 -27.96 -24.16
C HIS B 141 -22.77 -27.21 -25.00
N LEU B 142 -23.63 -26.41 -24.36
CA LEU B 142 -24.63 -25.65 -25.11
C LEU B 142 -23.99 -24.57 -25.96
N ARG B 143 -23.03 -23.83 -25.42
CA ARG B 143 -22.35 -22.79 -26.17
C ARG B 143 -21.67 -23.37 -27.42
N LYS B 144 -20.96 -24.49 -27.25
CA LYS B 144 -20.32 -25.14 -28.38
C LYS B 144 -21.34 -25.59 -29.42
N LYS B 145 -22.46 -26.15 -28.96
CA LYS B 145 -23.50 -26.60 -29.87
C LYS B 145 -24.09 -25.43 -30.66
N LEU B 146 -24.39 -24.33 -29.98
CA LEU B 146 -25.02 -23.20 -30.64
C LEU B 146 -24.06 -22.47 -31.59
N VAL B 147 -22.75 -22.66 -31.42
CA VAL B 147 -21.79 -22.02 -32.31
C VAL B 147 -21.67 -22.80 -33.62
N ASP B 148 -21.58 -24.13 -33.53
CA ASP B 148 -21.28 -24.95 -34.69
C ASP B 148 -22.53 -25.39 -35.45
N SER B 149 -23.58 -25.76 -34.73
CA SER B 149 -24.75 -26.35 -35.37
C SER B 149 -25.49 -25.34 -36.26
N THR B 150 -26.16 -25.85 -37.28
CA THR B 150 -26.93 -25.04 -38.22
C THR B 150 -28.43 -25.06 -37.94
N ASP B 151 -28.88 -25.82 -36.94
CA ASP B 151 -30.31 -25.94 -36.67
C ASP B 151 -30.85 -24.69 -35.98
N LYS B 152 -32.14 -24.45 -36.17
CA LYS B 152 -32.84 -23.43 -35.40
C LYS B 152 -32.96 -23.89 -33.95
N ALA B 153 -32.56 -23.05 -33.02
CA ALA B 153 -32.50 -23.41 -31.61
C ALA B 153 -33.65 -22.77 -30.82
N ASP B 154 -33.97 -23.40 -29.69
CA ASP B 154 -34.94 -22.84 -28.76
C ASP B 154 -34.45 -21.48 -28.28
N LEU B 155 -35.33 -20.47 -28.35
CA LEU B 155 -34.93 -19.11 -28.00
C LEU B 155 -34.48 -19.01 -26.54
N ARG B 156 -34.97 -19.89 -25.68
CA ARG B 156 -34.55 -19.86 -24.28
C ARG B 156 -33.11 -20.34 -24.15
N LEU B 157 -32.71 -21.33 -24.95
CA LEU B 157 -31.33 -21.82 -24.89
C LEU B 157 -30.37 -20.81 -25.52
N ILE B 158 -30.82 -20.10 -26.56
CA ILE B 158 -30.01 -19.03 -27.13
C ILE B 158 -29.74 -17.95 -26.08
N TYR B 159 -30.76 -17.57 -25.33
CA TYR B 159 -30.59 -16.54 -24.30
C TYR B 159 -29.57 -16.96 -23.25
N LEU B 160 -29.71 -18.18 -22.74
CA LEU B 160 -28.83 -18.61 -21.64
C LEU B 160 -27.37 -18.64 -22.09
N ALA B 161 -27.12 -19.08 -23.32
CA ALA B 161 -25.76 -19.09 -23.84
C ALA B 161 -25.21 -17.67 -23.96
N LEU B 162 -26.01 -16.74 -24.50
CA LEU B 162 -25.54 -15.37 -24.65
C LEU B 162 -25.44 -14.68 -23.29
N ALA B 163 -26.38 -14.95 -22.38
CA ALA B 163 -26.32 -14.35 -21.06
C ALA B 163 -25.10 -14.83 -20.29
N HIS B 164 -24.74 -16.11 -20.43
CA HIS B 164 -23.56 -16.64 -19.74
C HIS B 164 -22.29 -15.94 -20.21
N MET B 165 -22.19 -15.67 -21.51
CA MET B 165 -21.02 -14.97 -22.03
C MET B 165 -21.01 -13.51 -21.59
N ILE B 166 -22.18 -12.87 -21.57
CA ILE B 166 -22.25 -11.46 -21.18
C ILE B 166 -22.04 -11.30 -19.68
N LYS B 167 -22.53 -12.24 -18.88
CA LYS B 167 -22.39 -12.11 -17.43
C LYS B 167 -20.95 -12.34 -16.99
N PHE B 168 -20.25 -13.30 -17.61
CA PHE B 168 -18.85 -13.60 -17.29
C PHE B 168 -18.06 -13.43 -18.58
N ARG B 169 -17.65 -12.19 -18.86
CA ARG B 169 -17.26 -11.79 -20.21
C ARG B 169 -15.76 -11.76 -20.47
N GLY B 170 -14.92 -11.94 -19.46
CA GLY B 170 -13.49 -11.96 -19.67
C GLY B 170 -12.86 -10.57 -19.64
N HIS B 171 -11.53 -10.55 -19.58
CA HIS B 171 -10.82 -9.32 -19.28
C HIS B 171 -10.66 -8.45 -20.53
N PHE B 172 -10.14 -7.24 -20.31
CA PHE B 172 -9.92 -6.26 -21.36
C PHE B 172 -8.46 -5.81 -21.38
N LEU B 173 -7.54 -6.72 -21.09
CA LEU B 173 -6.12 -6.41 -21.05
C LEU B 173 -5.45 -6.46 -22.40
N ILE B 174 -6.12 -6.97 -23.43
CA ILE B 174 -5.58 -7.05 -24.78
C ILE B 174 -6.40 -6.14 -25.69
N GLU B 175 -5.72 -5.17 -26.30
CA GLU B 175 -6.38 -4.23 -27.19
C GLU B 175 -6.50 -4.81 -28.59
N GLY B 176 -7.53 -4.37 -29.30
CA GLY B 176 -7.74 -4.82 -30.66
C GLY B 176 -8.52 -6.10 -30.75
N ASP B 177 -8.56 -6.65 -31.96
CA ASP B 177 -9.32 -7.85 -32.24
C ASP B 177 -8.46 -9.09 -32.13
N LEU B 178 -9.09 -10.20 -31.74
CA LEU B 178 -8.45 -11.50 -31.71
C LEU B 178 -9.28 -12.47 -32.54
N ASN B 179 -8.58 -13.31 -33.30
CA ASN B 179 -9.23 -14.33 -34.14
C ASN B 179 -8.42 -15.62 -33.98
N PRO B 180 -8.90 -16.57 -33.18
CA PRO B 180 -8.14 -17.79 -32.97
C PRO B 180 -7.92 -18.57 -34.26
N ASP B 181 -6.68 -19.04 -34.44
CA ASP B 181 -6.28 -19.82 -35.61
C ASP B 181 -4.99 -20.56 -35.35
N ASN B 182 -5.05 -21.87 -35.16
CA ASN B 182 -3.84 -22.66 -34.90
C ASN B 182 -3.14 -23.02 -36.21
N LEU B 188 4.98 -21.87 -40.81
CA LEU B 188 4.87 -21.25 -39.49
C LEU B 188 6.21 -21.31 -38.76
N PHE B 189 6.34 -22.24 -37.82
CA PHE B 189 7.64 -22.46 -37.19
C PHE B 189 8.67 -22.92 -38.21
N ILE B 190 8.23 -23.73 -39.18
CA ILE B 190 9.12 -24.11 -40.28
C ILE B 190 9.47 -22.90 -41.13
N GLN B 191 8.58 -21.91 -41.19
CA GLN B 191 8.87 -20.70 -41.96
C GLN B 191 9.86 -19.81 -41.23
N LEU B 192 9.66 -19.58 -39.93
CA LEU B 192 10.61 -18.80 -39.15
C LEU B 192 12.00 -19.41 -39.19
N VAL B 193 12.07 -20.74 -39.01
CA VAL B 193 13.36 -21.43 -39.16
C VAL B 193 13.93 -21.19 -40.54
N GLN B 194 13.11 -21.36 -41.58
CA GLN B 194 13.54 -21.05 -42.94
C GLN B 194 13.88 -19.58 -43.10
N THR B 195 13.26 -18.71 -42.30
CA THR B 195 13.58 -17.28 -42.35
C THR B 195 14.94 -17.01 -41.72
N TYR B 196 15.17 -17.53 -40.50
CA TYR B 196 16.47 -17.39 -39.86
C TYR B 196 17.57 -17.99 -40.72
N ASN B 197 17.29 -19.12 -41.37
CA ASN B 197 18.27 -19.76 -42.24
C ASN B 197 18.55 -18.97 -43.51
N GLN B 198 17.71 -17.97 -43.82
CA GLN B 198 17.98 -17.09 -44.95
C GLN B 198 18.77 -15.86 -44.52
N LEU B 199 18.32 -15.20 -43.44
CA LEU B 199 19.04 -14.04 -42.93
C LEU B 199 20.41 -14.43 -42.39
N PHE B 200 20.57 -15.71 -42.03
CA PHE B 200 21.84 -16.29 -41.63
C PHE B 200 22.10 -17.49 -42.55
N GLU B 201 22.27 -17.21 -43.85
CA GLU B 201 22.46 -18.26 -44.84
C GLU B 201 23.68 -19.13 -44.53
N GLU B 202 24.67 -18.59 -43.82
CA GLU B 202 25.85 -19.37 -43.51
C GLU B 202 25.64 -20.29 -42.31
N ASN B 203 24.70 -19.96 -41.41
CA ASN B 203 24.44 -20.74 -40.21
C ASN B 203 22.95 -21.06 -40.13
N PRO B 204 22.49 -22.08 -40.86
CA PRO B 204 21.07 -22.44 -40.84
C PRO B 204 20.72 -23.43 -39.74
N ILE B 205 19.45 -23.36 -39.32
CA ILE B 205 18.88 -24.27 -38.35
C ILE B 205 17.96 -25.25 -39.06
N ASN B 206 17.97 -26.52 -38.63
CA ASN B 206 17.11 -27.55 -39.20
C ASN B 206 16.10 -27.96 -38.13
N ALA B 207 14.84 -27.60 -38.34
CA ALA B 207 13.76 -27.94 -37.43
C ALA B 207 12.91 -29.10 -37.92
N SER B 208 13.45 -29.93 -38.81
CA SER B 208 12.72 -31.09 -39.32
C SER B 208 12.46 -32.08 -38.18
N GLY B 209 11.20 -32.46 -38.03
CA GLY B 209 10.80 -33.37 -36.98
C GLY B 209 10.53 -32.74 -35.64
N VAL B 210 10.78 -31.44 -35.49
CA VAL B 210 10.55 -30.75 -34.22
C VAL B 210 9.06 -30.46 -34.11
N ASP B 211 8.40 -31.13 -33.15
CA ASP B 211 7.00 -30.84 -32.87
C ASP B 211 6.89 -29.51 -32.14
N ALA B 212 6.83 -28.42 -32.90
CA ALA B 212 6.80 -27.09 -32.29
C ALA B 212 5.52 -26.85 -31.50
N LYS B 213 4.43 -27.54 -31.84
CA LYS B 213 3.18 -27.34 -31.13
C LYS B 213 3.23 -27.92 -29.72
N ALA B 214 3.73 -29.15 -29.59
CA ALA B 214 3.72 -29.82 -28.30
C ALA B 214 4.78 -29.28 -27.34
N ILE B 215 5.93 -28.85 -27.87
CA ILE B 215 7.02 -28.42 -26.98
C ILE B 215 6.69 -27.07 -26.34
N LEU B 216 6.17 -26.13 -27.11
CA LEU B 216 5.97 -24.77 -26.62
C LEU B 216 4.67 -24.58 -25.84
N SER B 217 3.60 -25.30 -26.21
CA SER B 217 2.33 -25.17 -25.52
C SER B 217 2.24 -26.05 -24.28
N ALA B 218 3.28 -26.80 -23.96
CA ALA B 218 3.24 -27.68 -22.81
C ALA B 218 3.14 -26.87 -21.52
N ARG B 219 2.67 -27.54 -20.46
CA ARG B 219 2.21 -26.84 -19.27
C ARG B 219 3.36 -26.33 -18.40
N LEU B 220 4.58 -26.83 -18.59
CA LEU B 220 5.65 -26.53 -17.65
C LEU B 220 6.05 -25.05 -17.77
N SER B 221 7.07 -24.68 -16.98
CA SER B 221 7.57 -23.31 -16.99
C SER B 221 8.26 -23.02 -18.31
N LYS B 222 8.17 -21.76 -18.75
CA LYS B 222 8.73 -21.37 -20.04
C LYS B 222 10.24 -21.56 -20.08
N SER B 223 10.92 -21.44 -18.94
CA SER B 223 12.34 -21.71 -18.89
C SER B 223 12.65 -23.16 -19.25
N ARG B 224 11.77 -24.08 -18.86
CA ARG B 224 11.97 -25.48 -19.22
C ARG B 224 11.59 -25.74 -20.68
N ARG B 225 10.51 -25.12 -21.16
CA ARG B 225 10.12 -25.29 -22.56
C ARG B 225 11.20 -24.77 -23.49
N LEU B 226 11.82 -23.64 -23.14
CA LEU B 226 12.95 -23.13 -23.92
C LEU B 226 14.06 -24.18 -23.99
N GLU B 227 14.36 -24.82 -22.87
CA GLU B 227 15.36 -25.89 -22.87
C GLU B 227 14.90 -27.07 -23.72
N ASN B 228 13.61 -27.41 -23.65
CA ASN B 228 13.11 -28.53 -24.45
C ASN B 228 13.21 -28.25 -25.94
N LEU B 229 12.91 -27.02 -26.36
CA LEU B 229 13.00 -26.68 -27.77
C LEU B 229 14.45 -26.70 -28.25
N ILE B 230 15.36 -26.10 -27.47
CA ILE B 230 16.75 -26.03 -27.88
C ILE B 230 17.39 -27.43 -27.89
N ALA B 231 16.89 -28.34 -27.05
CA ALA B 231 17.42 -29.71 -27.06
C ALA B 231 17.21 -30.38 -28.40
N GLN B 232 16.16 -30.01 -29.13
CA GLN B 232 15.87 -30.56 -30.44
C GLN B 232 16.66 -29.91 -31.55
N LEU B 233 17.42 -28.85 -31.25
CA LEU B 233 18.20 -28.13 -32.25
C LEU B 233 19.69 -28.28 -31.92
N PRO B 234 20.36 -29.30 -32.46
CA PRO B 234 21.79 -29.45 -32.20
C PRO B 234 22.58 -28.31 -32.84
N GLY B 235 23.63 -27.89 -32.16
CA GLY B 235 24.41 -26.76 -32.59
C GLY B 235 23.86 -25.41 -32.19
N GLU B 236 22.68 -25.37 -31.57
CA GLU B 236 22.08 -24.14 -31.07
C GLU B 236 22.02 -24.19 -29.55
N LYS B 237 22.28 -23.05 -28.91
CA LYS B 237 22.25 -22.96 -27.46
C LYS B 237 21.19 -21.95 -27.04
N LYS B 238 20.73 -22.10 -25.79
CA LYS B 238 19.57 -21.35 -25.32
C LYS B 238 19.82 -19.84 -25.37
N ASN B 239 21.02 -19.41 -25.03
CA ASN B 239 21.35 -17.99 -25.07
C ASN B 239 21.80 -17.53 -26.44
N GLY B 240 21.72 -18.39 -27.46
CA GLY B 240 21.94 -17.96 -28.82
C GLY B 240 20.81 -17.08 -29.31
N LEU B 241 21.01 -16.50 -30.50
CA LEU B 241 20.02 -15.57 -31.04
C LEU B 241 18.66 -16.24 -31.20
N PHE B 242 18.63 -17.40 -31.88
CA PHE B 242 17.37 -18.10 -32.06
C PHE B 242 16.77 -18.51 -30.72
N GLY B 243 17.61 -18.94 -29.78
CA GLY B 243 17.11 -19.27 -28.45
C GLY B 243 16.50 -18.08 -27.75
N ASN B 244 17.14 -16.91 -27.86
CA ASN B 244 16.57 -15.69 -27.30
C ASN B 244 15.28 -15.30 -28.01
N LEU B 245 15.17 -15.60 -29.30
CA LEU B 245 13.94 -15.26 -30.03
C LEU B 245 12.77 -16.12 -29.60
N ILE B 246 13.03 -17.38 -29.22
CA ILE B 246 11.95 -18.30 -28.86
C ILE B 246 11.14 -17.74 -27.70
N ALA B 247 11.79 -17.04 -26.76
CA ALA B 247 11.06 -16.42 -25.68
C ALA B 247 10.16 -15.29 -26.18
N LEU B 248 10.60 -14.57 -27.21
CA LEU B 248 9.81 -13.47 -27.74
C LEU B 248 8.50 -13.98 -28.33
N SER B 249 8.54 -15.12 -29.03
CA SER B 249 7.32 -15.73 -29.53
C SER B 249 6.52 -16.36 -28.41
N LEU B 250 7.18 -16.79 -27.33
CA LEU B 250 6.48 -17.41 -26.22
C LEU B 250 5.76 -16.38 -25.36
N GLY B 251 6.36 -15.22 -25.16
CA GLY B 251 5.76 -14.18 -24.36
C GLY B 251 6.68 -13.59 -23.30
N LEU B 252 7.88 -14.13 -23.17
CA LEU B 252 8.87 -13.60 -22.23
C LEU B 252 9.62 -12.44 -22.87
N THR B 253 10.76 -12.06 -22.28
CA THR B 253 11.56 -10.94 -22.78
C THR B 253 13.01 -11.14 -22.36
N PRO B 254 13.86 -11.61 -23.27
CA PRO B 254 15.29 -11.72 -22.97
C PRO B 254 16.10 -10.55 -23.54
N ASN B 255 17.40 -10.54 -23.29
CA ASN B 255 18.28 -9.46 -23.71
C ASN B 255 19.16 -9.94 -24.86
N PHE B 256 19.26 -9.11 -25.91
CA PHE B 256 20.00 -9.44 -27.12
C PHE B 256 21.32 -8.68 -27.22
N LYS B 257 21.91 -8.32 -26.08
CA LYS B 257 23.13 -7.52 -26.11
C LYS B 257 24.30 -8.31 -26.70
N SER B 258 24.52 -9.52 -26.20
CA SER B 258 25.63 -10.34 -26.68
C SER B 258 25.35 -10.99 -28.03
N ASN B 259 24.07 -11.14 -28.39
CA ASN B 259 23.75 -11.71 -29.71
C ASN B 259 24.27 -10.83 -30.83
N PHE B 260 24.14 -9.51 -30.69
CA PHE B 260 24.57 -8.57 -31.70
C PHE B 260 25.81 -7.78 -31.28
N ASP B 261 26.52 -8.24 -30.25
CA ASP B 261 27.74 -7.59 -29.77
C ASP B 261 27.50 -6.13 -29.42
N LEU B 262 26.32 -5.86 -28.85
CA LEU B 262 25.94 -4.49 -28.54
C LEU B 262 26.64 -4.01 -27.27
N ALA B 263 26.64 -2.70 -27.08
CA ALA B 263 27.19 -2.08 -25.88
C ALA B 263 26.12 -1.78 -24.84
N GLU B 264 24.89 -1.50 -25.26
CA GLU B 264 23.80 -1.18 -24.35
C GLU B 264 22.80 -2.33 -24.30
N ASP B 265 22.20 -2.51 -23.13
CA ASP B 265 21.17 -3.54 -22.96
C ASP B 265 19.95 -3.21 -23.81
N ALA B 266 19.39 -4.23 -24.44
CA ALA B 266 18.21 -4.07 -25.29
C ALA B 266 17.36 -5.32 -25.20
N LYS B 267 16.10 -5.16 -24.79
CA LYS B 267 15.15 -6.25 -24.69
C LYS B 267 13.92 -5.96 -25.54
N LEU B 268 13.14 -7.00 -25.81
CA LEU B 268 11.95 -6.89 -26.63
C LEU B 268 10.84 -7.75 -26.06
N GLN B 269 9.61 -7.21 -26.06
CA GLN B 269 8.42 -7.94 -25.67
C GLN B 269 7.30 -7.59 -26.64
N LEU B 270 6.64 -8.60 -27.19
CA LEU B 270 5.63 -8.37 -28.21
C LEU B 270 4.37 -7.73 -27.64
N SER B 271 3.98 -8.11 -26.43
CA SER B 271 2.73 -7.61 -25.85
C SER B 271 2.82 -6.17 -25.38
N LYS B 272 4.03 -5.61 -25.25
CA LYS B 272 4.18 -4.23 -24.82
C LYS B 272 3.88 -3.26 -25.95
N ASP B 273 3.48 -2.05 -25.58
CA ASP B 273 3.16 -1.04 -26.58
C ASP B 273 4.40 -0.45 -27.23
N THR B 274 5.57 -0.58 -26.59
CA THR B 274 6.80 -0.02 -27.13
C THR B 274 7.58 -1.00 -27.98
N TYR B 275 6.96 -2.11 -28.40
CA TYR B 275 7.68 -3.11 -29.18
C TYR B 275 8.16 -2.53 -30.51
N ASP B 276 7.25 -1.86 -31.23
CA ASP B 276 7.62 -1.30 -32.52
C ASP B 276 8.70 -0.22 -32.38
N ASP B 277 8.75 0.46 -31.23
CA ASP B 277 9.79 1.46 -31.02
C ASP B 277 11.12 0.82 -30.63
N ASP B 278 11.08 -0.14 -29.71
CA ASP B 278 12.31 -0.86 -29.35
C ASP B 278 12.82 -1.70 -30.52
N LEU B 279 11.93 -2.25 -31.33
CA LEU B 279 12.36 -2.93 -32.55
C LEU B 279 12.99 -1.94 -33.52
N ASP B 280 12.40 -0.74 -33.64
CA ASP B 280 13.01 0.32 -34.41
C ASP B 280 14.34 0.74 -33.80
N ASN B 281 14.43 0.74 -32.47
CA ASN B 281 15.69 1.05 -31.80
C ASN B 281 16.76 0.00 -32.14
N LEU B 282 16.39 -1.29 -32.05
CA LEU B 282 17.36 -2.34 -32.33
C LEU B 282 17.68 -2.44 -33.81
N LEU B 283 16.65 -2.33 -34.67
CA LEU B 283 16.87 -2.51 -36.10
C LEU B 283 17.70 -1.37 -36.68
N ALA B 284 17.51 -0.14 -36.17
CA ALA B 284 18.36 0.97 -36.59
C ALA B 284 19.79 0.81 -36.11
N GLN B 285 20.06 -0.12 -35.19
CA GLN B 285 21.39 -0.37 -34.69
C GLN B 285 22.05 -1.61 -35.29
N ILE B 286 21.25 -2.58 -35.72
CA ILE B 286 21.79 -3.82 -36.27
C ILE B 286 21.55 -3.96 -37.77
N GLY B 287 20.62 -3.21 -38.36
CA GLY B 287 20.38 -3.33 -39.79
C GLY B 287 18.98 -3.82 -40.08
N ASP B 288 18.32 -3.13 -41.03
CA ASP B 288 16.93 -3.46 -41.36
C ASP B 288 16.79 -4.86 -41.96
N GLN B 289 17.88 -5.47 -42.40
CA GLN B 289 17.82 -6.81 -42.97
C GLN B 289 17.32 -7.85 -41.98
N TYR B 290 17.26 -7.53 -40.69
CA TYR B 290 16.76 -8.43 -39.66
C TYR B 290 15.28 -8.27 -39.40
N ALA B 291 14.56 -7.52 -40.23
CA ALA B 291 13.14 -7.28 -40.00
C ALA B 291 12.33 -8.56 -40.16
N ASP B 292 12.67 -9.40 -41.14
CA ASP B 292 11.93 -10.63 -41.38
C ASP B 292 12.09 -11.63 -40.24
N LEU B 293 13.13 -11.50 -39.42
CA LEU B 293 13.33 -12.44 -38.33
C LEU B 293 12.36 -12.17 -37.19
N PHE B 294 12.26 -10.91 -36.77
CA PHE B 294 11.24 -10.53 -35.81
C PHE B 294 9.84 -10.53 -36.43
N LEU B 295 9.76 -10.49 -37.76
CA LEU B 295 8.46 -10.58 -38.43
C LEU B 295 7.90 -11.99 -38.36
N ALA B 296 8.76 -12.99 -38.57
CA ALA B 296 8.31 -14.38 -38.47
C ALA B 296 8.08 -14.78 -37.01
N ALA B 297 8.76 -14.11 -36.07
CA ALA B 297 8.47 -14.34 -34.66
C ALA B 297 7.11 -13.79 -34.28
N LYS B 298 6.73 -12.64 -34.86
CA LYS B 298 5.41 -12.08 -34.58
C LYS B 298 4.30 -12.86 -35.28
N ASN B 299 4.58 -13.42 -36.47
CA ASN B 299 3.59 -14.23 -37.16
C ASN B 299 3.35 -15.55 -36.44
N LEU B 300 4.38 -16.13 -35.83
CA LEU B 300 4.21 -17.37 -35.10
C LEU B 300 3.43 -17.15 -33.80
N SER B 301 3.62 -15.99 -33.16
CA SER B 301 3.00 -15.76 -31.86
C SER B 301 1.48 -15.61 -31.97
N ASP B 302 0.97 -15.22 -33.13
CA ASP B 302 -0.47 -15.05 -33.29
C ASP B 302 -1.20 -16.38 -33.12
N ALA B 303 -0.68 -17.45 -33.74
CA ALA B 303 -1.33 -18.74 -33.68
C ALA B 303 -1.17 -19.42 -32.32
N ILE B 304 -0.13 -19.07 -31.56
CA ILE B 304 0.18 -19.75 -30.31
C ILE B 304 0.02 -18.81 -29.12
N LEU B 305 -0.75 -17.72 -29.28
CA LEU B 305 -0.95 -16.78 -28.19
C LEU B 305 -1.95 -17.32 -27.16
N LEU B 306 -3.00 -18.01 -27.60
CA LEU B 306 -4.02 -18.53 -26.71
C LEU B 306 -3.81 -20.00 -26.36
N SER B 307 -2.60 -20.53 -26.56
CA SER B 307 -2.35 -21.94 -26.30
C SER B 307 -2.55 -22.30 -24.83
N ASP B 308 -2.45 -21.32 -23.92
CA ASP B 308 -2.70 -21.62 -22.52
C ASP B 308 -4.17 -21.91 -22.24
N ILE B 309 -5.08 -21.20 -22.93
CA ILE B 309 -6.50 -21.34 -22.67
C ILE B 309 -7.23 -22.11 -23.76
N LEU B 310 -6.74 -22.06 -25.00
CA LEU B 310 -7.38 -22.78 -26.12
C LEU B 310 -6.58 -24.04 -26.38
N ARG B 311 -6.95 -25.12 -25.69
CA ARG B 311 -6.29 -26.41 -25.84
C ARG B 311 -6.96 -27.30 -26.89
N VAL B 312 -7.54 -26.70 -27.92
CA VAL B 312 -8.36 -27.42 -28.89
C VAL B 312 -8.00 -26.93 -30.29
N ASN B 313 -8.02 -27.86 -31.25
CA ASN B 313 -7.86 -27.50 -32.65
C ASN B 313 -8.93 -26.49 -33.07
N THR B 314 -8.51 -25.45 -33.80
CA THR B 314 -9.43 -24.40 -34.20
C THR B 314 -10.12 -24.68 -35.53
N GLU B 315 -9.59 -25.59 -36.35
CA GLU B 315 -10.23 -25.93 -37.60
C GLU B 315 -11.44 -26.86 -37.42
N ILE B 316 -11.53 -27.55 -36.29
CA ILE B 316 -12.62 -28.49 -36.05
C ILE B 316 -13.84 -27.80 -35.42
N THR B 317 -13.66 -26.64 -34.79
CA THR B 317 -14.75 -25.94 -34.16
C THR B 317 -14.44 -24.45 -34.08
N LYS B 318 -15.48 -23.62 -34.16
CA LYS B 318 -15.34 -22.18 -33.99
C LYS B 318 -15.59 -21.75 -32.55
N ALA B 319 -15.59 -22.68 -31.60
CA ALA B 319 -15.71 -22.37 -30.17
C ALA B 319 -14.65 -23.15 -29.41
N PRO B 320 -13.36 -22.82 -29.63
CA PRO B 320 -12.30 -23.59 -28.97
C PRO B 320 -12.27 -23.43 -27.46
N LEU B 321 -12.79 -22.33 -26.91
CA LEU B 321 -12.82 -22.18 -25.46
C LEU B 321 -13.81 -23.16 -24.84
N SER B 322 -15.06 -23.13 -25.30
CA SER B 322 -16.03 -24.09 -24.80
C SER B 322 -15.61 -25.52 -25.09
N ALA B 323 -14.96 -25.75 -26.25
CA ALA B 323 -14.42 -27.06 -26.54
C ALA B 323 -13.34 -27.45 -25.54
N SER B 324 -12.56 -26.48 -25.05
CA SER B 324 -11.54 -26.79 -24.06
C SER B 324 -12.15 -27.14 -22.71
N MET B 325 -13.29 -26.54 -22.37
CA MET B 325 -13.95 -26.88 -21.12
C MET B 325 -14.61 -28.25 -21.20
N ILE B 326 -15.21 -28.58 -22.34
CA ILE B 326 -15.72 -29.92 -22.56
C ILE B 326 -14.60 -30.95 -22.46
N LYS B 327 -13.39 -30.58 -22.91
CA LYS B 327 -12.24 -31.45 -22.73
C LYS B 327 -11.92 -31.65 -21.25
N ARG B 328 -12.01 -30.58 -20.45
CA ARG B 328 -11.91 -30.73 -19.01
C ARG B 328 -12.98 -31.67 -18.48
N TYR B 329 -14.22 -31.49 -18.94
CA TYR B 329 -15.33 -32.31 -18.46
C TYR B 329 -15.13 -33.78 -18.84
N ASP B 330 -14.77 -34.04 -20.11
CA ASP B 330 -14.64 -35.41 -20.58
C ASP B 330 -13.51 -36.13 -19.85
N GLU B 331 -12.35 -35.50 -19.73
CA GLU B 331 -11.25 -36.11 -18.99
C GLU B 331 -11.60 -36.30 -17.52
N HIS B 332 -12.39 -35.38 -16.96
CA HIS B 332 -12.88 -35.54 -15.59
C HIS B 332 -13.73 -36.80 -15.46
N HIS B 333 -14.64 -37.03 -16.41
CA HIS B 333 -15.49 -38.22 -16.36
C HIS B 333 -14.68 -39.48 -16.54
N GLN B 334 -13.77 -39.50 -17.52
CA GLN B 334 -12.93 -40.67 -17.75
C GLN B 334 -12.06 -40.97 -16.55
N ASP B 335 -11.43 -39.94 -15.98
CA ASP B 335 -10.51 -40.16 -14.87
C ASP B 335 -11.24 -40.47 -13.57
N LEU B 336 -12.48 -40.00 -13.42
CA LEU B 336 -13.24 -40.34 -12.22
C LEU B 336 -13.68 -41.80 -12.24
N THR B 337 -14.13 -42.29 -13.40
CA THR B 337 -14.47 -43.70 -13.52
C THR B 337 -13.23 -44.57 -13.27
N LEU B 338 -12.07 -44.10 -13.73
CA LEU B 338 -10.82 -44.82 -13.45
C LEU B 338 -10.52 -44.84 -11.97
N LEU B 339 -10.57 -43.66 -11.33
CA LEU B 339 -10.19 -43.56 -9.93
C LEU B 339 -11.10 -44.38 -9.03
N LYS B 340 -12.41 -44.35 -9.29
CA LYS B 340 -13.34 -45.16 -8.50
C LYS B 340 -13.04 -46.64 -8.63
N ALA B 341 -12.81 -47.10 -9.87
CA ALA B 341 -12.51 -48.51 -10.09
C ALA B 341 -11.22 -48.93 -9.39
N LEU B 342 -10.21 -48.05 -9.41
CA LEU B 342 -8.95 -48.36 -8.75
C LEU B 342 -9.13 -48.48 -7.25
N VAL B 343 -9.73 -47.47 -6.61
CA VAL B 343 -9.92 -47.50 -5.17
C VAL B 343 -10.77 -48.70 -4.76
N ARG B 344 -11.83 -48.99 -5.52
CA ARG B 344 -12.66 -50.15 -5.21
C ARG B 344 -11.87 -51.45 -5.30
N GLN B 345 -10.91 -51.53 -6.22
CA GLN B 345 -10.17 -52.77 -6.45
C GLN B 345 -8.99 -52.94 -5.51
N GLN B 346 -8.41 -51.85 -5.02
CA GLN B 346 -7.20 -51.93 -4.19
C GLN B 346 -7.40 -51.46 -2.76
N LEU B 347 -8.09 -50.33 -2.56
CA LEU B 347 -8.30 -49.75 -1.23
C LEU B 347 -9.79 -49.59 -0.97
N PRO B 348 -10.52 -50.69 -0.81
CA PRO B 348 -11.98 -50.57 -0.68
C PRO B 348 -12.41 -49.89 0.60
N GLU B 349 -11.69 -50.10 1.70
CA GLU B 349 -12.05 -49.51 2.99
C GLU B 349 -11.64 -48.04 3.09
N LYS B 350 -11.34 -47.39 1.96
CA LYS B 350 -11.14 -45.95 1.92
C LYS B 350 -12.07 -45.28 0.91
N TYR B 351 -12.99 -46.05 0.31
CA TYR B 351 -13.89 -45.47 -0.69
C TYR B 351 -14.88 -44.50 -0.05
N LYS B 352 -15.35 -44.79 1.15
CA LYS B 352 -16.35 -43.94 1.78
C LYS B 352 -15.76 -42.58 2.15
N GLU B 353 -14.52 -42.55 2.62
CA GLU B 353 -13.91 -41.27 2.98
C GLU B 353 -13.66 -40.41 1.74
N ILE B 354 -13.31 -41.04 0.62
CA ILE B 354 -12.93 -40.29 -0.57
C ILE B 354 -14.14 -39.70 -1.27
N PHE B 355 -15.22 -40.48 -1.42
CA PHE B 355 -16.33 -40.11 -2.27
C PHE B 355 -17.62 -39.79 -1.52
N PHE B 356 -17.65 -39.96 -0.19
CA PHE B 356 -18.86 -39.68 0.58
C PHE B 356 -18.64 -38.64 1.68
N ASP B 357 -17.51 -38.70 2.39
CA ASP B 357 -17.28 -37.81 3.53
C ASP B 357 -16.97 -36.40 3.03
N GLN B 358 -17.90 -35.48 3.21
CA GLN B 358 -17.68 -34.10 2.78
C GLN B 358 -16.67 -33.39 3.67
N SER B 359 -16.57 -33.80 4.94
CA SER B 359 -15.64 -33.15 5.86
C SER B 359 -14.19 -33.41 5.51
N LYS B 360 -13.91 -34.45 4.73
CA LYS B 360 -12.55 -34.75 4.30
C LYS B 360 -12.27 -34.11 2.95
N ASN B 361 -10.98 -33.98 2.65
CA ASN B 361 -10.59 -33.29 1.43
C ASN B 361 -10.51 -34.25 0.25
N GLY B 362 -11.33 -35.29 0.27
CA GLY B 362 -11.44 -36.21 -0.84
C GLY B 362 -12.31 -35.65 -1.94
N TYR B 363 -12.79 -36.54 -2.80
CA TYR B 363 -13.64 -36.09 -3.90
C TYR B 363 -14.97 -35.53 -3.40
N ALA B 364 -15.49 -36.06 -2.29
CA ALA B 364 -16.74 -35.53 -1.74
C ALA B 364 -16.55 -34.08 -1.26
N GLY B 365 -15.52 -33.84 -0.43
CA GLY B 365 -15.22 -32.48 -0.04
C GLY B 365 -14.82 -31.60 -1.20
N TYR B 366 -14.30 -32.19 -2.28
CA TYR B 366 -13.93 -31.42 -3.45
C TYR B 366 -15.17 -30.94 -4.20
N ILE B 367 -16.19 -31.79 -4.31
CA ILE B 367 -17.41 -31.44 -5.03
C ILE B 367 -18.44 -30.79 -4.11
N ASP B 368 -18.70 -31.39 -2.95
CA ASP B 368 -19.76 -30.93 -2.06
C ASP B 368 -19.23 -30.14 -0.86
N GLY B 369 -18.07 -30.49 -0.33
CA GLY B 369 -17.53 -29.81 0.83
C GLY B 369 -16.82 -28.53 0.47
N GLY B 370 -15.90 -28.12 1.35
CA GLY B 370 -15.18 -26.88 1.15
C GLY B 370 -13.73 -27.05 0.75
N ALA B 371 -13.41 -28.17 0.10
CA ALA B 371 -12.05 -28.45 -0.33
C ALA B 371 -11.78 -27.82 -1.70
N SER B 372 -10.72 -27.03 -1.78
CA SER B 372 -10.30 -26.46 -3.05
C SER B 372 -9.59 -27.50 -3.89
N GLN B 373 -9.34 -27.16 -5.16
CA GLN B 373 -8.58 -28.04 -6.04
C GLN B 373 -7.20 -28.33 -5.45
N GLU B 374 -6.56 -27.30 -4.88
CA GLU B 374 -5.23 -27.48 -4.30
C GLU B 374 -5.28 -28.36 -3.06
N GLU B 375 -6.30 -28.20 -2.22
CA GLU B 375 -6.44 -29.07 -1.05
C GLU B 375 -6.83 -30.48 -1.45
N PHE B 376 -7.58 -30.64 -2.54
CA PHE B 376 -7.95 -31.97 -3.00
C PHE B 376 -6.72 -32.73 -3.53
N TYR B 377 -5.84 -32.04 -4.26
CA TYR B 377 -4.65 -32.69 -4.78
C TYR B 377 -3.74 -33.17 -3.65
N LYS B 378 -3.54 -32.32 -2.64
CA LYS B 378 -2.69 -32.68 -1.51
C LYS B 378 -3.23 -33.91 -0.80
N PHE B 379 -4.55 -34.02 -0.69
CA PHE B 379 -5.16 -35.15 0.02
C PHE B 379 -5.05 -36.43 -0.80
N ILE B 380 -5.13 -36.34 -2.13
CA ILE B 380 -5.25 -37.53 -2.96
C ILE B 380 -3.92 -37.98 -3.56
N LYS B 381 -2.89 -37.13 -3.59
CA LYS B 381 -1.61 -37.54 -4.14
C LYS B 381 -1.03 -38.78 -3.45
N PRO B 382 -0.94 -38.86 -2.11
CA PRO B 382 -0.41 -40.08 -1.49
C PRO B 382 -1.27 -41.30 -1.77
N ILE B 383 -2.58 -41.13 -1.96
CA ILE B 383 -3.43 -42.25 -2.32
C ILE B 383 -3.06 -42.77 -3.70
N LEU B 384 -2.81 -41.86 -4.65
CA LEU B 384 -2.44 -42.27 -6.00
C LEU B 384 -1.08 -42.98 -6.02
N GLU B 385 -0.10 -42.43 -5.31
CA GLU B 385 1.24 -43.00 -5.32
C GLU B 385 1.26 -44.40 -4.71
N LYS B 386 0.36 -44.66 -3.75
CA LYS B 386 0.33 -45.97 -3.10
C LYS B 386 -0.23 -47.06 -4.02
N MET B 387 -1.02 -46.69 -5.02
CA MET B 387 -1.75 -47.64 -5.83
C MET B 387 -1.07 -47.86 -7.17
N ASP B 388 -1.48 -48.94 -7.85
CA ASP B 388 -0.99 -49.29 -9.17
C ASP B 388 -1.96 -48.78 -10.23
N GLY B 389 -1.42 -48.49 -11.41
CA GLY B 389 -2.23 -48.00 -12.51
C GLY B 389 -2.58 -46.54 -12.46
N THR B 390 -1.93 -45.76 -11.59
CA THR B 390 -2.19 -44.33 -11.48
C THR B 390 -1.10 -43.50 -12.16
N GLU B 391 -0.49 -44.04 -13.21
CA GLU B 391 0.61 -43.35 -13.87
C GLU B 391 0.16 -42.02 -14.47
N GLU B 392 -0.84 -42.07 -15.36
CA GLU B 392 -1.32 -40.85 -16.00
C GLU B 392 -2.01 -39.92 -15.00
N LEU B 393 -2.66 -40.47 -13.98
CA LEU B 393 -3.34 -39.63 -12.99
C LEU B 393 -2.34 -38.83 -12.18
N LEU B 394 -1.17 -39.42 -11.86
CA LEU B 394 -0.14 -38.69 -11.13
C LEU B 394 0.44 -37.56 -11.98
N VAL B 395 0.60 -37.80 -13.29
CA VAL B 395 1.15 -36.76 -14.16
C VAL B 395 0.18 -35.59 -14.27
N LYS B 396 -1.12 -35.88 -14.36
CA LYS B 396 -2.11 -34.81 -14.46
C LYS B 396 -2.15 -33.98 -13.18
N LEU B 397 -1.96 -34.62 -12.02
CA LEU B 397 -1.99 -33.90 -10.76
C LEU B 397 -0.82 -32.92 -10.65
N ASN B 398 0.40 -33.40 -10.91
CA ASN B 398 1.55 -32.52 -10.83
C ASN B 398 1.57 -31.48 -11.94
N ARG B 399 0.77 -31.67 -12.99
CA ARG B 399 0.50 -30.62 -13.96
C ARG B 399 -0.70 -29.77 -13.57
N GLU B 400 -1.31 -30.03 -12.41
CA GLU B 400 -2.48 -29.31 -11.93
C GLU B 400 -3.61 -29.35 -12.96
N ASP B 401 -3.87 -30.55 -13.47
CA ASP B 401 -4.80 -30.77 -14.56
C ASP B 401 -5.55 -32.09 -14.37
N LEU B 402 -5.93 -32.38 -13.13
CA LEU B 402 -6.59 -33.63 -12.77
C LEU B 402 -7.97 -33.36 -12.20
N LEU B 403 -9.00 -33.98 -12.79
CA LEU B 403 -10.37 -33.89 -12.30
C LEU B 403 -10.80 -32.43 -12.16
N ARG B 404 -10.51 -31.65 -13.19
CA ARG B 404 -10.70 -30.21 -13.16
C ARG B 404 -12.17 -29.84 -13.32
N LYS B 405 -12.58 -28.80 -12.61
CA LYS B 405 -13.88 -28.18 -12.84
C LYS B 405 -13.75 -27.20 -14.01
N GLN B 406 -14.86 -26.57 -14.38
CA GLN B 406 -14.86 -25.59 -15.45
C GLN B 406 -14.81 -24.15 -14.96
N ARG B 407 -15.53 -23.84 -13.88
CA ARG B 407 -15.45 -22.54 -13.23
C ARG B 407 -14.36 -22.61 -12.17
N THR B 408 -13.18 -22.07 -12.49
CA THR B 408 -12.01 -22.25 -11.64
C THR B 408 -11.27 -20.92 -11.49
N PHE B 409 -10.37 -20.89 -10.50
CA PHE B 409 -9.67 -19.67 -10.14
C PHE B 409 -8.77 -19.15 -11.26
N ASP B 410 -8.36 -20.00 -12.20
CA ASP B 410 -7.40 -19.62 -13.22
C ASP B 410 -8.06 -19.15 -14.52
N ASN B 411 -9.38 -18.96 -14.54
CA ASN B 411 -10.05 -18.48 -15.74
C ASN B 411 -9.86 -16.99 -15.96
N GLY B 412 -9.14 -16.29 -15.09
CA GLY B 412 -8.89 -14.87 -15.31
C GLY B 412 -8.05 -14.59 -16.54
N SER B 413 -7.40 -15.61 -17.10
CA SER B 413 -6.57 -15.39 -18.28
C SER B 413 -7.40 -15.18 -19.55
N ILE B 414 -8.70 -15.47 -19.50
CA ILE B 414 -9.53 -15.47 -20.70
C ILE B 414 -9.82 -14.03 -21.12
N PRO B 415 -9.38 -13.61 -22.30
CA PRO B 415 -9.74 -12.27 -22.79
C PRO B 415 -11.18 -12.26 -23.26
N HIS B 416 -11.78 -11.07 -23.22
CA HIS B 416 -13.19 -10.93 -23.62
C HIS B 416 -13.37 -11.20 -25.11
N GLN B 417 -12.32 -11.08 -25.92
CA GLN B 417 -12.45 -11.38 -27.34
C GLN B 417 -12.81 -12.84 -27.57
N ILE B 418 -12.39 -13.73 -26.67
CA ILE B 418 -12.71 -15.15 -26.83
C ILE B 418 -14.19 -15.39 -26.59
N HIS B 419 -14.74 -14.83 -25.52
CA HIS B 419 -16.18 -14.92 -25.29
C HIS B 419 -16.95 -14.22 -26.40
N LEU B 420 -16.41 -13.09 -26.91
CA LEU B 420 -17.08 -12.38 -27.98
C LEU B 420 -17.13 -13.22 -29.26
N GLY B 421 -16.08 -13.99 -29.52
CA GLY B 421 -16.08 -14.84 -30.71
C GLY B 421 -17.23 -15.82 -30.72
N GLU B 422 -17.43 -16.54 -29.61
CA GLU B 422 -18.54 -17.50 -29.54
C GLU B 422 -19.88 -16.78 -29.54
N LEU B 423 -19.97 -15.62 -28.88
CA LEU B 423 -21.20 -14.83 -28.89
C LEU B 423 -21.57 -14.42 -30.31
N HIS B 424 -20.59 -13.89 -31.05
CA HIS B 424 -20.83 -13.49 -32.42
C HIS B 424 -21.22 -14.68 -33.29
N ALA B 425 -20.63 -15.84 -33.03
CA ALA B 425 -20.93 -17.01 -33.85
C ALA B 425 -22.35 -17.51 -33.62
N ILE B 426 -22.80 -17.51 -32.36
CA ILE B 426 -24.19 -17.89 -32.07
C ILE B 426 -25.16 -16.93 -32.73
N LEU B 427 -24.86 -15.63 -32.68
CA LEU B 427 -25.72 -14.65 -33.31
C LEU B 427 -25.81 -14.87 -34.82
N ARG B 428 -24.67 -15.13 -35.47
CA ARG B 428 -24.68 -15.39 -36.91
C ARG B 428 -25.48 -16.65 -37.24
N ARG B 429 -25.39 -17.67 -36.38
CA ARG B 429 -26.13 -18.92 -36.64
C ARG B 429 -27.63 -18.69 -36.52
N GLN B 430 -28.07 -18.03 -35.46
CA GLN B 430 -29.49 -17.99 -35.12
C GLN B 430 -30.21 -16.76 -35.65
N GLU B 431 -29.49 -15.73 -36.12
CA GLU B 431 -30.17 -14.60 -36.75
C GLU B 431 -30.85 -15.00 -38.06
N ASP B 432 -30.47 -16.15 -38.64
CA ASP B 432 -31.14 -16.63 -39.83
C ASP B 432 -32.58 -17.05 -39.56
N PHE B 433 -32.93 -17.32 -38.29
CA PHE B 433 -34.27 -17.74 -37.94
C PHE B 433 -35.03 -16.72 -37.11
N TYR B 434 -34.34 -15.83 -36.40
CA TYR B 434 -35.00 -14.82 -35.58
C TYR B 434 -34.63 -13.44 -36.06
N PRO B 435 -35.53 -12.72 -36.74
CA PRO B 435 -35.17 -11.40 -37.29
C PRO B 435 -34.67 -10.41 -36.25
N PHE B 436 -35.16 -10.48 -35.02
CA PHE B 436 -34.72 -9.52 -34.01
C PHE B 436 -33.26 -9.74 -33.62
N LEU B 437 -32.75 -10.97 -33.75
CA LEU B 437 -31.34 -11.21 -33.49
C LEU B 437 -30.45 -10.56 -34.56
N LYS B 438 -30.93 -10.50 -35.81
CA LYS B 438 -30.18 -9.80 -36.84
C LYS B 438 -30.21 -8.30 -36.60
N ASP B 439 -31.37 -7.75 -36.26
CA ASP B 439 -31.50 -6.31 -36.07
C ASP B 439 -30.83 -5.83 -34.80
N ASN B 440 -30.55 -6.72 -33.84
CA ASN B 440 -29.90 -6.35 -32.58
C ASN B 440 -28.57 -7.07 -32.39
N ARG B 441 -27.97 -7.58 -33.47
N ARG B 441 -27.97 -7.58 -33.47
CA ARG B 441 -26.72 -8.31 -33.35
CA ARG B 441 -26.71 -8.31 -33.34
C ARG B 441 -25.61 -7.43 -32.77
C ARG B 441 -25.61 -7.43 -32.77
N GLU B 442 -25.38 -6.27 -33.39
CA GLU B 442 -24.32 -5.38 -32.91
C GLU B 442 -24.68 -4.78 -31.56
N LYS B 443 -25.98 -4.61 -31.27
CA LYS B 443 -26.41 -4.18 -29.95
C LYS B 443 -25.98 -5.18 -28.89
N ILE B 444 -26.17 -6.48 -29.15
CA ILE B 444 -25.81 -7.51 -28.19
C ILE B 444 -24.30 -7.61 -28.06
N GLU B 445 -23.57 -7.55 -29.18
CA GLU B 445 -22.11 -7.51 -29.11
C GLU B 445 -21.63 -6.30 -28.31
N LYS B 446 -22.34 -5.18 -28.41
CA LYS B 446 -21.95 -3.98 -27.67
C LYS B 446 -22.14 -4.17 -26.17
N ILE B 447 -23.15 -4.93 -25.75
CA ILE B 447 -23.37 -5.16 -24.33
C ILE B 447 -22.16 -5.90 -23.73
N LEU B 448 -21.59 -6.84 -24.47
CA LEU B 448 -20.45 -7.58 -23.95
C LEU B 448 -19.18 -6.73 -23.99
N THR B 449 -18.94 -6.03 -25.10
CA THR B 449 -17.65 -5.35 -25.28
C THR B 449 -17.57 -3.99 -24.59
N PHE B 450 -18.69 -3.33 -24.35
CA PHE B 450 -18.63 -1.96 -23.86
C PHE B 450 -18.04 -1.89 -22.46
N ARG B 451 -17.13 -0.94 -22.28
CA ARG B 451 -16.47 -0.72 -21.00
C ARG B 451 -16.41 0.78 -20.76
N ILE B 452 -16.93 1.21 -19.60
CA ILE B 452 -16.90 2.64 -19.26
C ILE B 452 -15.44 3.07 -19.17
N PRO B 453 -15.02 4.06 -19.94
CA PRO B 453 -13.64 4.54 -19.83
C PRO B 453 -13.35 5.03 -18.41
N TYR B 454 -12.18 4.68 -17.90
CA TYR B 454 -11.79 5.12 -16.57
C TYR B 454 -11.66 6.63 -16.49
N TYR B 455 -11.40 7.31 -17.62
CA TYR B 455 -11.31 8.76 -17.65
C TYR B 455 -12.68 9.43 -17.77
N VAL B 456 -13.76 8.67 -17.73
CA VAL B 456 -15.11 9.22 -17.72
C VAL B 456 -15.74 9.13 -16.34
N GLY B 457 -15.59 7.99 -15.67
CA GLY B 457 -16.05 7.84 -14.31
C GLY B 457 -17.52 7.50 -14.23
N PRO B 458 -18.09 7.59 -13.03
CA PRO B 458 -19.50 7.24 -12.84
C PRO B 458 -20.42 8.11 -13.68
N LEU B 459 -21.42 7.46 -14.30
CA LEU B 459 -22.34 8.13 -15.20
C LEU B 459 -23.47 8.81 -14.41
N ALA B 460 -23.05 9.75 -13.55
CA ALA B 460 -23.96 10.34 -12.58
C ALA B 460 -24.79 11.46 -13.20
N ARG B 461 -25.68 12.02 -12.39
CA ARG B 461 -26.54 13.13 -12.78
C ARG B 461 -26.71 14.08 -11.60
N GLY B 462 -25.59 14.49 -11.01
CA GLY B 462 -25.60 15.52 -9.99
C GLY B 462 -25.70 15.06 -8.55
N ASN B 463 -25.67 13.75 -8.30
CA ASN B 463 -25.79 13.26 -6.93
C ASN B 463 -24.62 12.35 -6.53
N SER B 464 -23.47 12.48 -7.19
CA SER B 464 -22.29 11.70 -6.86
C SER B 464 -21.12 12.66 -6.63
N ARG B 465 -20.54 12.61 -5.43
CA ARG B 465 -19.38 13.44 -5.13
C ARG B 465 -18.11 12.94 -5.79
N PHE B 466 -18.17 11.79 -6.50
CA PHE B 466 -17.00 11.25 -7.17
C PHE B 466 -16.97 11.54 -8.66
N ALA B 467 -18.09 11.95 -9.25
CA ALA B 467 -18.23 12.00 -10.70
C ALA B 467 -17.76 13.33 -11.26
N TRP B 468 -17.33 13.29 -12.52
CA TRP B 468 -16.94 14.49 -13.25
C TRP B 468 -17.49 14.50 -14.67
N MET B 469 -18.23 13.46 -15.08
CA MET B 469 -18.65 13.32 -16.47
C MET B 469 -19.68 14.37 -16.84
N THR B 470 -19.61 14.84 -18.09
CA THR B 470 -20.60 15.75 -18.66
C THR B 470 -21.20 15.12 -19.92
N ARG B 471 -22.45 15.47 -20.19
CA ARG B 471 -23.22 14.88 -21.28
C ARG B 471 -23.43 15.88 -22.40
N LYS B 472 -23.35 15.39 -23.65
CA LYS B 472 -23.74 16.21 -24.78
C LYS B 472 -25.26 16.39 -24.84
N SER B 473 -26.01 15.41 -24.35
CA SER B 473 -27.46 15.42 -24.40
C SER B 473 -28.02 14.89 -23.09
N GLU B 474 -29.18 15.42 -22.70
CA GLU B 474 -29.82 15.03 -21.44
C GLU B 474 -30.74 13.84 -21.69
N GLU B 475 -30.18 12.64 -21.58
CA GLU B 475 -30.94 11.41 -21.73
C GLU B 475 -30.15 10.26 -21.13
N THR B 476 -30.85 9.17 -20.86
CA THR B 476 -30.23 8.01 -20.22
C THR B 476 -29.11 7.45 -21.09
N ILE B 477 -27.99 7.14 -20.45
CA ILE B 477 -26.81 6.63 -21.13
C ILE B 477 -26.88 5.11 -21.20
N THR B 478 -26.75 4.56 -22.41
CA THR B 478 -26.74 3.13 -22.64
C THR B 478 -25.41 2.75 -23.27
N PRO B 479 -25.07 1.46 -23.37
CA PRO B 479 -23.83 1.10 -24.08
C PRO B 479 -23.85 1.46 -25.56
N TRP B 480 -25.03 1.69 -26.15
CA TRP B 480 -25.14 1.93 -27.57
C TRP B 480 -25.12 3.40 -27.95
N ASN B 481 -25.54 4.29 -27.05
CA ASN B 481 -25.54 5.71 -27.31
C ASN B 481 -24.45 6.45 -26.53
N PHE B 482 -23.53 5.72 -25.92
CA PHE B 482 -22.52 6.33 -25.05
C PHE B 482 -21.71 7.39 -25.77
N GLU B 483 -21.22 7.07 -26.97
CA GLU B 483 -20.39 8.01 -27.72
C GLU B 483 -21.15 9.29 -28.07
N GLU B 484 -22.47 9.20 -28.22
CA GLU B 484 -23.27 10.36 -28.60
C GLU B 484 -23.79 11.14 -27.40
N VAL B 485 -24.11 10.45 -26.29
CA VAL B 485 -24.70 11.15 -25.16
C VAL B 485 -23.63 11.73 -24.26
N VAL B 486 -22.54 10.99 -24.04
CA VAL B 486 -21.46 11.44 -23.17
C VAL B 486 -20.48 12.26 -23.98
N ASP B 487 -20.07 13.41 -23.44
CA ASP B 487 -19.00 14.22 -24.01
C ASP B 487 -17.68 13.65 -23.53
N LYS B 488 -17.15 12.67 -24.28
CA LYS B 488 -15.90 12.03 -23.88
C LYS B 488 -14.76 13.03 -23.83
N GLY B 489 -14.72 13.97 -24.78
CA GLY B 489 -13.62 14.92 -24.82
C GLY B 489 -13.58 15.81 -23.60
N ALA B 490 -14.71 16.43 -23.26
CA ALA B 490 -14.76 17.30 -22.09
C ALA B 490 -14.60 16.49 -20.80
N SER B 491 -15.13 15.27 -20.76
CA SER B 491 -14.99 14.45 -19.57
C SER B 491 -13.55 14.01 -19.35
N ALA B 492 -12.86 13.63 -20.42
CA ALA B 492 -11.45 13.24 -20.29
C ALA B 492 -10.59 14.43 -19.90
N GLN B 493 -10.94 15.62 -20.40
CA GLN B 493 -10.18 16.81 -20.04
C GLN B 493 -10.45 17.21 -18.58
N SER B 494 -11.71 17.13 -18.15
CA SER B 494 -12.02 17.39 -16.74
C SER B 494 -11.32 16.39 -15.83
N PHE B 495 -11.29 15.12 -16.23
CA PHE B 495 -10.63 14.08 -15.45
C PHE B 495 -9.23 14.53 -15.01
N ILE B 496 -8.43 15.03 -15.95
CA ILE B 496 -7.08 15.45 -15.63
C ILE B 496 -7.06 16.81 -14.94
N GLU B 497 -7.83 17.77 -15.49
CA GLU B 497 -7.68 19.15 -15.06
C GLU B 497 -8.14 19.37 -13.62
N ARG B 498 -9.05 18.55 -13.12
CA ARG B 498 -9.46 18.69 -11.72
C ARG B 498 -8.41 18.18 -10.75
N MET B 499 -7.35 17.52 -11.25
CA MET B 499 -6.32 16.99 -10.38
C MET B 499 -4.95 17.64 -10.55
N THR B 500 -4.68 18.27 -11.70
CA THR B 500 -3.34 18.80 -11.96
C THR B 500 -3.09 20.09 -11.20
N ASN B 501 -1.83 20.28 -10.80
CA ASN B 501 -1.42 21.48 -10.09
C ASN B 501 -1.56 22.72 -10.98
N PHE B 502 -1.80 23.85 -10.32
CA PHE B 502 -1.59 25.15 -10.93
C PHE B 502 -0.19 25.65 -10.57
N ASP B 503 0.33 26.55 -11.40
CA ASP B 503 1.62 27.16 -11.14
C ASP B 503 1.54 28.00 -9.87
N LYS B 504 2.29 27.62 -8.84
CA LYS B 504 2.26 28.38 -7.59
C LYS B 504 2.68 29.84 -7.80
N ASN B 505 3.48 30.11 -8.83
CA ASN B 505 3.90 31.48 -9.10
C ASN B 505 2.80 32.26 -9.79
N LEU B 506 2.06 31.63 -10.70
CA LEU B 506 0.91 32.24 -11.38
C LEU B 506 -0.30 31.35 -11.09
N PRO B 507 -0.97 31.55 -9.96
CA PRO B 507 -1.91 30.53 -9.47
C PRO B 507 -3.11 30.25 -10.37
N ASN B 508 -3.34 31.05 -11.41
CA ASN B 508 -4.43 30.80 -12.33
C ASN B 508 -4.00 30.11 -13.61
N GLU B 509 -2.73 29.70 -13.70
CA GLU B 509 -2.18 29.09 -14.90
C GLU B 509 -1.87 27.62 -14.63
N LYS B 510 -2.36 26.74 -15.49
CA LYS B 510 -2.04 25.33 -15.39
C LYS B 510 -0.57 25.10 -15.71
N VAL B 511 0.02 24.12 -15.03
CA VAL B 511 1.39 23.74 -15.32
C VAL B 511 1.47 23.09 -16.70
N LEU B 512 2.64 23.23 -17.34
CA LEU B 512 2.86 22.60 -18.63
C LEU B 512 2.98 21.10 -18.48
N PRO B 513 2.73 20.35 -19.55
CA PRO B 513 3.11 18.93 -19.56
C PRO B 513 4.61 18.80 -19.30
N LYS B 514 4.98 17.78 -18.54
CA LYS B 514 6.39 17.55 -18.24
C LYS B 514 7.21 17.36 -19.51
N HIS B 515 6.63 16.75 -20.54
CA HIS B 515 7.33 16.46 -21.78
C HIS B 515 7.13 17.54 -22.83
N SER B 516 6.66 18.72 -22.44
CA SER B 516 6.57 19.83 -23.38
C SER B 516 7.95 20.24 -23.89
N LEU B 517 8.01 20.62 -25.17
CA LEU B 517 9.27 21.10 -25.73
C LEU B 517 9.75 22.37 -25.03
N LEU B 518 8.83 23.30 -24.76
CA LEU B 518 9.20 24.52 -24.04
C LEU B 518 9.70 24.21 -22.64
N TYR B 519 9.03 23.30 -21.94
CA TYR B 519 9.46 22.95 -20.58
C TYR B 519 10.86 22.36 -20.60
N GLU B 520 11.18 21.53 -21.60
CA GLU B 520 12.51 20.94 -21.64
C GLU B 520 13.56 21.92 -22.14
N TYR B 521 13.19 22.86 -23.01
CA TYR B 521 14.09 23.98 -23.30
C TYR B 521 14.39 24.76 -22.02
N PHE B 522 13.38 24.98 -21.18
CA PHE B 522 13.57 25.67 -19.91
C PHE B 522 14.56 24.92 -19.02
N THR B 523 14.38 23.60 -18.88
CA THR B 523 15.25 22.84 -17.99
C THR B 523 16.69 22.82 -18.51
N VAL B 524 16.86 22.66 -19.82
CA VAL B 524 18.20 22.60 -20.38
C VAL B 524 18.92 23.93 -20.21
N TYR B 525 18.26 25.03 -20.56
CA TYR B 525 18.90 26.34 -20.47
C TYR B 525 19.13 26.76 -19.02
N ASN B 526 18.21 26.41 -18.12
CA ASN B 526 18.41 26.75 -16.72
C ASN B 526 19.67 26.09 -16.16
N GLU B 527 19.93 24.84 -16.58
CA GLU B 527 21.14 24.16 -16.15
C GLU B 527 22.36 24.65 -16.93
N LEU B 528 22.21 24.88 -18.23
CA LEU B 528 23.32 25.29 -19.07
C LEU B 528 23.86 26.65 -18.66
N THR B 529 22.98 27.56 -18.27
CA THR B 529 23.37 28.96 -18.04
C THR B 529 24.29 29.10 -16.84
N LYS B 530 24.37 28.10 -15.97
CA LYS B 530 25.25 28.15 -14.80
C LYS B 530 26.54 27.35 -14.98
N VAL B 531 26.74 26.75 -16.15
CA VAL B 531 28.01 26.11 -16.43
C VAL B 531 29.09 27.17 -16.61
N LYS B 532 30.27 26.93 -16.04
CA LYS B 532 31.43 27.77 -16.26
C LYS B 532 32.57 26.92 -16.81
N TYR B 533 33.43 27.56 -17.61
CA TYR B 533 34.60 26.91 -18.19
C TYR B 533 35.82 27.80 -17.99
N VAL B 534 36.98 27.17 -17.90
CA VAL B 534 38.25 27.88 -17.78
C VAL B 534 39.32 27.09 -18.52
N THR B 535 40.18 27.80 -19.24
CA THR B 535 41.27 27.19 -19.97
C THR B 535 42.57 27.91 -19.61
N GLU B 536 43.69 27.32 -20.03
CA GLU B 536 44.99 27.94 -19.80
C GLU B 536 45.09 29.26 -20.55
N GLY B 537 45.23 30.35 -19.81
CA GLY B 537 45.26 31.70 -20.36
C GLY B 537 44.13 32.58 -19.88
N MET B 538 43.01 31.98 -19.50
CA MET B 538 41.90 32.74 -18.94
C MET B 538 42.20 33.10 -17.50
N ARG B 539 41.91 34.34 -17.13
CA ARG B 539 42.16 34.79 -15.76
C ARG B 539 41.26 34.07 -14.78
N LYS B 540 40.00 33.84 -15.13
CA LYS B 540 39.04 33.23 -14.25
C LYS B 540 38.02 32.48 -15.10
N PRO B 541 37.29 31.52 -14.52
CA PRO B 541 36.25 30.82 -15.28
C PRO B 541 35.17 31.79 -15.77
N ALA B 542 34.65 31.51 -16.96
CA ALA B 542 33.66 32.36 -17.60
C ALA B 542 32.35 31.61 -17.79
N PHE B 543 31.25 32.34 -17.72
CA PHE B 543 29.96 31.83 -18.15
C PHE B 543 29.99 31.55 -19.66
N LEU B 544 28.99 30.80 -20.11
CA LEU B 544 28.75 30.62 -21.53
C LEU B 544 27.86 31.75 -22.03
N SER B 545 28.26 32.36 -23.15
CA SER B 545 27.47 33.45 -23.72
C SER B 545 26.20 32.89 -24.36
N GLY B 546 25.33 33.80 -24.79
CA GLY B 546 24.13 33.38 -25.51
C GLY B 546 24.46 32.64 -26.80
N GLU B 547 25.48 33.11 -27.52
CA GLU B 547 25.88 32.43 -28.76
C GLU B 547 26.51 31.07 -28.45
N GLN B 548 27.27 30.97 -27.35
CA GLN B 548 27.87 29.70 -26.98
C GLN B 548 26.82 28.70 -26.51
N LYS B 549 25.83 29.17 -25.73
CA LYS B 549 24.78 28.27 -25.27
C LYS B 549 23.92 27.79 -26.42
N LYS B 550 23.59 28.68 -27.36
CA LYS B 550 22.84 28.25 -28.54
C LYS B 550 23.65 27.27 -29.38
N ALA B 551 24.96 27.53 -29.51
CA ALA B 551 25.82 26.62 -30.26
C ALA B 551 25.87 25.24 -29.61
N ILE B 552 25.92 25.19 -28.28
CA ILE B 552 25.94 23.91 -27.59
C ILE B 552 24.61 23.18 -27.74
N VAL B 553 23.50 23.94 -27.72
CA VAL B 553 22.18 23.32 -27.87
C VAL B 553 22.01 22.76 -29.28
N ASP B 554 22.33 23.56 -30.30
CA ASP B 554 22.19 23.08 -31.67
C ASP B 554 23.14 21.94 -31.97
N LEU B 555 24.37 22.00 -31.45
CA LEU B 555 25.39 21.03 -31.84
C LEU B 555 25.30 19.73 -31.03
N LEU B 556 24.92 19.82 -29.76
CA LEU B 556 24.94 18.66 -28.88
C LEU B 556 23.55 18.22 -28.42
N PHE B 557 22.78 19.14 -27.82
CA PHE B 557 21.49 18.73 -27.26
C PHE B 557 20.48 18.34 -28.34
N LYS B 558 20.56 18.95 -29.52
CA LYS B 558 19.65 18.63 -30.60
C LYS B 558 20.16 17.53 -31.52
N THR B 559 21.30 16.91 -31.19
CA THR B 559 21.82 15.79 -31.95
C THR B 559 22.04 14.54 -31.11
N ASN B 560 22.09 14.67 -29.78
CA ASN B 560 22.22 13.53 -28.88
C ASN B 560 21.13 13.64 -27.82
N ARG B 561 20.55 12.48 -27.45
CA ARG B 561 19.52 12.49 -26.42
C ARG B 561 20.10 12.93 -25.08
N LYS B 562 21.29 12.45 -24.74
CA LYS B 562 22.01 12.89 -23.55
C LYS B 562 23.31 13.56 -23.97
N VAL B 563 23.77 14.50 -23.15
CA VAL B 563 24.98 15.27 -23.42
C VAL B 563 25.92 15.07 -22.24
N THR B 564 27.02 14.34 -22.47
CA THR B 564 28.01 14.14 -21.43
C THR B 564 29.01 15.30 -21.40
N VAL B 565 29.75 15.39 -20.31
CA VAL B 565 30.80 16.40 -20.21
C VAL B 565 31.90 16.14 -21.23
N LYS B 566 32.21 14.86 -21.46
CA LYS B 566 33.24 14.52 -22.45
C LYS B 566 32.85 15.01 -23.84
N GLN B 567 31.55 14.92 -24.19
CA GLN B 567 31.10 15.46 -25.46
C GLN B 567 31.22 16.98 -25.49
N LEU B 568 30.94 17.63 -24.36
CA LEU B 568 31.07 19.09 -24.30
C LEU B 568 32.52 19.51 -24.52
N LYS B 569 33.47 18.81 -23.89
CA LYS B 569 34.87 19.17 -24.04
C LYS B 569 35.39 18.87 -25.44
N GLU B 570 35.02 17.71 -25.99
CA GLU B 570 35.60 17.26 -27.25
C GLU B 570 34.82 17.75 -28.47
N ASP B 571 33.49 17.72 -28.41
CA ASP B 571 32.68 18.06 -29.58
C ASP B 571 32.28 19.52 -29.64
N TYR B 572 32.56 20.30 -28.61
CA TYR B 572 32.36 21.75 -28.70
C TYR B 572 33.64 22.52 -28.39
N PHE B 573 34.22 22.35 -27.20
CA PHE B 573 35.37 23.17 -26.83
C PHE B 573 36.59 22.86 -27.68
N LYS B 574 36.70 21.64 -28.21
CA LYS B 574 37.80 21.30 -29.10
C LYS B 574 37.50 21.66 -30.54
N LYS B 575 36.36 21.22 -31.07
CA LYS B 575 36.05 21.48 -32.47
C LYS B 575 35.75 22.96 -32.72
N ILE B 576 34.96 23.58 -31.84
CA ILE B 576 34.55 24.97 -32.06
C ILE B 576 35.53 25.92 -31.40
N GLU B 577 35.67 25.84 -30.07
CA GLU B 577 36.50 26.78 -29.35
C GLU B 577 38.00 26.54 -29.55
N GLU B 578 38.39 25.41 -30.14
CA GLU B 578 39.79 25.07 -30.37
C GLU B 578 40.58 25.05 -29.07
N PHE B 579 39.99 24.48 -28.03
CA PHE B 579 40.65 24.29 -26.74
C PHE B 579 41.14 22.84 -26.66
N ASP B 580 42.44 22.66 -26.41
CA ASP B 580 42.95 21.32 -26.18
C ASP B 580 42.54 20.80 -24.81
N SER B 581 42.69 21.63 -23.78
CA SER B 581 42.26 21.30 -22.43
C SER B 581 41.32 22.39 -21.92
N VAL B 582 40.37 21.97 -21.08
CA VAL B 582 39.40 22.90 -20.50
C VAL B 582 38.79 22.23 -19.27
N GLU B 583 38.59 23.02 -18.23
CA GLU B 583 37.93 22.56 -17.01
C GLU B 583 36.51 23.11 -16.97
N ILE B 584 35.57 22.24 -16.60
CA ILE B 584 34.15 22.54 -16.61
C ILE B 584 33.62 22.45 -15.18
N SER B 585 32.87 23.46 -14.77
CA SER B 585 32.14 23.43 -13.52
C SER B 585 30.65 23.64 -13.79
N GLY B 586 29.83 23.21 -12.84
CA GLY B 586 28.39 23.35 -12.95
C GLY B 586 27.68 22.12 -13.48
N VAL B 587 28.41 21.12 -13.95
CA VAL B 587 27.84 19.87 -14.43
C VAL B 587 28.87 18.76 -14.23
N GLU B 588 28.41 17.62 -13.74
CA GLU B 588 29.28 16.48 -13.47
C GLU B 588 28.84 15.30 -14.33
N ASP B 589 29.82 14.66 -14.98
CA ASP B 589 29.60 13.48 -15.81
C ASP B 589 28.76 13.79 -17.05
N ARG B 590 27.52 14.23 -16.84
CA ARG B 590 26.64 14.55 -17.96
C ARG B 590 25.55 15.50 -17.49
N PHE B 591 24.96 16.21 -18.45
CA PHE B 591 23.87 17.11 -18.14
C PHE B 591 22.65 16.33 -17.67
N ASN B 592 22.03 16.80 -16.58
CA ASN B 592 20.82 16.14 -16.08
C ASN B 592 19.64 16.39 -17.00
N ALA B 593 19.47 17.63 -17.46
CA ALA B 593 18.38 17.96 -18.37
C ALA B 593 18.71 17.52 -19.78
N SER B 594 17.66 17.33 -20.58
CA SER B 594 17.82 16.86 -21.94
C SER B 594 16.55 17.18 -22.73
N LEU B 595 16.68 17.14 -24.05
CA LEU B 595 15.57 17.43 -24.96
C LEU B 595 14.96 16.13 -25.48
N GLY B 596 14.37 15.38 -24.56
CA GLY B 596 13.86 14.06 -24.90
C GLY B 596 12.75 14.09 -25.92
N THR B 597 11.81 15.02 -25.78
CA THR B 597 10.69 15.09 -26.71
C THR B 597 11.15 15.55 -28.09
N TYR B 598 12.13 16.46 -28.15
CA TYR B 598 12.66 16.91 -29.43
C TYR B 598 13.14 15.73 -30.27
N HIS B 599 13.85 14.78 -29.65
CA HIS B 599 14.33 13.62 -30.38
C HIS B 599 13.22 12.59 -30.62
N ASP B 600 12.23 12.53 -29.72
CA ASP B 600 11.06 11.70 -29.98
C ASP B 600 10.34 12.16 -31.24
N LEU B 601 10.04 13.47 -31.31
CA LEU B 601 9.31 14.00 -32.46
C LEU B 601 10.16 14.00 -33.72
N LEU B 602 11.47 14.18 -33.59
CA LEU B 602 12.35 14.15 -34.76
C LEU B 602 12.29 12.80 -35.45
N LYS B 603 12.30 11.71 -34.68
CA LYS B 603 12.21 10.38 -35.29
C LYS B 603 10.83 10.14 -35.92
N ILE B 604 9.80 10.81 -35.41
CA ILE B 604 8.44 10.59 -35.92
C ILE B 604 8.19 11.43 -37.17
N ILE B 605 8.41 12.74 -37.08
CA ILE B 605 8.10 13.61 -38.21
C ILE B 605 9.24 13.71 -39.22
N LYS B 606 10.47 13.39 -38.82
CA LYS B 606 11.62 13.37 -39.72
C LYS B 606 11.82 14.71 -40.41
N ASP B 607 11.63 15.80 -39.65
CA ASP B 607 11.71 17.15 -40.20
C ASP B 607 12.34 18.04 -39.13
N LYS B 608 13.68 18.09 -39.12
CA LYS B 608 14.38 18.90 -38.12
C LYS B 608 14.07 20.38 -38.29
N ASP B 609 13.99 20.85 -39.54
CA ASP B 609 13.71 22.26 -39.78
C ASP B 609 12.35 22.66 -39.23
N PHE B 610 11.37 21.75 -39.32
CA PHE B 610 10.06 22.02 -38.73
C PHE B 610 10.17 22.20 -37.22
N LEU B 611 10.98 21.36 -36.56
CA LEU B 611 11.11 21.44 -35.12
C LEU B 611 11.85 22.70 -34.68
N ASP B 612 12.81 23.16 -35.47
CA ASP B 612 13.60 24.33 -35.14
C ASP B 612 12.94 25.65 -35.51
N ASN B 613 11.87 25.61 -36.30
CA ASN B 613 11.17 26.83 -36.70
C ASN B 613 10.28 27.31 -35.56
N GLU B 614 10.56 28.50 -35.05
CA GLU B 614 9.79 29.04 -33.93
C GLU B 614 8.33 29.28 -34.27
N GLU B 615 8.01 29.42 -35.56
CA GLU B 615 6.62 29.59 -35.97
C GLU B 615 5.77 28.39 -35.56
N ASN B 616 6.37 27.21 -35.50
CA ASN B 616 5.65 25.98 -35.17
C ASN B 616 5.62 25.70 -33.68
N GLU B 617 5.92 26.70 -32.86
CA GLU B 617 5.98 26.46 -31.41
C GLU B 617 4.60 26.23 -30.82
N ASP B 618 3.59 26.98 -31.28
CA ASP B 618 2.24 26.79 -30.77
C ASP B 618 1.69 25.43 -31.17
N ILE B 619 1.95 25.01 -32.40
CA ILE B 619 1.45 23.71 -32.88
C ILE B 619 2.08 22.58 -32.08
N LEU B 620 3.39 22.66 -31.83
CA LEU B 620 4.08 21.57 -31.14
C LEU B 620 3.71 21.52 -29.66
N GLU B 621 3.39 22.67 -29.06
CA GLU B 621 2.94 22.65 -27.67
C GLU B 621 1.55 22.04 -27.54
N ASP B 622 0.67 22.31 -28.50
CA ASP B 622 -0.67 21.73 -28.47
C ASP B 622 -0.62 20.23 -28.80
N ILE B 623 0.31 19.80 -29.64
CA ILE B 623 0.44 18.38 -29.95
C ILE B 623 0.84 17.61 -28.70
N VAL B 624 1.89 18.07 -28.01
CA VAL B 624 2.33 17.39 -26.79
C VAL B 624 1.27 17.49 -25.70
N LEU B 625 0.52 18.58 -25.67
CA LEU B 625 -0.58 18.70 -24.71
C LEU B 625 -1.65 17.64 -24.97
N THR B 626 -2.00 17.44 -26.25
CA THR B 626 -2.95 16.39 -26.60
C THR B 626 -2.40 15.01 -26.24
N LEU B 627 -1.13 14.76 -26.54
CA LEU B 627 -0.52 13.47 -26.23
C LEU B 627 -0.45 13.22 -24.74
N THR B 628 -0.36 14.28 -23.93
CA THR B 628 -0.30 14.15 -22.49
C THR B 628 -1.69 14.05 -21.86
N LEU B 629 -2.63 14.86 -22.33
CA LEU B 629 -3.95 14.92 -21.72
C LEU B 629 -4.72 13.61 -21.91
N PHE B 630 -4.78 13.13 -23.14
CA PHE B 630 -5.58 11.96 -23.48
C PHE B 630 -4.73 10.69 -23.48
N GLU B 631 -5.39 9.56 -23.21
CA GLU B 631 -4.77 8.25 -23.33
C GLU B 631 -5.31 7.43 -24.50
N ASP B 632 -6.56 7.65 -24.88
CA ASP B 632 -7.17 6.88 -25.97
C ASP B 632 -6.60 7.33 -27.31
N ARG B 633 -6.01 6.39 -28.06
CA ARG B 633 -5.37 6.74 -29.32
C ARG B 633 -6.36 7.33 -30.31
N GLU B 634 -7.62 6.91 -30.27
CA GLU B 634 -8.60 7.45 -31.21
C GLU B 634 -9.00 8.87 -30.85
N MET B 635 -9.15 9.16 -29.55
CA MET B 635 -9.37 10.54 -29.13
C MET B 635 -8.18 11.41 -29.46
N ILE B 636 -6.97 10.85 -29.34
CA ILE B 636 -5.77 11.61 -29.69
C ILE B 636 -5.75 11.92 -31.18
N GLU B 637 -6.02 10.91 -32.02
CA GLU B 637 -6.08 11.14 -33.46
C GLU B 637 -7.14 12.18 -33.80
N GLU B 638 -8.30 12.11 -33.15
CA GLU B 638 -9.36 13.09 -33.38
C GLU B 638 -8.87 14.50 -33.08
N ARG B 639 -8.19 14.68 -31.96
CA ARG B 639 -7.72 15.99 -31.53
C ARG B 639 -6.50 16.48 -32.32
N LEU B 640 -5.87 15.61 -33.10
CA LEU B 640 -4.66 15.96 -33.85
C LEU B 640 -4.93 16.28 -35.31
N LYS B 641 -6.12 15.96 -35.83
CA LYS B 641 -6.33 16.10 -37.27
C LYS B 641 -6.48 17.55 -37.72
N THR B 642 -6.48 18.53 -36.81
CA THR B 642 -6.34 19.92 -37.23
C THR B 642 -4.99 20.16 -37.89
N TYR B 643 -3.99 19.34 -37.57
CA TYR B 643 -2.67 19.45 -38.17
C TYR B 643 -2.39 18.33 -39.16
N ALA B 644 -3.43 17.57 -39.56
CA ALA B 644 -3.23 16.42 -40.44
C ALA B 644 -2.63 16.81 -41.78
N HIS B 645 -2.95 18.00 -42.28
CA HIS B 645 -2.39 18.46 -43.55
C HIS B 645 -0.90 18.75 -43.46
N LEU B 646 -0.37 18.87 -42.24
CA LEU B 646 1.04 19.20 -42.07
C LEU B 646 1.96 17.99 -42.21
N PHE B 647 1.44 16.77 -42.03
CA PHE B 647 2.26 15.58 -41.95
C PHE B 647 1.74 14.50 -42.89
N ASP B 648 2.64 13.63 -43.32
CA ASP B 648 2.23 12.42 -44.03
C ASP B 648 1.31 11.58 -43.16
N ASP B 649 0.40 10.87 -43.81
CA ASP B 649 -0.53 10.01 -43.06
C ASP B 649 0.22 8.94 -42.29
N LYS B 650 1.37 8.50 -42.79
CA LYS B 650 2.20 7.56 -42.03
C LYS B 650 2.77 8.22 -40.79
N VAL B 651 3.13 9.51 -40.88
CA VAL B 651 3.63 10.23 -39.72
C VAL B 651 2.53 10.39 -38.67
N MET B 652 1.32 10.74 -39.11
CA MET B 652 0.21 10.89 -38.16
C MET B 652 -0.07 9.59 -37.42
N LYS B 653 0.10 8.45 -38.10
CA LYS B 653 -0.09 7.17 -37.43
C LYS B 653 0.90 6.97 -36.29
N GLN B 654 2.17 7.37 -36.52
CA GLN B 654 3.16 7.25 -35.45
C GLN B 654 2.99 8.33 -34.40
N LEU B 655 2.43 9.49 -34.78
CA LEU B 655 2.25 10.58 -33.84
C LEU B 655 1.19 10.24 -32.79
N LYS B 656 0.12 9.54 -33.20
CA LYS B 656 -0.93 9.19 -32.26
C LYS B 656 -0.50 8.10 -31.28
N ARG B 657 0.52 7.32 -31.62
CA ARG B 657 1.05 6.31 -30.71
C ARG B 657 2.05 6.86 -29.71
N ARG B 658 2.55 8.08 -29.94
CA ARG B 658 3.54 8.72 -29.07
C ARG B 658 2.80 9.39 -27.92
N ARG B 659 2.65 8.67 -26.81
CA ARG B 659 1.93 9.19 -25.67
C ARG B 659 2.90 9.55 -24.54
N TYR B 660 2.50 10.55 -23.76
CA TYR B 660 3.28 11.03 -22.64
C TYR B 660 2.40 11.11 -21.40
N THR B 661 3.02 10.97 -20.23
CA THR B 661 2.35 11.11 -18.96
C THR B 661 3.16 12.02 -18.06
N GLY B 662 2.47 12.81 -17.25
CA GLY B 662 3.18 13.61 -16.28
C GLY B 662 3.11 15.09 -16.61
N TRP B 663 3.13 15.90 -15.55
CA TRP B 663 3.02 17.34 -15.67
C TRP B 663 4.17 18.01 -14.94
N GLY B 664 4.58 19.17 -15.43
CA GLY B 664 5.68 19.90 -14.84
C GLY B 664 5.25 20.68 -13.60
N ARG B 665 6.16 21.54 -13.15
CA ARG B 665 5.93 22.36 -11.97
C ARG B 665 5.61 23.81 -12.30
N LEU B 666 5.81 24.23 -13.56
CA LEU B 666 5.66 25.62 -13.96
C LEU B 666 4.76 25.72 -15.18
N SER B 667 4.19 26.91 -15.36
CA SER B 667 3.29 27.19 -16.47
C SER B 667 4.03 27.78 -17.66
N ARG B 668 3.38 27.73 -18.82
CA ARG B 668 3.96 28.34 -20.01
C ARG B 668 4.04 29.86 -19.87
N LYS B 669 3.04 30.47 -19.22
CA LYS B 669 3.04 31.92 -19.05
C LYS B 669 4.20 32.39 -18.19
N LEU B 670 4.64 31.57 -17.23
CA LEU B 670 5.76 31.96 -16.40
C LEU B 670 7.08 31.85 -17.14
N ILE B 671 7.33 30.70 -17.78
CA ILE B 671 8.66 30.46 -18.33
C ILE B 671 8.88 31.23 -19.64
N ASN B 672 7.82 31.50 -20.41
CA ASN B 672 8.01 32.16 -21.69
C ASN B 672 6.84 33.08 -22.06
N GLY B 673 6.12 33.58 -21.06
CA GLY B 673 4.98 34.44 -21.32
C GLY B 673 5.15 35.84 -20.81
N ILE B 674 5.19 36.02 -19.48
CA ILE B 674 5.36 37.35 -18.92
C ILE B 674 6.74 37.87 -19.30
N ARG B 675 6.81 39.18 -19.54
CA ARG B 675 8.04 39.82 -19.99
C ARG B 675 8.49 40.85 -18.97
N ASP B 676 9.80 40.94 -18.77
CA ASP B 676 10.35 42.03 -17.99
C ASP B 676 10.09 43.34 -18.70
N LYS B 677 9.58 44.32 -17.95
CA LYS B 677 9.05 45.54 -18.57
C LYS B 677 10.13 46.30 -19.33
N GLN B 678 11.28 46.54 -18.70
CA GLN B 678 12.30 47.38 -19.33
C GLN B 678 12.99 46.67 -20.49
N SER B 679 13.20 45.36 -20.37
CA SER B 679 13.91 44.63 -21.42
C SER B 679 12.97 44.00 -22.45
N GLY B 680 11.75 43.64 -22.05
CA GLY B 680 10.86 42.95 -22.95
C GLY B 680 11.14 41.47 -23.11
N LYS B 681 12.04 40.91 -22.31
CA LYS B 681 12.44 39.53 -22.42
C LYS B 681 11.64 38.65 -21.45
N THR B 682 11.28 37.46 -21.91
CA THR B 682 10.66 36.47 -21.04
C THR B 682 11.72 35.78 -20.20
N ILE B 683 11.28 34.88 -19.32
CA ILE B 683 12.22 34.16 -18.47
C ILE B 683 13.13 33.28 -19.31
N LEU B 684 12.55 32.56 -20.27
CA LEU B 684 13.37 31.74 -21.16
C LEU B 684 14.32 32.59 -21.99
N ASP B 685 13.92 33.82 -22.35
CA ASP B 685 14.82 34.72 -23.05
C ASP B 685 16.08 34.98 -22.23
N PHE B 686 15.90 35.29 -20.94
CA PHE B 686 17.06 35.53 -20.07
C PHE B 686 17.93 34.29 -19.94
N LEU B 687 17.31 33.12 -19.82
CA LEU B 687 18.08 31.88 -19.73
C LEU B 687 18.89 31.64 -21.00
N LYS B 688 18.37 32.05 -22.16
CA LYS B 688 19.12 31.90 -23.40
C LYS B 688 20.27 32.90 -23.47
N SER B 689 20.04 34.14 -23.02
CA SER B 689 21.06 35.17 -23.10
C SER B 689 20.78 36.23 -22.04
N ASP B 690 21.71 36.38 -21.10
CA ASP B 690 21.61 37.40 -20.06
C ASP B 690 23.00 38.04 -19.83
N GLY B 691 23.53 38.64 -20.89
CA GLY B 691 24.82 39.32 -20.81
C GLY B 691 25.93 38.48 -20.24
N PHE B 692 26.56 38.95 -19.17
CA PHE B 692 27.58 38.19 -18.46
C PHE B 692 27.15 37.80 -17.05
N ALA B 693 25.86 37.93 -16.73
CA ALA B 693 25.35 37.55 -15.42
C ALA B 693 24.77 36.15 -15.39
N ASN B 694 24.13 35.72 -16.48
CA ASN B 694 23.56 34.38 -16.61
C ASN B 694 22.67 34.03 -15.42
N ARG B 695 21.74 34.93 -15.11
CA ARG B 695 20.79 34.66 -14.03
C ARG B 695 19.90 33.48 -14.38
N ASN B 696 19.73 32.57 -13.42
CA ASN B 696 18.88 31.41 -13.64
C ASN B 696 17.47 31.71 -13.13
N PHE B 697 16.63 30.68 -13.07
CA PHE B 697 15.21 30.88 -12.76
C PHE B 697 15.02 31.50 -11.38
N MET B 698 15.68 30.94 -10.36
CA MET B 698 15.56 31.48 -9.01
C MET B 698 16.03 32.93 -8.94
N GLN B 699 17.14 33.24 -9.61
CA GLN B 699 17.67 34.60 -9.58
C GLN B 699 16.74 35.57 -10.31
N LEU B 700 16.12 35.11 -11.41
CA LEU B 700 15.30 36.02 -12.21
C LEU B 700 14.04 36.45 -11.49
N ILE B 701 13.37 35.52 -10.80
CA ILE B 701 12.10 35.85 -10.14
C ILE B 701 12.29 36.47 -8.76
N HIS B 702 13.54 36.63 -8.31
CA HIS B 702 13.83 37.28 -7.04
C HIS B 702 14.59 38.59 -7.21
N ASP B 703 14.88 38.99 -8.44
CA ASP B 703 15.68 40.19 -8.69
C ASP B 703 14.79 41.42 -8.67
N ASP B 704 15.08 42.36 -7.76
CA ASP B 704 14.27 43.56 -7.64
C ASP B 704 14.44 44.51 -8.82
N SER B 705 15.50 44.36 -9.62
CA SER B 705 15.67 45.19 -10.80
C SER B 705 14.90 44.67 -12.01
N LEU B 706 14.16 43.57 -11.86
CA LEU B 706 13.28 43.05 -12.89
C LEU B 706 11.85 43.03 -12.37
N THR B 707 10.89 42.99 -13.30
CA THR B 707 9.48 43.04 -12.95
C THR B 707 8.84 41.66 -12.81
N PHE B 708 9.65 40.59 -12.84
CA PHE B 708 9.09 39.26 -12.64
C PHE B 708 8.60 39.08 -11.21
N LYS B 709 9.37 39.56 -10.23
CA LYS B 709 9.03 39.34 -8.83
C LYS B 709 7.71 40.03 -8.47
N GLU B 710 7.52 41.27 -8.90
CA GLU B 710 6.30 42.00 -8.55
C GLU B 710 5.08 41.42 -9.27
N ASP B 711 5.25 40.94 -10.50
CA ASP B 711 4.13 40.35 -11.22
C ASP B 711 3.71 39.02 -10.61
N ILE B 712 4.69 38.25 -10.12
CA ILE B 712 4.36 37.02 -9.41
C ILE B 712 3.66 37.33 -8.09
N GLN B 713 4.04 38.44 -7.44
CA GLN B 713 3.38 38.83 -6.21
C GLN B 713 1.95 39.30 -6.48
N LYS B 714 1.76 40.12 -7.53
CA LYS B 714 0.43 40.60 -7.88
C LYS B 714 -0.48 39.49 -8.38
N ALA B 715 0.07 38.31 -8.69
CA ALA B 715 -0.73 37.19 -9.16
C ALA B 715 -1.25 36.30 -8.02
N GLN B 716 -0.68 36.41 -6.83
CA GLN B 716 -1.10 35.60 -5.69
C GLN B 716 -2.51 35.96 -5.25
N ASP B 722 -9.68 26.49 4.44
CA ASP B 722 -9.54 25.24 5.16
C ASP B 722 -9.73 25.42 6.66
N SER B 723 -10.55 24.56 7.24
CA SER B 723 -10.66 24.48 8.69
C SER B 723 -9.50 23.65 9.24
N LEU B 724 -9.41 23.56 10.56
CA LEU B 724 -8.35 22.76 11.19
C LEU B 724 -8.44 21.31 10.74
N HIS B 725 -9.65 20.74 10.73
CA HIS B 725 -9.81 19.35 10.33
C HIS B 725 -9.50 19.16 8.85
N GLU B 726 -10.02 20.06 8.00
CA GLU B 726 -9.73 19.98 6.57
C GLU B 726 -8.22 20.09 6.32
N HIS B 727 -7.55 21.00 7.03
CA HIS B 727 -6.11 21.17 6.85
C HIS B 727 -5.36 19.90 7.23
N ILE B 728 -5.69 19.32 8.38
CA ILE B 728 -5.01 18.11 8.82
C ILE B 728 -5.31 16.95 7.87
N ALA B 729 -6.56 16.84 7.43
CA ALA B 729 -6.93 15.74 6.54
C ALA B 729 -6.16 15.81 5.23
N ASN B 730 -5.91 17.01 4.71
CA ASN B 730 -5.21 17.17 3.44
C ASN B 730 -3.70 17.03 3.57
N LEU B 731 -3.18 16.74 4.76
CA LEU B 731 -1.75 16.53 4.93
C LEU B 731 -1.34 15.18 4.37
N ALA B 732 -0.11 15.12 3.87
CA ALA B 732 0.46 13.87 3.42
C ALA B 732 0.97 13.06 4.61
N GLY B 733 0.74 11.76 4.58
CA GLY B 733 1.08 10.90 5.69
C GLY B 733 -0.02 9.92 5.98
N SER B 734 0.26 8.90 6.78
CA SER B 734 -0.75 7.88 7.06
C SER B 734 -1.94 8.50 7.78
N PRO B 735 -3.18 8.23 7.33
CA PRO B 735 -4.34 8.62 8.14
C PRO B 735 -4.30 8.11 9.58
N ALA B 736 -3.43 7.15 9.89
CA ALA B 736 -3.25 6.74 11.27
C ALA B 736 -2.59 7.85 12.08
N ILE B 737 -1.43 8.35 11.62
CA ILE B 737 -0.74 9.39 12.36
C ILE B 737 -1.55 10.69 12.33
N LYS B 738 -2.33 10.91 11.27
CA LYS B 738 -3.13 12.13 11.21
C LYS B 738 -4.23 12.15 12.24
N LYS B 739 -4.68 10.98 12.72
CA LYS B 739 -5.65 10.95 13.79
C LYS B 739 -5.06 11.51 15.08
N GLY B 740 -3.84 11.09 15.42
CA GLY B 740 -3.19 11.61 16.61
C GLY B 740 -2.90 13.10 16.53
N ILE B 741 -2.76 13.63 15.33
CA ILE B 741 -2.44 15.05 15.16
C ILE B 741 -3.62 15.90 15.61
N LEU B 742 -4.83 15.59 15.12
CA LEU B 742 -6.00 16.36 15.51
C LEU B 742 -6.31 16.18 16.99
N GLN B 743 -6.14 14.96 17.52
CA GLN B 743 -6.35 14.75 18.95
C GLN B 743 -5.34 15.53 19.77
N THR B 744 -4.12 15.67 19.27
CA THR B 744 -3.11 16.46 19.98
C THR B 744 -3.55 17.91 20.14
N VAL B 745 -4.10 18.51 19.08
CA VAL B 745 -4.57 19.89 19.16
C VAL B 745 -5.70 20.01 20.19
N LYS B 746 -6.59 19.02 20.23
CA LYS B 746 -7.68 19.07 21.19
C LYS B 746 -7.19 18.90 22.63
N VAL B 747 -6.15 18.07 22.83
CA VAL B 747 -5.56 17.93 24.16
C VAL B 747 -4.96 19.26 24.60
N VAL B 748 -4.26 19.95 23.70
CA VAL B 748 -3.62 21.22 24.06
C VAL B 748 -4.69 22.25 24.43
N ASP B 749 -5.76 22.34 23.63
CA ASP B 749 -6.82 23.30 23.93
C ASP B 749 -7.37 23.10 25.33
N GLU B 750 -7.62 21.84 25.72
CA GLU B 750 -8.19 21.58 27.04
C GLU B 750 -7.19 21.90 28.16
N LEU B 751 -5.91 21.59 27.95
CA LEU B 751 -4.92 21.87 28.98
C LEU B 751 -4.79 23.36 29.22
N VAL B 752 -4.82 24.18 28.16
CA VAL B 752 -4.77 25.62 28.33
C VAL B 752 -5.97 26.11 29.12
N LYS B 753 -7.17 25.58 28.82
CA LYS B 753 -8.36 25.93 29.58
C LYS B 753 -8.22 25.49 31.03
N VAL B 754 -7.53 24.37 31.28
CA VAL B 754 -7.28 23.95 32.65
C VAL B 754 -6.38 24.93 33.37
N MET B 755 -5.40 25.50 32.66
CA MET B 755 -4.45 26.42 33.28
C MET B 755 -4.98 27.85 33.22
N GLY B 756 -6.28 28.02 33.37
CA GLY B 756 -6.89 29.32 33.40
C GLY B 756 -6.72 30.14 32.14
N ARG B 757 -6.71 29.48 30.98
CA ARG B 757 -6.56 30.11 29.66
C ARG B 757 -5.22 30.82 29.49
N HIS B 758 -4.28 30.60 30.40
CA HIS B 758 -2.91 31.06 30.20
C HIS B 758 -2.17 30.11 29.28
N LYS B 759 -1.41 30.68 28.33
CA LYS B 759 -0.68 29.86 27.39
C LYS B 759 0.65 29.40 27.98
N PRO B 760 1.15 28.24 27.57
CA PRO B 760 2.40 27.73 28.12
C PRO B 760 3.61 28.49 27.59
N GLU B 761 4.72 28.36 28.32
CA GLU B 761 5.98 28.89 27.84
C GLU B 761 6.47 28.12 26.63
N ASN B 762 6.49 26.79 26.72
CA ASN B 762 6.92 25.94 25.62
C ASN B 762 5.92 24.81 25.42
N ILE B 763 5.93 24.28 24.20
CA ILE B 763 5.26 23.03 23.86
C ILE B 763 6.29 22.15 23.19
N VAL B 764 6.60 21.00 23.79
CA VAL B 764 7.59 20.08 23.26
C VAL B 764 6.85 18.89 22.66
N ILE B 765 6.99 18.71 21.34
CA ILE B 765 6.32 17.63 20.62
C ILE B 765 7.36 16.60 20.19
N GLU B 766 6.97 15.33 20.27
CA GLU B 766 7.77 14.23 19.75
C GLU B 766 6.83 13.28 19.03
N MET B 767 7.18 12.88 17.82
CA MET B 767 6.34 12.01 17.00
C MET B 767 7.04 10.68 16.79
N ALA B 768 6.30 9.60 17.01
CA ALA B 768 6.86 8.26 16.85
C ALA B 768 7.26 8.00 15.41
N ARG B 769 8.22 7.10 15.22
CA ARG B 769 8.73 6.77 13.90
C ARG B 769 7.68 6.07 13.05
N ASN B 780 3.48 -6.56 3.04
CA ASN B 780 4.72 -7.07 3.62
C ASN B 780 5.11 -8.39 2.96
N SER B 781 4.65 -9.49 3.55
CA SER B 781 4.96 -10.82 3.03
C SER B 781 4.42 -11.03 1.62
N ARG B 782 3.41 -10.26 1.22
CA ARG B 782 2.89 -10.38 -0.14
C ARG B 782 3.84 -9.74 -1.14
N GLU B 783 4.33 -8.53 -0.84
CA GLU B 783 5.21 -7.84 -1.78
C GLU B 783 6.60 -8.47 -1.81
N ARG B 784 7.05 -9.04 -0.69
CA ARG B 784 8.38 -9.64 -0.66
C ARG B 784 8.50 -10.79 -1.66
N MET B 785 7.47 -11.64 -1.73
CA MET B 785 7.49 -12.73 -2.69
C MET B 785 7.47 -12.21 -4.12
N LYS B 786 6.88 -11.02 -4.34
CA LYS B 786 6.80 -10.46 -5.68
C LYS B 786 8.14 -9.87 -6.12
N ARG B 787 8.84 -9.18 -5.21
CA ARG B 787 10.12 -8.59 -5.57
C ARG B 787 11.16 -9.65 -5.88
N ILE B 788 11.09 -10.79 -5.17
CA ILE B 788 12.04 -11.87 -5.41
C ILE B 788 11.71 -12.61 -6.70
N GLU B 789 10.43 -12.83 -6.96
CA GLU B 789 10.03 -13.50 -8.20
C GLU B 789 10.41 -12.65 -9.42
N GLU B 790 10.11 -11.35 -9.37
CA GLU B 790 10.47 -10.47 -10.48
C GLU B 790 11.97 -10.31 -10.58
N GLY B 791 12.67 -10.26 -9.45
CA GLY B 791 14.11 -10.05 -9.48
C GLY B 791 14.88 -11.27 -9.97
N ILE B 792 14.49 -12.46 -9.51
CA ILE B 792 15.17 -13.67 -9.95
C ILE B 792 14.86 -13.95 -11.42
N LYS B 793 13.66 -13.59 -11.88
CA LYS B 793 13.34 -13.73 -13.31
C LYS B 793 14.20 -12.79 -14.16
N GLU B 794 14.50 -11.60 -13.64
CA GLU B 794 15.37 -10.68 -14.36
C GLU B 794 16.79 -11.22 -14.46
N LEU B 795 17.27 -11.88 -13.40
CA LEU B 795 18.60 -12.47 -13.41
C LEU B 795 18.68 -13.76 -14.20
N GLY B 796 17.54 -14.40 -14.48
CA GLY B 796 17.57 -15.72 -15.08
C GLY B 796 18.13 -16.79 -14.19
N SER B 797 18.07 -16.59 -12.87
CA SER B 797 18.61 -17.54 -11.91
C SER B 797 17.59 -18.64 -11.60
N GLN B 798 18.11 -19.81 -11.24
CA GLN B 798 17.29 -20.96 -10.86
C GLN B 798 17.28 -21.19 -9.36
N ILE B 799 17.48 -20.13 -8.57
CA ILE B 799 17.54 -20.29 -7.12
C ILE B 799 16.16 -20.63 -6.56
N LEU B 800 15.08 -20.11 -7.17
CA LEU B 800 13.74 -20.42 -6.68
C LEU B 800 13.36 -21.87 -6.97
N LYS B 801 13.90 -22.45 -8.05
CA LYS B 801 13.64 -23.85 -8.33
C LYS B 801 14.46 -24.76 -7.41
N GLU B 802 15.68 -24.34 -7.08
CA GLU B 802 16.52 -25.13 -6.19
C GLU B 802 16.08 -25.01 -4.74
N HIS B 803 15.51 -23.87 -4.35
CA HIS B 803 15.10 -23.61 -2.97
C HIS B 803 13.75 -22.90 -2.97
N PRO B 804 12.66 -23.64 -3.13
CA PRO B 804 11.33 -23.00 -3.12
C PRO B 804 11.00 -22.44 -1.75
N VAL B 805 10.13 -21.43 -1.75
CA VAL B 805 9.72 -20.73 -0.53
C VAL B 805 8.23 -20.47 -0.56
N GLU B 806 7.72 -20.01 0.58
CA GLU B 806 6.37 -19.50 0.71
C GLU B 806 6.44 -18.03 1.09
N ASN B 807 5.36 -17.30 0.81
CA ASN B 807 5.35 -15.87 1.07
C ASN B 807 5.52 -15.56 2.55
N THR B 808 5.15 -16.50 3.42
CA THR B 808 5.27 -16.28 4.86
C THR B 808 6.68 -16.51 5.37
N GLN B 809 7.48 -17.32 4.67
CA GLN B 809 8.85 -17.57 5.13
C GLN B 809 9.74 -16.35 4.95
N LEU B 810 9.46 -15.52 3.95
CA LEU B 810 10.28 -14.35 3.66
C LEU B 810 10.14 -13.24 4.71
N GLN B 811 9.33 -13.45 5.75
CA GLN B 811 9.30 -12.51 6.86
C GLN B 811 10.57 -12.56 7.69
N ASN B 812 11.30 -13.66 7.65
CA ASN B 812 12.60 -13.73 8.28
C ASN B 812 13.60 -12.90 7.48
N GLU B 813 14.31 -11.99 8.17
CA GLU B 813 15.14 -11.03 7.45
C GLU B 813 16.38 -11.68 6.85
N LYS B 814 16.90 -12.74 7.48
CA LYS B 814 18.08 -13.39 6.92
C LYS B 814 17.73 -14.20 5.67
N LEU B 815 16.61 -14.93 5.70
CA LEU B 815 16.17 -15.65 4.52
C LEU B 815 15.72 -14.70 3.42
N TYR B 816 15.16 -13.55 3.80
CA TYR B 816 14.76 -12.55 2.80
C TYR B 816 15.99 -11.96 2.11
N LEU B 817 17.05 -11.68 2.88
CA LEU B 817 18.29 -11.18 2.27
C LEU B 817 18.95 -12.25 1.42
N TYR B 818 18.77 -13.53 1.76
CA TYR B 818 19.39 -14.60 0.98
C TYR B 818 18.89 -14.60 -0.45
N TYR B 819 17.58 -14.39 -0.65
CA TYR B 819 17.03 -14.41 -2.00
C TYR B 819 17.19 -13.07 -2.71
N LEU B 820 17.24 -11.96 -1.97
CA LEU B 820 17.51 -10.67 -2.59
C LEU B 820 18.95 -10.59 -3.12
N GLN B 821 19.84 -11.45 -2.64
CA GLN B 821 21.22 -11.49 -3.09
C GLN B 821 21.51 -12.69 -3.98
N ASN B 822 20.46 -13.36 -4.48
CA ASN B 822 20.60 -14.56 -5.31
C ASN B 822 21.44 -15.63 -4.60
N GLY B 823 21.30 -15.72 -3.28
CA GLY B 823 22.04 -16.71 -2.51
C GLY B 823 23.53 -16.50 -2.48
N ARG B 824 24.00 -15.26 -2.51
CA ARG B 824 25.42 -14.97 -2.54
C ARG B 824 25.77 -13.97 -1.45
N ASP B 825 27.05 -13.91 -1.12
CA ASP B 825 27.57 -12.94 -0.17
C ASP B 825 27.72 -11.58 -0.85
N MET B 826 27.29 -10.52 -0.16
CA MET B 826 27.39 -9.17 -0.71
C MET B 826 28.81 -8.62 -0.66
N TYR B 827 29.67 -9.18 0.19
CA TYR B 827 31.03 -8.68 0.33
C TYR B 827 32.09 -9.61 -0.26
N VAL B 828 31.76 -10.87 -0.49
CA VAL B 828 32.67 -11.83 -1.10
C VAL B 828 31.94 -12.51 -2.25
N ASP B 829 32.63 -12.66 -3.38
CA ASP B 829 32.03 -13.28 -4.57
C ASP B 829 32.00 -14.79 -4.36
N GLN B 830 30.99 -15.24 -3.64
CA GLN B 830 30.87 -16.65 -3.29
C GLN B 830 29.42 -16.95 -2.92
N GLU B 831 29.01 -18.19 -3.16
CA GLU B 831 27.67 -18.62 -2.78
C GLU B 831 27.57 -18.78 -1.27
N LEU B 832 26.38 -18.51 -0.74
CA LEU B 832 26.05 -18.79 0.66
C LEU B 832 25.30 -20.10 0.76
N ASP B 833 25.36 -20.70 1.94
CA ASP B 833 24.63 -21.92 2.24
C ASP B 833 23.30 -21.56 2.88
N ILE B 834 22.20 -22.01 2.27
CA ILE B 834 20.88 -21.66 2.77
C ILE B 834 20.59 -22.29 4.13
N ASN B 835 21.29 -23.37 4.48
CA ASN B 835 21.12 -24.04 5.76
C ASN B 835 22.11 -23.55 6.81
N ARG B 836 22.90 -22.51 6.48
CA ARG B 836 23.91 -21.97 7.38
C ARG B 836 23.63 -20.51 7.74
N LEU B 837 22.37 -20.08 7.60
CA LEU B 837 22.05 -18.66 7.82
C LEU B 837 22.24 -18.25 9.27
N SER B 838 22.14 -19.20 10.20
CA SER B 838 22.31 -18.87 11.62
C SER B 838 23.75 -18.45 11.92
N ASP B 839 24.72 -18.90 11.13
CA ASP B 839 26.12 -18.54 11.33
C ASP B 839 26.53 -17.29 10.56
N TYR B 840 25.68 -16.76 9.70
CA TYR B 840 26.01 -15.59 8.90
C TYR B 840 25.68 -14.31 9.66
N ASP B 841 26.12 -13.18 9.09
CA ASP B 841 25.95 -11.87 9.71
C ASP B 841 25.07 -10.98 8.85
N VAL B 842 24.32 -10.10 9.51
CA VAL B 842 23.52 -9.07 8.87
C VAL B 842 24.16 -7.74 9.20
N ASP B 843 24.97 -7.22 8.28
CA ASP B 843 25.74 -6.01 8.52
C ASP B 843 25.07 -4.79 7.90
N ALA B 844 25.21 -3.65 8.59
CA ALA B 844 24.68 -2.40 8.08
C ALA B 844 25.67 -1.77 7.11
N ILE B 845 25.17 -1.37 5.93
CA ILE B 845 26.03 -0.73 4.94
C ILE B 845 26.62 0.55 5.48
N VAL B 846 25.75 1.52 5.81
CA VAL B 846 26.17 2.68 6.59
C VAL B 846 26.09 2.28 8.05
N PRO B 847 27.20 2.34 8.80
CA PRO B 847 27.19 1.84 10.18
C PRO B 847 26.09 2.49 11.01
N GLN B 848 25.38 1.66 11.77
CA GLN B 848 24.24 2.14 12.56
C GLN B 848 24.65 3.06 13.70
N SER B 849 25.95 3.19 13.98
CA SER B 849 26.40 4.20 14.93
C SER B 849 26.26 5.60 14.37
N PHE B 850 26.21 5.75 13.05
CA PHE B 850 26.02 7.04 12.40
C PHE B 850 24.57 7.31 11.99
N LEU B 851 23.90 6.32 11.41
CA LEU B 851 22.53 6.49 10.91
C LEU B 851 21.61 5.46 11.56
N LYS B 852 20.35 5.83 11.71
CA LYS B 852 19.36 4.96 12.37
C LYS B 852 18.44 4.35 11.32
N ASP B 853 19.01 3.45 10.52
CA ASP B 853 18.30 2.72 9.47
C ASP B 853 18.54 1.23 9.67
N ASP B 854 17.49 0.51 10.04
CA ASP B 854 17.54 -0.95 10.17
C ASP B 854 16.68 -1.64 9.11
N SER B 855 16.44 -0.98 7.98
CA SER B 855 15.63 -1.54 6.91
C SER B 855 16.50 -2.32 5.93
N ILE B 856 15.83 -3.03 5.01
CA ILE B 856 16.53 -3.82 4.00
C ILE B 856 17.43 -2.93 3.15
N ASP B 857 17.06 -1.65 2.98
CA ASP B 857 17.85 -0.74 2.19
C ASP B 857 19.22 -0.43 2.79
N ASN B 858 19.46 -0.82 4.05
CA ASN B 858 20.74 -0.56 4.70
C ASN B 858 21.31 -1.82 5.34
N LYS B 859 20.90 -3.00 4.90
CA LYS B 859 21.38 -4.25 5.46
C LYS B 859 21.70 -5.23 4.34
N VAL B 860 22.72 -6.06 4.57
CA VAL B 860 23.11 -7.12 3.64
C VAL B 860 23.44 -8.37 4.44
N LEU B 861 23.44 -9.50 3.75
CA LEU B 861 23.76 -10.79 4.34
C LEU B 861 25.15 -11.21 3.87
N THR B 862 26.07 -11.36 4.81
CA THR B 862 27.44 -11.74 4.52
C THR B 862 27.86 -12.90 5.43
N ARG B 863 28.88 -13.63 4.99
CA ARG B 863 29.40 -14.74 5.80
C ARG B 863 29.96 -14.21 7.12
N SER B 864 30.80 -13.18 7.05
CA SER B 864 31.37 -12.55 8.23
C SER B 864 31.41 -11.04 8.01
N ASP B 865 30.90 -10.28 8.98
CA ASP B 865 30.88 -8.83 8.84
C ASP B 865 32.29 -8.23 8.80
N LYS B 866 33.30 -8.95 9.28
CA LYS B 866 34.67 -8.45 9.22
C LYS B 866 35.16 -8.29 7.79
N ASN B 867 34.58 -9.02 6.84
CA ASN B 867 34.96 -8.91 5.44
C ASN B 867 34.43 -7.65 4.77
N ARG B 868 33.69 -6.81 5.50
CA ARG B 868 33.28 -5.52 4.98
C ARG B 868 34.45 -4.55 4.87
N GLY B 869 35.55 -4.83 5.55
CA GLY B 869 36.65 -3.88 5.70
C GLY B 869 36.71 -3.37 7.12
N LYS B 870 36.91 -2.07 7.28
CA LYS B 870 36.91 -1.48 8.61
C LYS B 870 35.48 -1.19 9.06
N SER B 871 35.31 -1.06 10.37
CA SER B 871 34.02 -0.71 10.96
C SER B 871 33.79 0.79 11.04
N ASP B 872 34.79 1.60 10.73
CA ASP B 872 34.62 3.06 10.79
C ASP B 872 33.69 3.55 9.71
N ASN B 873 33.80 3.01 8.50
CA ASN B 873 33.24 3.67 7.32
C ASN B 873 32.33 2.76 6.53
N VAL B 874 32.00 3.19 5.31
CA VAL B 874 31.30 2.40 4.31
C VAL B 874 32.21 1.22 3.94
N PRO B 875 31.69 0.15 3.34
CA PRO B 875 32.58 -0.95 2.91
C PRO B 875 33.78 -0.45 2.13
N SER B 876 34.93 -1.07 2.40
CA SER B 876 36.21 -0.57 1.88
C SER B 876 36.22 -0.56 0.35
N GLU B 877 37.20 0.16 -0.20
CA GLU B 877 37.31 0.28 -1.65
C GLU B 877 37.55 -1.08 -2.29
N GLU B 878 38.35 -1.94 -1.64
CA GLU B 878 38.65 -3.24 -2.21
C GLU B 878 37.39 -4.08 -2.37
N VAL B 879 36.45 -3.98 -1.44
CA VAL B 879 35.19 -4.69 -1.58
C VAL B 879 34.39 -4.14 -2.75
N VAL B 880 34.35 -2.82 -2.89
CA VAL B 880 33.62 -2.20 -3.99
C VAL B 880 34.23 -2.60 -5.33
N LYS B 881 35.56 -2.60 -5.42
CA LYS B 881 36.22 -2.98 -6.66
C LYS B 881 35.91 -4.43 -7.05
N LYS B 882 35.64 -5.29 -6.07
CA LYS B 882 35.37 -6.70 -6.33
C LYS B 882 33.90 -6.98 -6.56
N MET B 883 33.00 -6.22 -5.94
CA MET B 883 31.58 -6.56 -5.93
C MET B 883 30.70 -5.56 -6.66
N LYS B 884 31.27 -4.49 -7.22
CA LYS B 884 30.45 -3.48 -7.87
C LYS B 884 29.66 -4.05 -9.04
N ASN B 885 30.30 -4.92 -9.83
CA ASN B 885 29.59 -5.52 -10.97
C ASN B 885 28.47 -6.44 -10.50
N TYR B 886 28.73 -7.24 -9.46
CA TYR B 886 27.67 -8.09 -8.90
C TYR B 886 26.54 -7.24 -8.31
N TRP B 887 26.89 -6.11 -7.68
CA TRP B 887 25.86 -5.22 -7.16
C TRP B 887 25.04 -4.60 -8.29
N ARG B 888 25.65 -4.39 -9.45
CA ARG B 888 24.92 -3.80 -10.58
C ARG B 888 23.82 -4.73 -11.07
N GLN B 889 24.11 -6.02 -11.18
CA GLN B 889 23.10 -6.98 -11.62
C GLN B 889 21.93 -7.04 -10.64
N LEU B 890 22.20 -6.87 -9.35
CA LEU B 890 21.12 -6.81 -8.38
C LEU B 890 20.33 -5.52 -8.53
N LEU B 891 21.01 -4.42 -8.83
CA LEU B 891 20.31 -3.14 -9.05
C LEU B 891 19.45 -3.21 -10.32
N ASN B 892 19.94 -3.89 -11.36
CA ASN B 892 19.17 -4.03 -12.58
C ASN B 892 18.01 -5.01 -12.43
N ALA B 893 18.02 -5.83 -11.38
CA ALA B 893 16.92 -6.73 -11.08
C ALA B 893 16.01 -6.21 -9.98
N LYS B 894 16.21 -4.96 -9.56
CA LYS B 894 15.42 -4.33 -8.51
C LYS B 894 15.54 -5.06 -7.17
N LEU B 895 16.53 -5.95 -7.05
CA LEU B 895 16.79 -6.64 -5.79
C LEU B 895 17.44 -5.73 -4.76
N ILE B 896 18.14 -4.69 -5.20
CA ILE B 896 18.58 -3.60 -4.33
C ILE B 896 18.16 -2.29 -4.98
N THR B 897 17.96 -1.27 -4.16
CA THR B 897 17.56 0.03 -4.66
C THR B 897 18.78 0.85 -5.06
N GLN B 898 18.51 1.96 -5.78
CA GLN B 898 19.59 2.86 -6.17
C GLN B 898 20.25 3.47 -4.94
N ARG B 899 19.46 3.84 -3.93
CA ARG B 899 20.02 4.36 -2.69
C ARG B 899 20.90 3.31 -2.01
N LYS B 900 20.50 2.03 -2.07
CA LYS B 900 21.32 0.98 -1.50
C LYS B 900 22.61 0.81 -2.29
N PHE B 901 22.51 0.78 -3.63
CA PHE B 901 23.70 0.65 -4.47
C PHE B 901 24.65 1.81 -4.24
N ASP B 902 24.13 3.04 -4.16
CA ASP B 902 24.99 4.19 -3.94
C ASP B 902 25.69 4.12 -2.58
N ASN B 903 25.01 3.56 -1.57
CA ASN B 903 25.66 3.40 -0.28
C ASN B 903 26.69 2.27 -0.31
N LEU B 904 26.42 1.20 -1.05
CA LEU B 904 27.38 0.11 -1.17
C LEU B 904 28.68 0.58 -1.81
N THR B 905 28.58 1.49 -2.78
CA THR B 905 29.72 1.89 -3.61
C THR B 905 30.30 3.25 -3.21
N LYS B 906 29.96 3.75 -2.02
CA LYS B 906 30.38 5.10 -1.65
C LYS B 906 31.88 5.20 -1.41
N ALA B 907 32.59 4.09 -1.27
CA ALA B 907 34.03 4.15 -0.98
C ALA B 907 34.80 4.72 -2.16
N GLU B 908 34.36 4.43 -3.39
CA GLU B 908 35.05 4.95 -4.57
C GLU B 908 34.76 6.43 -4.82
N ARG B 909 34.03 7.09 -3.91
CA ARG B 909 33.77 8.52 -3.99
C ARG B 909 34.26 9.23 -2.73
N GLY B 910 35.24 8.65 -2.05
CA GLY B 910 35.78 9.21 -0.83
C GLY B 910 35.24 8.59 0.44
N GLY B 911 34.21 7.76 0.35
CA GLY B 911 33.63 7.17 1.54
C GLY B 911 32.82 8.19 2.33
N LEU B 912 32.82 8.01 3.65
CA LEU B 912 32.13 8.92 4.56
C LEU B 912 33.08 10.04 4.94
N SER B 913 32.73 11.26 4.53
CA SER B 913 33.54 12.42 4.87
C SER B 913 33.27 12.86 6.30
N GLU B 914 34.11 13.76 6.80
CA GLU B 914 33.90 14.30 8.14
C GLU B 914 32.60 15.09 8.21
N LEU B 915 32.25 15.78 7.11
CA LEU B 915 30.95 16.45 7.04
C LEU B 915 29.80 15.44 7.09
N ASP B 916 29.95 14.32 6.38
CA ASP B 916 28.90 13.31 6.34
C ASP B 916 28.59 12.78 7.74
N LYS B 917 29.63 12.62 8.57
CA LYS B 917 29.41 12.15 9.93
C LYS B 917 28.72 13.20 10.79
N ALA B 918 29.01 14.48 10.56
CA ALA B 918 28.36 15.53 11.32
C ALA B 918 26.89 15.64 10.97
N GLY B 919 26.54 15.44 9.70
CA GLY B 919 25.14 15.51 9.30
C GLY B 919 24.33 14.37 9.88
N PHE B 920 24.88 13.15 9.86
CA PHE B 920 24.17 11.99 10.39
C PHE B 920 23.85 12.17 11.87
N ILE B 921 24.83 12.61 12.65
CA ILE B 921 24.60 12.78 14.08
C ILE B 921 23.70 13.98 14.35
N LYS B 922 23.70 14.97 13.46
CA LYS B 922 22.76 16.08 13.59
C LYS B 922 21.34 15.63 13.31
N ARG B 923 21.14 14.80 12.28
CA ARG B 923 19.81 14.30 11.97
C ARG B 923 19.29 13.32 13.02
N GLN B 924 20.15 12.83 13.91
CA GLN B 924 19.69 12.08 15.06
C GLN B 924 19.07 12.96 16.14
N LEU B 925 19.28 14.28 16.06
CA LEU B 925 18.75 15.23 17.03
C LEU B 925 17.65 16.10 16.45
N VAL B 926 17.84 16.65 15.27
CA VAL B 926 16.90 17.59 14.67
C VAL B 926 15.91 16.81 13.80
N GLU B 927 14.63 16.84 14.17
CA GLU B 927 13.61 16.19 13.38
C GLU B 927 13.44 16.90 12.04
N THR B 928 13.43 16.12 10.95
CA THR B 928 13.35 16.67 9.61
C THR B 928 12.11 16.21 8.84
N ARG B 929 11.26 15.39 9.44
CA ARG B 929 10.06 14.93 8.74
C ARG B 929 9.09 16.09 8.50
N GLN B 930 8.56 16.16 7.28
CA GLN B 930 7.63 17.23 6.92
C GLN B 930 6.35 17.16 7.75
N ILE B 931 5.88 15.94 8.05
CA ILE B 931 4.64 15.81 8.81
C ILE B 931 4.81 16.35 10.23
N THR B 932 5.99 16.18 10.82
CA THR B 932 6.22 16.69 12.16
C THR B 932 6.36 18.21 12.15
N LYS B 933 6.93 18.77 11.08
CA LYS B 933 6.97 20.23 10.96
C LYS B 933 5.56 20.81 10.82
N HIS B 934 4.65 20.07 10.17
CA HIS B 934 3.28 20.55 10.03
C HIS B 934 2.58 20.61 11.39
N VAL B 935 2.83 19.64 12.26
CA VAL B 935 2.26 19.67 13.61
C VAL B 935 2.79 20.89 14.37
N ALA B 936 4.09 21.13 14.28
CA ALA B 936 4.67 22.31 14.94
C ALA B 936 4.07 23.59 14.39
N GLN B 937 3.96 23.70 13.07
CA GLN B 937 3.35 24.88 12.45
C GLN B 937 1.91 25.06 12.93
N ILE B 938 1.15 23.97 12.99
CA ILE B 938 -0.25 24.06 13.42
C ILE B 938 -0.33 24.62 14.84
N LEU B 939 0.44 24.04 15.76
CA LEU B 939 0.41 24.51 17.15
C LEU B 939 0.96 25.92 17.27
N ASP B 940 1.99 26.25 16.49
CA ASP B 940 2.58 27.58 16.59
C ASP B 940 1.62 28.66 16.11
N SER B 941 0.93 28.43 14.99
CA SER B 941 0.01 29.44 14.47
C SER B 941 -1.27 29.53 15.29
N ARG B 942 -1.56 28.55 16.15
CA ARG B 942 -2.69 28.66 17.06
C ARG B 942 -2.32 29.34 18.36
N MET B 943 -1.10 29.15 18.86
CA MET B 943 -0.68 29.77 20.11
C MET B 943 -0.27 31.23 19.91
N ASN B 944 0.45 31.52 18.82
CA ASN B 944 1.03 32.84 18.59
C ASN B 944 0.22 33.55 17.52
N THR B 945 -0.56 34.57 17.92
CA THR B 945 -1.45 35.27 17.02
C THR B 945 -1.23 36.77 16.95
N LYS B 946 -0.34 37.33 17.77
CA LYS B 946 -0.14 38.77 17.86
C LYS B 946 1.10 39.19 17.08
N TYR B 947 1.10 40.47 16.67
CA TYR B 947 2.19 41.06 15.92
C TYR B 947 2.70 42.30 16.64
N ASP B 948 3.98 42.62 16.45
CA ASP B 948 4.64 43.69 17.17
C ASP B 948 4.56 44.99 16.37
N GLU B 949 5.34 46.00 16.77
CA GLU B 949 5.32 47.29 16.08
C GLU B 949 5.83 47.21 14.64
N ASN B 950 6.66 46.22 14.33
CA ASN B 950 7.15 46.01 12.97
C ASN B 950 6.35 44.94 12.23
N ASP B 951 5.15 44.62 12.73
CA ASP B 951 4.27 43.61 12.13
C ASP B 951 4.96 42.25 12.03
N LYS B 952 5.93 41.99 12.90
CA LYS B 952 6.54 40.67 13.01
C LYS B 952 5.79 39.87 14.07
N LEU B 953 5.62 38.57 13.81
CA LEU B 953 4.86 37.73 14.72
C LEU B 953 5.51 37.69 16.09
N ILE B 954 4.67 37.72 17.11
CA ILE B 954 5.11 37.64 18.50
C ILE B 954 5.00 36.18 18.93
N ARG B 955 6.16 35.55 19.16
CA ARG B 955 6.21 34.13 19.50
C ARG B 955 6.15 33.98 21.02
N GLU B 956 4.92 34.05 21.54
CA GLU B 956 4.72 33.87 22.98
C GLU B 956 5.06 32.45 23.40
N VAL B 957 4.64 31.47 22.62
CA VAL B 957 4.85 30.06 22.92
C VAL B 957 5.89 29.50 21.96
N LYS B 958 6.93 28.89 22.52
CA LYS B 958 7.96 28.23 21.72
C LYS B 958 7.56 26.78 21.49
N VAL B 959 7.41 26.39 20.23
CA VAL B 959 7.09 25.00 19.88
C VAL B 959 8.39 24.29 19.59
N ILE B 960 8.76 23.35 20.46
CA ILE B 960 10.02 22.62 20.35
C ILE B 960 9.72 21.22 19.84
N THR B 961 10.52 20.76 18.87
CA THR B 961 10.40 19.42 18.32
C THR B 961 11.65 18.62 18.69
N LEU B 962 11.45 17.42 19.23
CA LEU B 962 12.54 16.53 19.60
C LEU B 962 12.35 15.18 18.92
N LYS B 963 13.46 14.49 18.70
CA LYS B 963 13.43 13.12 18.24
C LYS B 963 13.38 12.16 19.42
N SER B 964 12.86 10.95 19.16
CA SER B 964 12.65 9.99 20.23
C SER B 964 13.96 9.55 20.89
N LYS B 965 15.05 9.53 20.12
CA LYS B 965 16.32 9.05 20.68
C LYS B 965 16.80 9.93 21.82
N LEU B 966 16.45 11.21 21.81
CA LEU B 966 16.92 12.12 22.87
C LEU B 966 16.39 11.69 24.23
N VAL B 967 15.07 11.52 24.36
CA VAL B 967 14.51 11.08 25.62
C VAL B 967 14.84 9.60 25.87
N SER B 968 14.93 8.81 24.80
CA SER B 968 15.27 7.39 24.96
C SER B 968 16.64 7.22 25.60
N ASP B 969 17.64 7.98 25.14
CA ASP B 969 18.96 7.93 25.76
C ASP B 969 18.91 8.49 27.18
N PHE B 970 18.09 9.52 27.40
CA PHE B 970 17.96 10.10 28.72
C PHE B 970 17.42 9.06 29.72
N ARG B 971 16.50 8.21 29.27
CA ARG B 971 15.98 7.14 30.12
C ARG B 971 17.09 6.19 30.53
N LYS B 972 17.87 5.71 29.55
CA LYS B 972 18.89 4.70 29.84
C LYS B 972 20.07 5.28 30.61
N ASP B 973 20.41 6.54 30.36
CA ASP B 973 21.56 7.14 31.03
C ASP B 973 21.30 7.35 32.52
N PHE B 974 20.06 7.63 32.91
CA PHE B 974 19.75 8.00 34.30
C PHE B 974 18.76 7.03 34.95
N GLN B 975 18.61 5.83 34.39
CA GLN B 975 17.84 4.75 35.03
C GLN B 975 16.38 5.14 35.21
N PHE B 976 15.78 5.72 34.17
CA PHE B 976 14.34 5.97 34.11
C PHE B 976 13.74 5.03 33.06
N TYR B 977 13.78 3.73 33.37
CA TYR B 977 13.54 2.71 32.36
C TYR B 977 12.05 2.64 32.00
N LYS B 978 11.79 2.00 30.85
CA LYS B 978 10.46 1.91 30.27
C LYS B 978 10.15 0.46 29.92
N VAL B 979 9.03 -0.04 30.41
CA VAL B 979 8.52 -1.37 30.06
C VAL B 979 7.11 -1.18 29.54
N ARG B 980 6.94 -1.30 28.22
CA ARG B 980 5.65 -0.99 27.60
C ARG B 980 4.56 -1.96 28.03
N GLU B 981 4.91 -3.22 28.29
CA GLU B 981 3.90 -4.23 28.57
C GLU B 981 3.26 -4.07 29.93
N ILE B 982 3.86 -3.29 30.84
CA ILE B 982 3.35 -3.20 32.21
C ILE B 982 2.02 -2.45 32.23
N ASN B 983 1.94 -1.30 31.58
CA ASN B 983 0.72 -0.52 31.48
C ASN B 983 0.92 0.53 30.39
N ASN B 984 -0.03 1.48 30.30
CA ASN B 984 0.03 2.54 29.31
C ASN B 984 0.66 3.82 29.84
N TYR B 985 1.22 3.79 31.06
CA TYR B 985 1.79 5.00 31.64
C TYR B 985 2.98 5.51 30.86
N HIS B 986 3.65 4.64 30.09
CA HIS B 986 4.87 5.05 29.40
C HIS B 986 4.60 6.13 28.36
N HIS B 987 3.39 6.16 27.81
CA HIS B 987 3.04 7.25 26.90
C HIS B 987 3.04 8.59 27.62
N ALA B 988 2.49 8.62 28.84
CA ALA B 988 2.45 9.85 29.61
C ALA B 988 3.83 10.24 30.13
N HIS B 989 4.60 9.25 30.59
CA HIS B 989 5.96 9.51 31.04
C HIS B 989 6.82 10.04 29.90
N ASP B 990 6.62 9.52 28.69
CA ASP B 990 7.37 10.01 27.53
C ASP B 990 7.09 11.49 27.30
N ALA B 991 5.81 11.89 27.33
CA ALA B 991 5.48 13.30 27.14
C ALA B 991 6.09 14.17 28.23
N TYR B 992 6.10 13.68 29.47
CA TYR B 992 6.70 14.44 30.56
C TYR B 992 8.19 14.63 30.35
N LEU B 993 8.90 13.54 30.03
CA LEU B 993 10.34 13.64 29.79
C LEU B 993 10.65 14.49 28.57
N ASN B 994 9.75 14.50 27.57
CA ASN B 994 9.91 15.42 26.45
C ASN B 994 9.93 16.87 26.92
N ALA B 995 8.97 17.24 27.77
CA ALA B 995 8.90 18.61 28.28
C ALA B 995 10.13 18.94 29.13
N VAL B 996 10.57 17.99 29.96
CA VAL B 996 11.72 18.24 30.83
C VAL B 996 12.98 18.42 30.00
N VAL B 997 13.28 17.46 29.13
CA VAL B 997 14.49 17.54 28.31
C VAL B 997 14.42 18.71 27.35
N GLY B 998 13.24 18.95 26.76
CA GLY B 998 13.12 20.00 25.77
C GLY B 998 13.36 21.38 26.34
N THR B 999 12.69 21.70 27.46
CA THR B 999 12.84 23.02 28.06
C THR B 999 14.25 23.21 28.62
N ALA B 1000 14.79 22.19 29.27
CA ALA B 1000 16.13 22.31 29.84
C ALA B 1000 17.19 22.51 28.75
N LEU B 1001 16.99 21.86 27.60
CA LEU B 1001 17.94 22.00 26.50
C LEU B 1001 17.93 23.42 25.95
N ILE B 1002 16.74 23.97 25.72
CA ILE B 1002 16.64 25.33 25.20
C ILE B 1002 17.09 26.35 26.24
N LYS B 1003 16.87 26.06 27.53
CA LYS B 1003 17.36 26.95 28.58
C LYS B 1003 18.88 26.96 28.64
N LYS B 1004 19.51 25.78 28.50
CA LYS B 1004 20.96 25.70 28.62
C LYS B 1004 21.65 26.33 27.40
N TYR B 1005 21.12 26.08 26.20
CA TYR B 1005 21.72 26.55 24.96
C TYR B 1005 20.65 27.25 24.14
N PRO B 1006 20.38 28.53 24.42
CA PRO B 1006 19.34 29.24 23.67
C PRO B 1006 19.66 29.40 22.19
N LYS B 1007 20.94 29.27 21.80
CA LYS B 1007 21.29 29.34 20.39
C LYS B 1007 20.67 28.20 19.59
N LEU B 1008 20.40 27.07 20.23
CA LEU B 1008 19.80 25.92 19.56
C LEU B 1008 18.37 26.16 19.13
N GLU B 1009 17.78 27.31 19.43
CA GLU B 1009 16.37 27.53 19.09
C GLU B 1009 16.14 27.51 17.59
N SER B 1010 17.13 27.92 16.80
CA SER B 1010 16.98 27.85 15.35
C SER B 1010 16.80 26.42 14.88
N GLU B 1011 17.35 25.45 15.61
CA GLU B 1011 17.27 24.04 15.22
C GLU B 1011 16.04 23.35 15.77
N PHE B 1012 15.61 23.70 16.99
CA PHE B 1012 14.56 22.96 17.68
C PHE B 1012 13.24 23.70 17.80
N VAL B 1013 13.23 25.03 17.68
CA VAL B 1013 12.02 25.81 17.85
C VAL B 1013 11.47 26.18 16.47
N TYR B 1014 10.17 25.94 16.27
CA TYR B 1014 9.56 26.32 15.01
C TYR B 1014 9.57 27.84 14.85
N GLY B 1015 9.86 28.30 13.63
CA GLY B 1015 9.87 29.72 13.33
C GLY B 1015 10.97 30.11 12.37
N LYS B 1035 36.41 22.10 11.80
CA LYS B 1035 35.13 22.68 11.44
C LYS B 1035 34.01 21.64 11.48
N ALA B 1036 34.01 20.75 10.48
CA ALA B 1036 33.04 19.66 10.47
C ALA B 1036 33.24 18.72 11.66
N THR B 1037 34.48 18.55 12.12
CA THR B 1037 34.74 17.80 13.34
C THR B 1037 34.13 18.50 14.54
N ALA B 1038 34.19 19.83 14.56
CA ALA B 1038 33.64 20.59 15.68
C ALA B 1038 32.13 20.41 15.77
N LYS B 1039 31.44 20.53 14.64
CA LYS B 1039 30.00 20.31 14.63
C LYS B 1039 29.66 18.86 14.98
N TYR B 1040 30.55 17.92 14.64
CA TYR B 1040 30.35 16.54 15.06
C TYR B 1040 30.50 16.39 16.57
N PHE B 1041 31.58 16.95 17.13
CA PHE B 1041 31.80 16.86 18.57
C PHE B 1041 30.75 17.65 19.35
N PHE B 1042 30.29 18.78 18.80
CA PHE B 1042 29.27 19.57 19.47
C PHE B 1042 27.98 18.75 19.64
N TYR B 1043 27.41 18.28 18.53
CA TYR B 1043 26.17 17.53 18.58
C TYR B 1043 26.34 16.17 19.25
N SER B 1044 27.57 15.67 19.36
CA SER B 1044 27.81 14.40 20.04
C SER B 1044 27.74 14.55 21.55
N ASN B 1045 28.06 15.74 22.07
CA ASN B 1045 28.08 15.99 23.50
C ASN B 1045 27.07 17.04 23.93
N ILE B 1046 25.99 17.21 23.15
CA ILE B 1046 25.00 18.23 23.46
C ILE B 1046 24.27 17.92 24.75
N MET B 1047 24.14 16.63 25.09
CA MET B 1047 23.41 16.20 26.27
C MET B 1047 24.33 15.92 27.45
N ASN B 1048 25.58 16.38 27.39
CA ASN B 1048 26.53 16.10 28.45
C ASN B 1048 26.25 16.91 29.71
N PHE B 1049 25.58 18.06 29.59
CA PHE B 1049 25.36 18.91 30.75
C PHE B 1049 24.46 18.27 31.81
N PHE B 1050 23.79 17.16 31.49
CA PHE B 1050 22.99 16.47 32.49
C PHE B 1050 23.85 15.61 33.40
N LYS B 1051 24.94 15.04 32.90
CA LYS B 1051 25.75 14.11 33.66
C LYS B 1051 26.70 14.83 34.59
N THR B 1052 27.14 14.13 35.64
CA THR B 1052 28.12 14.65 36.57
C THR B 1052 29.55 14.28 36.17
N GLU B 1053 29.78 13.00 35.88
CA GLU B 1053 31.05 12.52 35.34
C GLU B 1053 30.82 12.00 33.93
N ILE B 1054 31.70 12.38 33.02
CA ILE B 1054 31.54 12.07 31.60
C ILE B 1054 32.84 11.47 31.08
N THR B 1055 32.75 10.23 30.59
CA THR B 1055 33.86 9.57 29.91
C THR B 1055 33.59 9.66 28.41
N LEU B 1056 34.22 10.62 27.75
CA LEU B 1056 33.97 10.86 26.34
C LEU B 1056 34.67 9.79 25.48
N ALA B 1057 34.56 9.96 24.16
CA ALA B 1057 35.10 8.96 23.24
C ALA B 1057 36.63 8.97 23.22
N ASN B 1058 37.24 10.13 23.46
CA ASN B 1058 38.69 10.26 23.40
C ASN B 1058 39.39 9.71 24.63
N GLY B 1059 38.65 9.07 25.54
CA GLY B 1059 39.24 8.45 26.71
C GLY B 1059 39.69 9.45 27.76
N GLU B 1060 38.78 10.34 28.16
CA GLU B 1060 39.05 11.33 29.19
C GLU B 1060 37.80 11.53 30.03
N ILE B 1061 38.01 12.05 31.25
CA ILE B 1061 36.92 12.23 32.21
C ILE B 1061 36.76 13.72 32.48
N ARG B 1062 35.56 14.23 32.29
CA ARG B 1062 35.22 15.61 32.57
C ARG B 1062 34.29 15.68 33.78
N LYS B 1063 34.37 16.80 34.50
CA LYS B 1063 33.58 17.02 35.71
C LYS B 1063 32.78 18.29 35.57
N ARG B 1064 31.48 18.21 35.88
CA ARG B 1064 30.59 19.36 35.85
C ARG B 1064 29.92 19.54 37.21
N PRO B 1065 29.60 20.77 37.59
CA PRO B 1065 29.04 21.00 38.92
C PRO B 1065 27.63 20.46 39.05
N LEU B 1066 27.15 20.42 40.30
CA LEU B 1066 25.79 19.96 40.57
C LEU B 1066 24.76 20.90 39.99
N ILE B 1067 25.09 22.18 39.86
CA ILE B 1067 24.17 23.20 39.37
C ILE B 1067 24.64 23.65 38.00
N GLU B 1068 23.88 23.30 36.97
CA GLU B 1068 24.13 23.77 35.62
C GLU B 1068 23.31 25.02 35.37
N THR B 1069 23.94 26.04 34.78
CA THR B 1069 23.30 27.31 34.52
C THR B 1069 23.54 27.71 33.07
N ASN B 1070 22.72 28.65 32.61
CA ASN B 1070 23.00 29.32 31.34
C ASN B 1070 24.20 30.25 31.51
N GLY B 1071 25.02 30.35 30.47
CA GLY B 1071 26.23 31.15 30.58
C GLY B 1071 25.97 32.64 30.60
N GLU B 1072 25.07 33.12 29.74
CA GLU B 1072 24.82 34.55 29.63
C GLU B 1072 24.05 35.07 30.86
N THR B 1073 22.84 34.56 31.07
CA THR B 1073 22.06 34.94 32.22
C THR B 1073 22.56 34.20 33.46
N GLY B 1074 21.95 34.51 34.61
CA GLY B 1074 22.18 33.77 35.83
C GLY B 1074 21.17 32.68 36.09
N GLU B 1075 20.24 32.42 35.17
CA GLU B 1075 19.19 31.44 35.40
C GLU B 1075 19.76 30.04 35.51
N ILE B 1076 19.45 29.37 36.62
CA ILE B 1076 19.84 27.97 36.80
C ILE B 1076 18.89 27.10 35.99
N VAL B 1077 19.45 26.16 35.24
CA VAL B 1077 18.67 25.33 34.33
C VAL B 1077 18.53 23.90 34.81
N TRP B 1078 19.48 23.39 35.59
CA TRP B 1078 19.41 22.01 36.03
C TRP B 1078 20.22 21.84 37.31
N ASP B 1079 19.60 21.26 38.33
CA ASP B 1079 20.23 20.91 39.59
C ASP B 1079 20.33 19.39 39.65
N LYS B 1080 21.53 18.86 39.45
CA LYS B 1080 21.72 17.42 39.42
C LYS B 1080 21.45 16.74 40.77
N GLY B 1081 21.03 17.48 41.79
CA GLY B 1081 20.58 16.85 43.01
C GLY B 1081 19.07 16.72 43.11
N ARG B 1082 18.37 17.84 43.02
CA ARG B 1082 16.93 17.86 43.25
C ARG B 1082 16.10 17.61 41.99
N ASP B 1083 16.62 17.94 40.82
CA ASP B 1083 15.81 17.81 39.60
C ASP B 1083 15.64 16.36 39.18
N PHE B 1084 16.67 15.52 39.37
CA PHE B 1084 16.51 14.10 39.10
C PHE B 1084 15.52 13.47 40.07
N ALA B 1085 15.57 13.87 41.34
CA ALA B 1085 14.60 13.38 42.31
C ALA B 1085 13.18 13.81 41.94
N THR B 1086 13.04 15.02 41.38
CA THR B 1086 11.72 15.47 40.94
C THR B 1086 11.19 14.60 39.80
N VAL B 1087 12.06 14.26 38.84
CA VAL B 1087 11.65 13.36 37.77
C VAL B 1087 11.29 12.00 38.34
N ARG B 1088 12.05 11.54 39.33
CA ARG B 1088 11.77 10.23 39.94
C ARG B 1088 10.43 10.23 40.67
N LYS B 1089 10.07 11.35 41.30
CA LYS B 1089 8.77 11.44 41.94
C LYS B 1089 7.64 11.48 40.93
N VAL B 1090 7.90 12.00 39.73
CA VAL B 1090 6.85 12.07 38.71
C VAL B 1090 6.57 10.68 38.14
N LEU B 1091 7.61 9.96 37.74
CA LEU B 1091 7.43 8.65 37.14
C LEU B 1091 6.88 7.62 38.13
N SER B 1092 6.89 7.92 39.43
CA SER B 1092 6.37 7.00 40.43
C SER B 1092 4.96 7.35 40.90
N MET B 1093 4.38 8.43 40.41
CA MET B 1093 3.02 8.78 40.80
C MET B 1093 2.04 7.76 40.23
N PRO B 1094 1.24 7.10 41.07
CA PRO B 1094 0.34 6.05 40.55
C PRO B 1094 -0.87 6.59 39.82
N GLN B 1095 -1.27 7.83 40.06
CA GLN B 1095 -2.48 8.40 39.44
C GLN B 1095 -2.08 9.08 38.14
N VAL B 1096 -2.33 8.40 37.02
CA VAL B 1096 -2.08 8.94 35.69
C VAL B 1096 -3.38 8.84 34.89
N ASN B 1097 -3.74 9.92 34.20
CA ASN B 1097 -5.01 10.00 33.50
C ASN B 1097 -4.92 9.27 32.16
N ILE B 1098 -5.18 7.97 32.18
CA ILE B 1098 -5.25 7.18 30.95
C ILE B 1098 -6.71 7.12 30.52
N VAL B 1099 -6.99 7.55 29.28
CA VAL B 1099 -8.35 7.64 28.77
C VAL B 1099 -8.43 6.92 27.43
N LYS B 1100 -9.23 5.87 27.37
CA LYS B 1100 -9.52 5.20 26.11
C LYS B 1100 -10.68 5.92 25.43
N LYS B 1101 -10.40 6.51 24.27
CA LYS B 1101 -11.39 7.32 23.55
C LYS B 1101 -12.60 6.48 23.17
N THR B 1102 -13.77 6.87 23.70
CA THR B 1102 -15.00 6.18 23.34
C THR B 1102 -15.40 6.55 21.92
N GLU B 1103 -15.81 5.55 21.14
CA GLU B 1103 -16.09 5.76 19.73
C GLU B 1103 -17.28 4.91 19.29
N VAL B 1104 -18.22 5.55 18.58
CA VAL B 1104 -19.24 4.79 17.87
C VAL B 1104 -18.57 3.94 16.80
N GLN B 1105 -19.00 2.69 16.68
CA GLN B 1105 -18.45 1.78 15.69
C GLN B 1105 -19.17 1.96 14.36
N THR B 1106 -18.41 2.02 13.28
CA THR B 1106 -18.92 2.18 11.93
C THR B 1106 -18.35 1.07 11.06
N GLY B 1107 -18.76 1.06 9.79
CA GLY B 1107 -18.25 0.07 8.86
C GLY B 1107 -19.28 -0.94 8.38
N GLY B 1108 -18.85 -2.17 8.16
CA GLY B 1108 -19.76 -3.18 7.64
C GLY B 1108 -20.83 -3.56 8.66
N PHE B 1109 -22.01 -3.90 8.13
CA PHE B 1109 -23.13 -4.28 9.00
C PHE B 1109 -22.76 -5.46 9.88
N SER B 1110 -22.06 -6.44 9.33
CA SER B 1110 -21.80 -7.69 10.02
C SER B 1110 -20.65 -8.40 9.31
N LYS B 1111 -20.33 -9.60 9.79
CA LYS B 1111 -19.41 -10.46 9.06
C LYS B 1111 -20.03 -10.84 7.72
N GLU B 1112 -19.18 -10.91 6.68
CA GLU B 1112 -19.64 -11.01 5.31
C GLU B 1112 -20.04 -12.42 4.89
N SER B 1113 -19.68 -13.44 5.65
CA SER B 1113 -19.95 -14.81 5.22
C SER B 1113 -21.45 -15.10 5.18
N ILE B 1114 -21.87 -15.81 4.14
CA ILE B 1114 -23.26 -16.26 4.00
C ILE B 1114 -23.31 -17.70 4.50
N LEU B 1115 -23.75 -17.87 5.74
CA LEU B 1115 -23.82 -19.19 6.33
C LEU B 1115 -25.08 -19.92 5.88
N PRO B 1116 -25.08 -21.25 5.94
CA PRO B 1116 -26.26 -22.01 5.53
C PRO B 1116 -27.42 -21.78 6.49
N LYS B 1117 -28.60 -22.23 6.06
CA LYS B 1117 -29.81 -22.02 6.84
C LYS B 1117 -29.71 -22.73 8.18
N ARG B 1118 -30.25 -22.10 9.21
CA ARG B 1118 -30.34 -22.71 10.53
C ARG B 1118 -31.59 -22.19 11.20
N ASN B 1119 -32.14 -22.99 12.11
CA ASN B 1119 -33.38 -22.65 12.82
C ASN B 1119 -33.18 -21.55 13.86
N SER B 1120 -32.02 -20.90 13.92
CA SER B 1120 -31.77 -19.88 14.92
C SER B 1120 -32.35 -18.53 14.47
N ASP B 1121 -32.45 -17.62 15.44
CA ASP B 1121 -32.83 -16.24 15.18
C ASP B 1121 -31.62 -15.32 15.08
N LYS B 1122 -30.41 -15.88 15.06
CA LYS B 1122 -29.19 -15.09 15.03
C LYS B 1122 -28.80 -14.67 13.61
N LEU B 1123 -29.21 -15.38 12.59
CA LEU B 1123 -28.84 -15.03 11.23
C LEU B 1123 -29.67 -13.86 10.72
N ILE B 1124 -29.06 -13.06 9.86
CA ILE B 1124 -29.67 -11.84 9.33
C ILE B 1124 -30.00 -12.04 7.87
N ALA B 1125 -31.22 -11.65 7.48
CA ALA B 1125 -31.67 -11.83 6.11
C ALA B 1125 -30.80 -11.04 5.14
N ARG B 1126 -30.49 -11.67 4.00
CA ARG B 1126 -29.73 -11.03 2.94
C ARG B 1126 -30.60 -10.14 2.06
N LYS B 1127 -31.91 -10.40 2.03
CA LYS B 1127 -32.88 -9.53 1.38
C LYS B 1127 -34.14 -9.54 2.25
N LYS B 1128 -35.02 -8.56 1.99
CA LYS B 1128 -36.16 -8.33 2.87
C LYS B 1128 -36.95 -9.61 3.15
N ASP B 1129 -37.26 -10.37 2.10
CA ASP B 1129 -38.11 -11.55 2.21
C ASP B 1129 -37.33 -12.85 2.15
N TRP B 1130 -36.03 -12.83 2.45
CA TRP B 1130 -35.21 -14.04 2.44
C TRP B 1130 -35.01 -14.50 3.88
N ASP B 1131 -36.03 -15.17 4.41
CA ASP B 1131 -35.99 -15.68 5.77
C ASP B 1131 -34.79 -16.60 5.96
N PRO B 1132 -33.88 -16.30 6.89
CA PRO B 1132 -32.68 -17.14 7.06
C PRO B 1132 -32.99 -18.57 7.46
N LYS B 1133 -34.19 -18.85 7.99
CA LYS B 1133 -34.56 -20.23 8.26
C LYS B 1133 -34.62 -21.05 6.99
N LYS B 1134 -34.88 -20.40 5.85
CA LYS B 1134 -34.95 -21.05 4.56
C LYS B 1134 -33.73 -20.80 3.68
N TYR B 1135 -33.07 -19.65 3.84
CA TYR B 1135 -32.07 -19.20 2.89
C TYR B 1135 -30.71 -18.91 3.50
N GLY B 1136 -30.54 -19.08 4.80
CA GLY B 1136 -29.30 -18.68 5.44
C GLY B 1136 -29.19 -17.17 5.49
N GLY B 1137 -28.00 -16.70 5.91
CA GLY B 1137 -27.77 -15.27 5.97
C GLY B 1137 -26.52 -14.95 6.76
N PHE B 1138 -26.43 -13.70 7.19
CA PHE B 1138 -25.24 -13.15 7.83
C PHE B 1138 -25.25 -13.42 9.33
N GLU B 1139 -24.05 -13.51 9.90
CA GLU B 1139 -23.83 -13.73 11.31
C GLU B 1139 -23.06 -12.55 11.89
N SER B 1140 -23.20 -12.37 13.21
CA SER B 1140 -22.42 -11.41 13.98
C SER B 1140 -22.59 -9.97 13.49
N PRO B 1141 -23.73 -9.34 13.74
CA PRO B 1141 -23.85 -7.92 13.43
C PRO B 1141 -22.97 -7.09 14.36
N THR B 1142 -22.45 -5.99 13.82
CA THR B 1142 -21.59 -5.10 14.61
C THR B 1142 -22.46 -4.08 15.33
N VAL B 1143 -22.28 -3.98 16.65
CA VAL B 1143 -22.98 -2.99 17.44
C VAL B 1143 -22.31 -1.63 17.22
N ALA B 1144 -23.10 -0.63 16.82
CA ALA B 1144 -22.59 0.72 16.65
C ALA B 1144 -22.40 1.39 18.01
N TYR B 1145 -23.44 1.34 18.84
CA TYR B 1145 -23.36 1.77 20.23
C TYR B 1145 -24.48 1.09 20.99
N SER B 1146 -24.38 1.11 22.31
CA SER B 1146 -25.41 0.58 23.18
C SER B 1146 -26.23 1.72 23.78
N VAL B 1147 -27.46 1.41 24.16
CA VAL B 1147 -28.34 2.36 24.81
C VAL B 1147 -28.86 1.75 26.10
N LEU B 1148 -28.91 2.56 27.16
CA LEU B 1148 -29.55 2.15 28.40
C LEU B 1148 -31.06 2.32 28.24
N VAL B 1149 -31.81 1.26 28.53
CA VAL B 1149 -33.25 1.24 28.37
C VAL B 1149 -33.88 0.92 29.72
N VAL B 1150 -34.67 1.85 30.24
CA VAL B 1150 -35.49 1.64 31.42
C VAL B 1150 -36.94 1.65 30.96
N ALA B 1151 -37.59 0.49 31.01
CA ALA B 1151 -38.92 0.35 30.44
C ALA B 1151 -39.56 -0.91 31.02
N LYS B 1152 -40.62 -1.38 30.36
CA LYS B 1152 -41.30 -2.61 30.72
C LYS B 1152 -41.37 -3.53 29.51
N VAL B 1153 -41.42 -4.84 29.76
CA VAL B 1153 -41.53 -5.84 28.71
C VAL B 1153 -42.58 -6.86 29.10
N GLU B 1154 -43.27 -7.39 28.10
CA GLU B 1154 -44.28 -8.42 28.33
C GLU B 1154 -43.61 -9.73 28.70
N LYS B 1155 -44.21 -10.46 29.63
CA LYS B 1155 -43.68 -11.72 30.13
C LYS B 1155 -44.79 -12.76 30.16
N GLY B 1156 -44.49 -13.96 29.65
CA GLY B 1156 -45.43 -15.07 29.69
C GLY B 1156 -46.52 -14.95 28.65
N LYS B 1157 -47.37 -15.97 28.64
CA LYS B 1157 -48.54 -15.94 27.75
C LYS B 1157 -49.45 -14.77 28.08
N SER B 1158 -49.59 -14.46 29.38
CA SER B 1158 -50.42 -13.34 29.80
C SER B 1158 -49.87 -12.00 29.33
N LYS B 1159 -48.58 -11.93 28.98
CA LYS B 1159 -47.93 -10.70 28.54
C LYS B 1159 -48.03 -9.61 29.61
N LYS B 1160 -47.93 -10.00 30.88
CA LYS B 1160 -47.94 -9.03 31.96
C LYS B 1160 -46.67 -8.19 31.92
N LEU B 1161 -46.82 -6.89 32.19
CA LEU B 1161 -45.71 -5.96 32.08
C LEU B 1161 -44.81 -6.04 33.29
N LYS B 1162 -43.50 -6.13 33.05
CA LYS B 1162 -42.50 -6.19 34.10
C LYS B 1162 -41.42 -5.15 33.82
N SER B 1163 -41.10 -4.33 34.82
CA SER B 1163 -40.10 -3.30 34.66
C SER B 1163 -38.71 -3.93 34.52
N VAL B 1164 -37.94 -3.42 33.56
CA VAL B 1164 -36.57 -3.89 33.33
C VAL B 1164 -35.65 -2.69 33.13
N LYS B 1165 -34.36 -2.94 33.29
CA LYS B 1165 -33.30 -2.00 32.94
C LYS B 1165 -32.27 -2.79 32.15
N GLU B 1166 -32.11 -2.48 30.86
CA GLU B 1166 -31.34 -3.32 29.96
C GLU B 1166 -30.41 -2.47 29.10
N LEU B 1167 -29.29 -3.10 28.72
CA LEU B 1167 -28.38 -2.54 27.73
C LEU B 1167 -28.71 -3.17 26.38
N LEU B 1168 -29.12 -2.34 25.43
CA LEU B 1168 -29.54 -2.81 24.11
C LEU B 1168 -28.52 -2.35 23.07
N GLY B 1169 -27.96 -3.31 22.34
CA GLY B 1169 -27.04 -2.98 21.27
C GLY B 1169 -27.75 -2.48 20.03
N ILE B 1170 -27.42 -1.28 19.59
CA ILE B 1170 -27.91 -0.74 18.33
C ILE B 1170 -26.88 -1.11 17.26
N THR B 1171 -27.27 -1.98 16.34
CA THR B 1171 -26.35 -2.38 15.29
C THR B 1171 -26.15 -1.25 14.29
N ILE B 1172 -25.07 -1.36 13.51
CA ILE B 1172 -24.80 -0.36 12.48
C ILE B 1172 -25.95 -0.30 11.48
N MET B 1173 -26.51 -1.44 11.11
CA MET B 1173 -27.61 -1.44 10.16
C MET B 1173 -28.87 -0.82 10.77
N GLU B 1174 -29.04 -0.92 12.09
CA GLU B 1174 -30.23 -0.40 12.76
C GLU B 1174 -30.13 1.08 13.11
N ARG B 1175 -28.92 1.67 13.04
CA ARG B 1175 -28.68 2.97 13.68
C ARG B 1175 -29.57 4.07 13.11
N SER B 1176 -29.68 4.15 11.78
CA SER B 1176 -30.46 5.23 11.17
C SER B 1176 -31.92 5.14 11.59
N SER B 1177 -32.47 3.92 11.66
CA SER B 1177 -33.87 3.77 12.07
C SER B 1177 -34.05 4.13 13.54
N PHE B 1178 -33.13 3.67 14.40
CA PHE B 1178 -33.24 4.00 15.82
C PHE B 1178 -33.14 5.49 16.05
N GLU B 1179 -32.24 6.18 15.33
CA GLU B 1179 -32.07 7.61 15.56
C GLU B 1179 -33.20 8.43 14.94
N LYS B 1180 -33.86 7.91 13.91
CA LYS B 1180 -34.97 8.66 13.30
C LYS B 1180 -36.18 8.73 14.23
N ASN B 1181 -36.44 7.67 14.98
CA ASN B 1181 -37.48 7.69 16.00
C ASN B 1181 -37.15 6.66 17.08
N PRO B 1182 -36.47 7.06 18.16
CA PRO B 1182 -36.02 6.06 19.14
C PRO B 1182 -37.15 5.30 19.81
N ILE B 1183 -38.26 5.97 20.12
CA ILE B 1183 -39.35 5.31 20.85
C ILE B 1183 -39.99 4.23 19.98
N ASP B 1184 -40.39 4.59 18.76
CA ASP B 1184 -40.99 3.61 17.87
C ASP B 1184 -40.05 2.44 17.60
N PHE B 1185 -38.74 2.70 17.56
CA PHE B 1185 -37.77 1.62 17.40
C PHE B 1185 -37.77 0.70 18.62
N LEU B 1186 -37.74 1.28 19.82
CA LEU B 1186 -37.69 0.47 21.03
C LEU B 1186 -38.99 -0.29 21.25
N GLU B 1187 -40.12 0.33 20.94
CA GLU B 1187 -41.40 -0.37 21.05
C GLU B 1187 -41.48 -1.53 20.07
N ALA B 1188 -40.96 -1.33 18.85
CA ALA B 1188 -40.87 -2.44 17.90
C ALA B 1188 -39.96 -3.55 18.40
N LYS B 1189 -39.04 -3.25 19.32
CA LYS B 1189 -38.22 -4.27 19.94
C LYS B 1189 -38.92 -4.97 21.11
N GLY B 1190 -40.07 -4.46 21.53
CA GLY B 1190 -40.83 -5.06 22.61
C GLY B 1190 -40.92 -4.21 23.86
N TYR B 1191 -40.17 -3.13 23.96
CA TYR B 1191 -40.21 -2.31 25.17
C TYR B 1191 -41.48 -1.47 25.20
N LYS B 1192 -42.01 -1.28 26.41
CA LYS B 1192 -43.18 -0.44 26.64
C LYS B 1192 -42.87 0.57 27.73
N GLU B 1193 -43.53 1.72 27.66
CA GLU B 1193 -43.41 2.79 28.65
C GLU B 1193 -41.94 3.13 28.89
N VAL B 1194 -41.22 3.39 27.81
CA VAL B 1194 -39.80 3.71 27.90
C VAL B 1194 -39.62 5.06 28.56
N LYS B 1195 -38.80 5.12 29.60
CA LYS B 1195 -38.38 6.38 30.17
C LYS B 1195 -37.50 7.09 29.15
N LYS B 1196 -38.09 8.02 28.39
CA LYS B 1196 -37.38 8.61 27.25
C LYS B 1196 -36.16 9.39 27.70
N ASP B 1197 -36.28 10.16 28.79
CA ASP B 1197 -35.18 10.98 29.26
C ASP B 1197 -34.12 10.19 30.00
N LEU B 1198 -34.34 8.90 30.24
CA LEU B 1198 -33.34 8.06 30.88
C LEU B 1198 -32.53 7.24 29.88
N ILE B 1199 -32.78 7.39 28.58
CA ILE B 1199 -32.01 6.71 27.57
C ILE B 1199 -30.61 7.33 27.50
N ILE B 1200 -29.59 6.50 27.66
CA ILE B 1200 -28.20 6.94 27.64
C ILE B 1200 -27.49 6.24 26.48
N LYS B 1201 -26.84 7.03 25.62
CA LYS B 1201 -26.06 6.47 24.53
C LYS B 1201 -24.69 6.07 25.05
N LEU B 1202 -24.32 4.80 24.88
CA LEU B 1202 -23.11 4.22 25.46
C LEU B 1202 -22.28 3.58 24.36
N PRO B 1203 -21.39 4.33 23.72
CA PRO B 1203 -20.56 3.75 22.65
C PRO B 1203 -19.50 2.82 23.25
N LYS B 1204 -18.76 2.18 22.34
CA LYS B 1204 -17.71 1.26 22.75
C LYS B 1204 -16.69 1.98 23.62
N TYR B 1205 -16.24 1.29 24.68
CA TYR B 1205 -15.26 1.72 25.67
C TYR B 1205 -15.85 2.66 26.72
N SER B 1206 -17.18 2.76 26.80
CA SER B 1206 -17.80 3.50 27.90
C SER B 1206 -17.35 2.93 29.24
N LEU B 1207 -16.99 3.82 30.16
CA LEU B 1207 -16.30 3.45 31.38
C LEU B 1207 -17.25 3.34 32.57
N PHE B 1208 -17.06 2.30 33.37
CA PHE B 1208 -17.88 2.05 34.55
C PHE B 1208 -16.98 1.67 35.72
N GLU B 1209 -17.27 2.22 36.89
CA GLU B 1209 -16.59 1.85 38.12
C GLU B 1209 -17.55 1.09 39.01
N LEU B 1210 -17.09 -0.02 39.58
CA LEU B 1210 -17.92 -0.85 40.45
C LEU B 1210 -17.38 -0.78 41.88
N GLU B 1211 -17.07 -1.93 42.47
CA GLU B 1211 -16.62 -1.97 43.85
C GLU B 1211 -15.10 -2.13 43.93
N ASN B 1212 -14.53 -1.59 45.01
CA ASN B 1212 -13.09 -1.66 45.30
C ASN B 1212 -12.24 -1.10 44.16
N GLY B 1213 -12.73 -0.07 43.48
CA GLY B 1213 -11.99 0.54 42.39
C GLY B 1213 -11.96 -0.25 41.11
N ARG B 1214 -12.63 -1.40 41.06
CA ARG B 1214 -12.67 -2.18 39.84
C ARG B 1214 -13.41 -1.41 38.74
N LYS B 1215 -12.86 -1.45 37.54
CA LYS B 1215 -13.41 -0.72 36.41
C LYS B 1215 -13.59 -1.66 35.22
N ARG B 1216 -14.57 -1.32 34.39
CA ARG B 1216 -14.88 -2.06 33.17
C ARG B 1216 -15.19 -1.08 32.05
N MET B 1217 -14.89 -1.48 30.82
CA MET B 1217 -15.25 -0.73 29.63
C MET B 1217 -16.17 -1.59 28.78
N LEU B 1218 -17.13 -0.95 28.12
CA LEU B 1218 -18.02 -1.67 27.22
C LEU B 1218 -17.24 -2.12 25.99
N ALA B 1219 -17.19 -3.43 25.77
CA ALA B 1219 -16.75 -3.95 24.48
C ALA B 1219 -17.89 -3.99 23.48
N SER B 1220 -19.12 -4.04 23.97
CA SER B 1220 -20.34 -4.09 23.16
C SER B 1220 -21.52 -4.02 24.12
N ALA B 1221 -22.68 -4.50 23.68
CA ALA B 1221 -23.81 -4.58 24.60
C ALA B 1221 -23.75 -5.82 25.48
N GLY B 1222 -22.92 -6.80 25.13
CA GLY B 1222 -22.91 -8.05 25.86
C GLY B 1222 -21.56 -8.48 26.42
N GLU B 1223 -20.52 -7.67 26.23
CA GLU B 1223 -19.19 -8.03 26.71
C GLU B 1223 -18.48 -6.80 27.26
N LEU B 1224 -17.66 -7.01 28.28
CA LEU B 1224 -16.90 -5.95 28.93
C LEU B 1224 -15.41 -6.15 28.71
N GLN B 1225 -14.67 -5.06 28.82
CA GLN B 1225 -13.21 -5.07 28.79
C GLN B 1225 -12.67 -4.61 30.15
N LYS B 1226 -11.41 -4.95 30.40
CA LYS B 1226 -10.76 -4.48 31.62
C LYS B 1226 -10.60 -2.96 31.58
N GLY B 1227 -10.82 -2.32 32.73
CA GLY B 1227 -10.82 -0.87 32.76
C GLY B 1227 -9.81 -0.25 33.72
N ASN B 1228 -8.94 -1.06 34.30
CA ASN B 1228 -7.98 -0.60 35.30
C ASN B 1228 -6.56 -0.62 34.74
N GLU B 1229 -5.70 0.17 35.38
CA GLU B 1229 -4.26 0.18 35.09
C GLU B 1229 -3.53 -0.30 36.34
N LEU B 1230 -2.57 -1.21 36.14
CA LEU B 1230 -1.73 -1.68 37.24
C LEU B 1230 -0.57 -0.70 37.41
N ALA B 1231 -0.59 0.07 38.50
CA ALA B 1231 0.44 1.07 38.76
C ALA B 1231 1.58 0.39 39.53
N LEU B 1232 2.41 -0.33 38.79
CA LEU B 1232 3.53 -1.03 39.39
C LEU B 1232 4.57 -0.03 39.89
N PRO B 1233 5.08 -0.18 41.12
CA PRO B 1233 6.06 0.79 41.62
C PRO B 1233 7.31 0.86 40.75
N SER B 1234 7.96 2.03 40.80
CA SER B 1234 9.09 2.28 39.91
C SER B 1234 10.25 1.33 40.17
N LYS B 1235 10.45 0.91 41.43
CA LYS B 1235 11.54 0.00 41.73
C LYS B 1235 11.36 -1.35 41.03
N TYR B 1236 10.10 -1.78 40.85
CA TYR B 1236 9.85 -3.04 40.16
C TYR B 1236 9.97 -2.87 38.65
N VAL B 1237 9.56 -1.72 38.12
CA VAL B 1237 9.68 -1.46 36.68
C VAL B 1237 11.15 -1.44 36.28
N ASN B 1238 11.98 -0.72 37.04
CA ASN B 1238 13.41 -0.68 36.75
C ASN B 1238 14.05 -2.04 36.96
N PHE B 1239 13.58 -2.81 37.95
CA PHE B 1239 14.14 -4.13 38.18
C PHE B 1239 13.86 -5.06 37.01
N LEU B 1240 12.63 -5.04 36.49
CA LEU B 1240 12.29 -5.90 35.36
C LEU B 1240 13.08 -5.53 34.11
N TYR B 1241 13.33 -4.24 33.91
CA TYR B 1241 14.10 -3.81 32.74
C TYR B 1241 15.53 -4.38 32.81
N LEU B 1242 16.20 -4.21 33.95
CA LEU B 1242 17.58 -4.66 34.07
C LEU B 1242 17.67 -6.19 34.13
N ALA B 1243 16.71 -6.83 34.81
CA ALA B 1243 16.76 -8.28 34.93
C ALA B 1243 16.46 -8.98 33.61
N SER B 1244 15.59 -8.39 32.78
CA SER B 1244 15.27 -8.98 31.49
C SER B 1244 16.31 -8.68 30.44
N HIS B 1245 17.09 -7.61 30.59
CA HIS B 1245 18.15 -7.24 29.67
C HIS B 1245 19.50 -7.56 30.31
N TYR B 1246 19.83 -8.85 30.39
CA TYR B 1246 21.13 -9.24 30.90
C TYR B 1246 22.22 -9.12 29.83
N GLU B 1247 21.88 -9.38 28.58
CA GLU B 1247 22.84 -9.24 27.49
C GLU B 1247 22.74 -7.88 26.82
N PRO B 1253 29.25 -0.48 29.22
CA PRO B 1253 30.55 -0.52 29.88
C PRO B 1253 30.65 -1.65 30.89
N GLU B 1254 31.85 -1.82 31.49
CA GLU B 1254 32.03 -2.84 32.52
C GLU B 1254 31.20 -2.57 33.76
N ASP B 1255 30.55 -1.42 33.85
CA ASP B 1255 29.62 -1.11 34.94
C ASP B 1255 28.36 -1.97 34.90
N ASN B 1256 28.23 -2.85 33.90
CA ASN B 1256 27.15 -3.84 33.93
C ASN B 1256 27.27 -4.73 35.15
N GLU B 1257 28.47 -4.89 35.70
CA GLU B 1257 28.64 -5.64 36.94
C GLU B 1257 27.87 -4.97 38.08
N GLN B 1258 27.90 -3.64 38.15
CA GLN B 1258 27.13 -2.93 39.16
C GLN B 1258 25.62 -3.10 38.92
N LYS B 1259 25.21 -3.18 37.65
CA LYS B 1259 23.81 -3.44 37.36
C LYS B 1259 23.44 -4.89 37.62
N GLN B 1260 24.33 -5.82 37.24
CA GLN B 1260 24.08 -7.23 37.55
C GLN B 1260 24.03 -7.47 39.05
N LEU B 1261 24.92 -6.80 39.80
CA LEU B 1261 24.93 -6.95 41.26
C LEU B 1261 23.61 -6.51 41.87
N PHE B 1262 23.06 -5.39 41.40
CA PHE B 1262 21.78 -4.91 41.92
C PHE B 1262 20.66 -5.90 41.68
N VAL B 1263 20.74 -6.67 40.57
CA VAL B 1263 19.72 -7.67 40.30
C VAL B 1263 19.80 -8.81 41.31
N GLU B 1264 21.02 -9.19 41.71
CA GLU B 1264 21.18 -10.30 42.64
C GLU B 1264 20.65 -9.93 44.02
N GLN B 1265 20.99 -8.73 44.51
CA GLN B 1265 20.59 -8.31 45.84
C GLN B 1265 19.08 -8.07 45.97
N HIS B 1266 18.37 -7.98 44.85
CA HIS B 1266 16.93 -7.72 44.84
C HIS B 1266 16.18 -8.82 44.12
N LYS B 1267 16.66 -10.07 44.26
CA LYS B 1267 15.94 -11.20 43.70
C LYS B 1267 14.59 -11.42 44.37
N HIS B 1268 14.39 -10.86 45.56
CA HIS B 1268 13.10 -10.95 46.23
C HIS B 1268 12.02 -10.11 45.54
N TYR B 1269 12.41 -9.23 44.62
CA TYR B 1269 11.42 -8.47 43.85
C TYR B 1269 10.55 -9.34 42.97
N LEU B 1270 11.03 -10.52 42.57
CA LEU B 1270 10.24 -11.40 41.72
C LEU B 1270 8.96 -11.83 42.42
N ASP B 1271 9.06 -12.25 43.69
CA ASP B 1271 7.87 -12.63 44.44
C ASP B 1271 7.04 -11.42 44.82
N GLU B 1272 7.69 -10.27 45.04
CA GLU B 1272 6.93 -9.05 45.32
C GLU B 1272 6.13 -8.59 44.11
N ILE B 1273 6.66 -8.81 42.90
CA ILE B 1273 5.93 -8.44 41.69
C ILE B 1273 4.75 -9.38 41.48
N ILE B 1274 4.96 -10.69 41.72
CA ILE B 1274 3.86 -11.65 41.61
C ILE B 1274 2.74 -11.30 42.58
N GLU B 1275 3.10 -10.84 43.79
CA GLU B 1275 2.08 -10.42 44.75
C GLU B 1275 1.38 -9.14 44.29
N GLN B 1276 2.11 -8.23 43.66
CA GLN B 1276 1.47 -7.07 43.06
C GLN B 1276 0.46 -7.48 42.00
N ILE B 1277 0.82 -8.44 41.15
CA ILE B 1277 -0.10 -8.94 40.13
C ILE B 1277 -1.26 -9.67 40.78
N SER B 1278 -0.99 -10.45 41.83
CA SER B 1278 -2.04 -11.23 42.47
C SER B 1278 -3.06 -10.35 43.17
N GLU B 1279 -2.59 -9.41 43.99
CA GLU B 1279 -3.51 -8.52 44.69
C GLU B 1279 -4.32 -7.68 43.72
N PHE B 1280 -3.68 -7.19 42.66
CA PHE B 1280 -4.40 -6.42 41.64
C PHE B 1280 -5.44 -7.30 40.95
N SER B 1281 -5.05 -8.53 40.56
CA SER B 1281 -5.97 -9.41 39.86
C SER B 1281 -7.15 -9.80 40.76
N LYS B 1282 -6.87 -10.13 42.03
CA LYS B 1282 -7.94 -10.48 42.96
C LYS B 1282 -8.85 -9.29 43.25
N ARG B 1283 -8.41 -8.07 42.96
CA ARG B 1283 -9.23 -6.89 43.22
C ARG B 1283 -10.06 -6.47 42.02
N VAL B 1284 -9.47 -6.45 40.82
CA VAL B 1284 -10.18 -5.91 39.66
C VAL B 1284 -10.26 -6.88 38.48
N ILE B 1285 -9.47 -7.93 38.40
CA ILE B 1285 -9.49 -8.80 37.22
C ILE B 1285 -10.54 -9.90 37.38
N LEU B 1286 -10.57 -10.53 38.56
CA LEU B 1286 -11.57 -11.57 38.87
C LEU B 1286 -11.52 -12.71 37.87
N ALA B 1287 -10.33 -13.29 37.71
CA ALA B 1287 -10.11 -14.44 36.84
C ALA B 1287 -9.30 -15.47 37.63
N ASP B 1288 -9.93 -16.02 38.68
CA ASP B 1288 -9.19 -16.86 39.62
C ASP B 1288 -8.69 -18.15 38.97
N ALA B 1289 -9.40 -18.66 37.96
CA ALA B 1289 -8.94 -19.84 37.26
C ALA B 1289 -7.61 -19.58 36.55
N ASN B 1290 -7.52 -18.47 35.82
CA ASN B 1290 -6.27 -18.13 35.16
C ASN B 1290 -5.20 -17.70 36.18
N LEU B 1291 -5.61 -16.98 37.23
CA LEU B 1291 -4.64 -16.55 38.23
C LEU B 1291 -4.00 -17.74 38.94
N ASP B 1292 -4.80 -18.76 39.28
CA ASP B 1292 -4.24 -19.97 39.87
C ASP B 1292 -3.24 -20.62 38.92
N LYS B 1293 -3.57 -20.66 37.62
CA LYS B 1293 -2.63 -21.19 36.64
C LYS B 1293 -1.42 -20.28 36.45
N VAL B 1294 -1.55 -18.99 36.77
CA VAL B 1294 -0.38 -18.11 36.76
C VAL B 1294 0.55 -18.46 37.92
N LEU B 1295 0.00 -18.45 39.15
CA LEU B 1295 0.82 -18.75 40.32
C LEU B 1295 1.40 -20.15 40.27
N SER B 1296 0.67 -21.10 39.69
CA SER B 1296 1.20 -22.46 39.55
C SER B 1296 2.36 -22.50 38.58
N ALA B 1297 2.22 -21.83 37.43
CA ALA B 1297 3.31 -21.80 36.46
C ALA B 1297 4.53 -21.05 36.99
N TYR B 1298 4.31 -20.03 37.83
CA TYR B 1298 5.44 -19.30 38.39
C TYR B 1298 6.24 -20.16 39.36
N ASN B 1299 5.54 -20.94 40.21
CA ASN B 1299 6.24 -21.80 41.14
C ASN B 1299 6.99 -22.92 40.43
N LYS B 1300 6.53 -23.32 39.25
CA LYS B 1300 7.20 -24.38 38.50
C LYS B 1300 8.57 -23.93 38.00
N HIS B 1301 8.71 -22.66 37.62
CA HIS B 1301 9.93 -22.16 36.99
C HIS B 1301 10.75 -21.28 37.91
N ARG B 1302 10.62 -21.44 39.23
CA ARG B 1302 11.47 -20.69 40.15
C ARG B 1302 12.92 -21.15 40.08
N ASP B 1303 13.17 -22.34 39.54
CA ASP B 1303 14.54 -22.81 39.32
C ASP B 1303 15.17 -22.22 38.07
N LYS B 1304 14.36 -21.70 37.15
CA LYS B 1304 14.89 -21.13 35.91
C LYS B 1304 15.76 -19.91 36.21
N PRO B 1305 16.69 -19.59 35.30
CA PRO B 1305 17.52 -18.40 35.50
C PRO B 1305 16.70 -17.14 35.68
N ILE B 1306 17.27 -16.19 36.44
CA ILE B 1306 16.54 -14.98 36.82
C ILE B 1306 16.18 -14.13 35.60
N ARG B 1307 17.04 -14.11 34.58
CA ARG B 1307 16.72 -13.38 33.36
C ARG B 1307 15.48 -13.96 32.69
N GLU B 1308 15.44 -15.28 32.53
CA GLU B 1308 14.30 -15.92 31.86
C GLU B 1308 13.01 -15.72 32.64
N GLN B 1309 13.07 -15.79 33.97
CA GLN B 1309 11.88 -15.54 34.78
C GLN B 1309 11.42 -14.09 34.61
N ALA B 1310 12.36 -13.15 34.58
CA ALA B 1310 11.99 -11.74 34.40
C ALA B 1310 11.40 -11.50 33.02
N GLU B 1311 11.85 -12.23 32.00
CA GLU B 1311 11.28 -12.07 30.67
C GLU B 1311 9.84 -12.54 30.63
N ASN B 1312 9.54 -13.68 31.24
CA ASN B 1312 8.19 -14.23 31.18
C ASN B 1312 7.23 -13.55 32.15
N ILE B 1313 7.74 -12.92 33.21
CA ILE B 1313 6.87 -12.12 34.08
C ILE B 1313 6.30 -10.93 33.30
N ILE B 1314 7.07 -10.39 32.35
CA ILE B 1314 6.56 -9.31 31.50
C ILE B 1314 5.34 -9.77 30.72
N HIS B 1315 5.31 -11.04 30.32
CA HIS B 1315 4.12 -11.57 29.64
C HIS B 1315 2.91 -11.61 30.56
N LEU B 1316 3.14 -11.81 31.87
CA LEU B 1316 2.04 -11.96 32.82
C LEU B 1316 1.19 -10.70 32.93
N PHE B 1317 1.74 -9.54 32.56
CA PHE B 1317 0.96 -8.31 32.62
C PHE B 1317 -0.15 -8.26 31.58
N THR B 1318 -0.16 -9.20 30.62
CA THR B 1318 -1.30 -9.30 29.71
C THR B 1318 -2.59 -9.62 30.46
N LEU B 1319 -2.49 -10.37 31.56
CA LEU B 1319 -3.66 -10.63 32.39
C LEU B 1319 -4.22 -9.35 32.98
N THR B 1320 -3.36 -8.39 33.32
CA THR B 1320 -3.79 -7.18 34.02
C THR B 1320 -3.90 -5.95 33.12
N ASN B 1321 -3.47 -6.04 31.86
CA ASN B 1321 -3.48 -4.88 30.97
C ASN B 1321 -4.89 -4.30 30.83
N LEU B 1322 -4.94 -3.01 30.52
CA LEU B 1322 -6.20 -2.37 30.16
C LEU B 1322 -6.70 -2.92 28.83
N GLY B 1323 -8.03 -3.01 28.70
CA GLY B 1323 -8.62 -3.35 27.42
C GLY B 1323 -9.13 -4.76 27.29
N ALA B 1324 -9.15 -5.27 26.07
CA ALA B 1324 -9.74 -6.57 25.80
C ALA B 1324 -8.84 -7.68 26.33
N PRO B 1325 -9.42 -8.70 26.97
CA PRO B 1325 -8.60 -9.84 27.43
C PRO B 1325 -7.92 -10.53 26.27
N ALA B 1326 -6.74 -11.07 26.53
CA ALA B 1326 -5.94 -11.71 25.49
C ALA B 1326 -5.13 -12.83 26.11
N ALA B 1327 -4.88 -13.86 25.30
CA ALA B 1327 -4.12 -15.00 25.77
C ALA B 1327 -2.64 -14.65 25.87
N PHE B 1328 -1.95 -15.35 26.78
CA PHE B 1328 -0.52 -15.17 26.97
C PHE B 1328 0.05 -16.49 27.47
N LYS B 1329 1.38 -16.58 27.45
CA LYS B 1329 2.06 -17.78 27.89
C LYS B 1329 3.18 -17.42 28.84
N TYR B 1330 3.33 -18.22 29.89
CA TYR B 1330 4.42 -18.08 30.86
C TYR B 1330 5.38 -19.25 30.63
N PHE B 1331 6.58 -18.92 30.16
CA PHE B 1331 7.50 -19.91 29.61
C PHE B 1331 6.83 -20.67 28.48
N ASP B 1332 6.37 -21.90 28.73
CA ASP B 1332 5.63 -22.65 27.71
C ASP B 1332 4.30 -23.20 28.26
N THR B 1333 3.73 -22.51 29.24
CA THR B 1333 2.36 -22.77 29.68
C THR B 1333 1.46 -21.68 29.11
N THR B 1334 0.51 -22.06 28.26
CA THR B 1334 -0.40 -21.11 27.63
C THR B 1334 -1.61 -20.90 28.51
N ILE B 1335 -1.92 -19.63 28.78
CA ILE B 1335 -3.06 -19.25 29.60
C ILE B 1335 -4.04 -18.51 28.72
N ASP B 1336 -5.20 -19.12 28.48
CA ASP B 1336 -6.18 -18.55 27.58
C ASP B 1336 -6.90 -17.37 28.24
N ARG B 1337 -7.51 -16.53 27.40
CA ARG B 1337 -8.13 -15.33 27.89
C ARG B 1337 -9.44 -15.63 28.62
N LYS B 1338 -9.77 -14.78 29.58
CA LYS B 1338 -11.04 -14.83 30.30
C LYS B 1338 -11.87 -13.64 29.82
N GLN B 1339 -12.85 -13.90 28.97
CA GLN B 1339 -13.73 -12.85 28.50
C GLN B 1339 -14.79 -12.54 29.54
N TYR B 1340 -15.20 -11.28 29.59
CA TYR B 1340 -16.27 -10.83 30.49
C TYR B 1340 -17.53 -10.67 29.65
N ARG B 1341 -18.17 -11.79 29.36
CA ARG B 1341 -19.29 -11.81 28.41
C ARG B 1341 -20.63 -11.58 29.11
N SER B 1342 -20.68 -10.54 29.94
CA SER B 1342 -21.93 -10.12 30.57
C SER B 1342 -21.81 -8.65 30.95
N THR B 1343 -22.80 -7.85 30.57
CA THR B 1343 -22.82 -6.44 30.90
C THR B 1343 -23.83 -6.10 32.00
N LYS B 1344 -24.37 -7.11 32.68
CA LYS B 1344 -25.44 -6.86 33.65
C LYS B 1344 -24.94 -6.03 34.82
N GLU B 1345 -23.71 -6.28 35.27
CA GLU B 1345 -23.23 -5.64 36.51
C GLU B 1345 -23.09 -4.14 36.36
N VAL B 1346 -22.78 -3.64 35.15
CA VAL B 1346 -22.61 -2.20 34.99
C VAL B 1346 -23.92 -1.44 35.04
N LEU B 1347 -25.06 -2.14 34.97
CA LEU B 1347 -26.36 -1.46 35.01
C LEU B 1347 -26.66 -0.86 36.38
N ASP B 1348 -25.95 -1.29 37.44
CA ASP B 1348 -26.07 -0.68 38.75
C ASP B 1348 -24.74 -0.10 39.23
N ALA B 1349 -23.77 0.06 38.35
CA ALA B 1349 -22.48 0.62 38.71
C ALA B 1349 -22.49 2.12 38.49
N THR B 1350 -21.32 2.75 38.54
CA THR B 1350 -21.18 4.18 38.32
C THR B 1350 -20.62 4.42 36.93
N LEU B 1351 -21.41 5.06 36.07
CA LEU B 1351 -20.95 5.45 34.74
C LEU B 1351 -20.10 6.72 34.84
N ILE B 1352 -18.99 6.74 34.14
CA ILE B 1352 -18.04 7.85 34.18
C ILE B 1352 -17.90 8.42 32.78
N HIS B 1353 -18.35 9.66 32.58
CA HIS B 1353 -18.07 10.39 31.36
C HIS B 1353 -16.81 11.24 31.56
N GLN B 1354 -15.84 11.08 30.66
CA GLN B 1354 -14.54 11.74 30.76
C GLN B 1354 -14.32 12.70 29.61
N SER B 1355 -13.74 13.86 29.90
CA SER B 1355 -13.24 14.74 28.87
C SER B 1355 -12.00 14.11 28.22
N ILE B 1356 -11.48 14.77 27.18
CA ILE B 1356 -10.40 14.17 26.39
C ILE B 1356 -9.16 13.93 27.26
N THR B 1357 -8.89 14.81 28.23
CA THR B 1357 -7.77 14.59 29.15
C THR B 1357 -8.15 13.72 30.34
N GLY B 1358 -9.42 13.39 30.51
CA GLY B 1358 -9.87 12.70 31.71
C GLY B 1358 -9.87 13.55 32.96
N LEU B 1359 -9.54 14.84 32.87
CA LEU B 1359 -9.53 15.70 34.03
C LEU B 1359 -10.94 16.11 34.45
N TYR B 1360 -11.85 16.28 33.50
CA TYR B 1360 -13.23 16.64 33.77
C TYR B 1360 -14.09 15.39 33.71
N GLU B 1361 -14.76 15.07 34.80
CA GLU B 1361 -15.56 13.85 34.92
C GLU B 1361 -17.00 14.18 35.28
N THR B 1362 -17.92 13.42 34.70
CA THR B 1362 -19.31 13.37 35.14
C THR B 1362 -19.61 11.93 35.51
N ARG B 1363 -19.96 11.69 36.77
CA ARG B 1363 -20.20 10.34 37.28
C ARG B 1363 -21.68 10.14 37.55
N ILE B 1364 -22.25 9.10 36.96
CA ILE B 1364 -23.67 8.79 37.08
C ILE B 1364 -23.81 7.47 37.83
N ASP B 1365 -24.51 7.51 38.96
CA ASP B 1365 -24.81 6.32 39.74
C ASP B 1365 -26.04 5.66 39.13
N LEU B 1366 -25.84 4.59 38.37
CA LEU B 1366 -26.95 3.95 37.66
C LEU B 1366 -27.85 3.14 38.59
N SER B 1367 -27.40 2.84 39.81
CA SER B 1367 -28.25 2.13 40.77
C SER B 1367 -29.47 2.94 41.15
N GLN B 1368 -29.43 4.27 40.98
CA GLN B 1368 -30.59 5.11 41.25
C GLN B 1368 -31.64 5.05 40.15
N LEU B 1369 -31.34 4.41 39.02
CA LEU B 1369 -32.29 4.25 37.94
C LEU B 1369 -32.94 2.87 38.02
N GLY B 1370 -34.25 2.83 37.81
CA GLY B 1370 -35.00 1.58 37.86
C GLY B 1370 -36.34 1.72 38.55
K K E . -15.41 5.84 12.07
K K F . -14.22 10.99 26.16
K K G . -18.59 -22.78 -8.85
MG MG H . -27.90 -4.27 -5.20
MG MG I . -20.01 -18.45 -9.71
C1 EDO J . -19.23 8.61 2.06
O1 EDO J . -19.02 9.74 1.21
C2 EDO J . -17.87 7.99 2.38
O2 EDO J . -17.11 7.84 1.18
C ACT K . -20.15 8.94 13.73
O ACT K . -20.57 7.94 13.11
OXT ACT K . -19.72 9.88 13.02
CH3 ACT K . -20.18 9.02 15.22
K K L . -1.37 10.49 -22.15
K K M . 24.91 14.88 -13.60
K K N . 21.12 -27.89 -28.46
K K O . -15.28 -27.71 -2.75
K K P . -19.08 -26.09 -1.29
K K Q . -45.38 -22.59 -5.12
K K R . -12.72 1.41 12.61
K K S . -1.45 15.12 -44.93
MG MG T . -17.55 -9.64 -10.23
C1 EDO U . -27.02 3.23 7.58
O1 EDO U . -25.75 2.60 7.83
C2 EDO U . -28.14 2.41 8.22
O2 EDO U . -28.08 2.53 9.64
C1 EDO V . -26.35 -7.73 19.47
O1 EDO V . -25.89 -6.92 20.56
C2 EDO V . -27.11 -6.85 18.48
O2 EDO V . -28.11 -6.10 19.17
C1 EDO W . -15.08 -18.25 -17.96
O1 EDO W . -14.45 -17.91 -16.72
C2 EDO W . -16.59 -18.22 -17.80
O2 EDO W . -17.21 -18.63 -19.02
#